data_6MMZ
#
_entry.id   6MMZ
#
_cell.length_a   105.761
_cell.length_b   158.124
_cell.length_c   143.440
_cell.angle_alpha   90.00
_cell.angle_beta   94.87
_cell.angle_gamma   90.00
#
_symmetry.space_group_name_H-M   'C 1 2 1'
#
loop_
_entity.id
_entity.type
_entity.pdbx_description
1 polymer 'Aminoglycoside N(3)-acetyltransferase'
2 non-polymer 'SULFATE ION'
3 non-polymer 'CHLORIDE ION'
4 water water
#
_entity_poly.entity_id   1
_entity_poly.type   'polypeptide(L)'
_entity_poly.pdbx_seq_one_letter_code
;VSSRVSTRSSLAEDLRAIGLADGDAVLVAAALRKVGKIVGGPDDILDA(MSE)RDVIGPAGTVLGYADWQLEDEIRDDPA
(MSE)REHIPAFDPLRSRSIRDNGFWPELIRTTPGALRSASPGAS(MSE)AAIGGEAEWFTADHALDYGYGPRSPLGKLV
EAKGKVL(MSE)LGAPLDT(MSE)TLLHHAEHLADFPNKRILRYEAPILVDGEKVWRWFEEFDTSDPPDGLADDYFAGIV
EEFLATGRGKRGKIGEASSVLVPADEIVAFAVDWLERWGRTAR
;
_entity_poly.pdbx_strand_id   A,B,C,D,E,F
#
# COMPACT_ATOMS: atom_id res chain seq x y z
N ARG A 4 18.05 -26.48 -36.78
CA ARG A 4 17.99 -27.14 -35.48
C ARG A 4 18.00 -26.12 -34.34
N VAL A 5 17.61 -26.58 -33.15
CA VAL A 5 17.62 -25.74 -31.96
C VAL A 5 18.99 -25.80 -31.32
N SER A 6 19.37 -24.71 -30.65
CA SER A 6 20.67 -24.61 -30.00
C SER A 6 20.48 -24.62 -28.48
N THR A 7 21.33 -25.38 -27.80
CA THR A 7 21.33 -25.46 -26.35
C THR A 7 22.65 -24.91 -25.81
N ARG A 8 22.70 -24.73 -24.50
CA ARG A 8 23.95 -24.31 -23.87
C ARG A 8 25.05 -25.33 -24.10
N SER A 9 24.70 -26.61 -24.16
CA SER A 9 25.68 -27.63 -24.51
C SER A 9 25.99 -27.60 -26.01
N SER A 10 24.97 -27.37 -26.84
CA SER A 10 25.19 -27.32 -28.28
C SER A 10 26.03 -26.11 -28.67
N LEU A 11 25.73 -24.95 -28.09
CA LEU A 11 26.52 -23.76 -28.40
C LEU A 11 27.96 -23.90 -27.92
N ALA A 12 28.18 -24.66 -26.84
CA ALA A 12 29.54 -24.87 -26.35
C ALA A 12 30.39 -25.58 -27.39
N GLU A 13 29.85 -26.64 -28.00
CA GLU A 13 30.62 -27.38 -29.00
C GLU A 13 30.85 -26.52 -30.24
N ASP A 14 29.88 -25.69 -30.62
CA ASP A 14 30.07 -24.81 -31.77
C ASP A 14 31.16 -23.77 -31.50
N LEU A 15 31.25 -23.29 -30.26
CA LEU A 15 32.28 -22.32 -29.91
C LEU A 15 33.66 -22.98 -29.77
N ARG A 16 33.71 -24.22 -29.29
CA ARG A 16 34.98 -24.93 -29.26
C ARG A 16 35.47 -25.24 -30.68
N ALA A 17 34.55 -25.52 -31.59
CA ALA A 17 34.93 -25.90 -32.94
C ALA A 17 35.52 -24.72 -33.70
N ILE A 18 34.98 -23.51 -33.49
CA ILE A 18 35.47 -22.36 -34.23
C ILE A 18 36.83 -21.90 -33.71
N GLY A 19 37.18 -22.22 -32.47
CA GLY A 19 38.51 -21.94 -31.99
C GLY A 19 38.59 -21.15 -30.69
N LEU A 20 37.66 -21.40 -29.78
CA LEU A 20 37.73 -20.81 -28.44
C LEU A 20 38.25 -21.86 -27.46
N ALA A 21 39.18 -21.44 -26.60
CA ALA A 21 39.82 -22.34 -25.65
C ALA A 21 39.76 -21.72 -24.25
N ASP A 22 40.21 -22.51 -23.27
CA ASP A 22 40.19 -22.07 -21.89
C ASP A 22 41.20 -20.95 -21.67
N GLY A 23 40.75 -19.85 -21.07
CA GLY A 23 41.60 -18.72 -20.79
C GLY A 23 41.60 -17.63 -21.86
N ASP A 24 40.84 -17.80 -22.93
CA ASP A 24 40.80 -16.81 -23.99
C ASP A 24 39.94 -15.62 -23.59
N ALA A 25 40.36 -14.43 -24.01
CA ALA A 25 39.57 -13.21 -23.89
C ALA A 25 39.11 -12.81 -25.29
N VAL A 26 37.80 -12.81 -25.50
CA VAL A 26 37.24 -12.65 -26.84
C VAL A 26 36.22 -11.52 -26.83
N LEU A 27 36.40 -10.57 -27.75
CA LEU A 27 35.44 -9.50 -27.98
C LEU A 27 34.43 -9.93 -29.03
N VAL A 28 33.14 -9.82 -28.71
CA VAL A 28 32.07 -10.37 -29.53
C VAL A 28 31.13 -9.24 -29.94
N ALA A 29 30.89 -9.14 -31.25
CA ALA A 29 29.80 -8.35 -31.81
C ALA A 29 28.85 -9.32 -32.49
N ALA A 30 27.60 -9.37 -32.04
CA ALA A 30 26.69 -10.44 -32.41
C ALA A 30 25.41 -9.90 -33.00
N ALA A 31 24.88 -10.61 -33.98
CA ALA A 31 23.52 -10.44 -34.49
C ALA A 31 22.75 -11.67 -34.02
N LEU A 32 22.20 -11.58 -32.81
CA LEU A 32 21.64 -12.76 -32.14
C LEU A 32 20.47 -13.38 -32.90
N ARG A 33 19.86 -12.64 -33.83
CA ARG A 33 18.72 -13.19 -34.57
C ARG A 33 19.14 -14.31 -35.52
N LYS A 34 20.34 -14.22 -36.09
CA LYS A 34 20.82 -15.22 -37.03
C LYS A 34 21.24 -16.52 -36.35
N VAL A 35 21.43 -16.50 -35.03
CA VAL A 35 21.84 -17.72 -34.33
C VAL A 35 20.75 -18.78 -34.39
N GLY A 36 19.48 -18.36 -34.36
CA GLY A 36 18.37 -19.27 -34.47
C GLY A 36 17.69 -19.49 -33.13
N LYS A 37 16.80 -20.47 -33.12
CA LYS A 37 16.04 -20.78 -31.91
C LYS A 37 16.94 -21.35 -30.84
N ILE A 38 16.91 -20.75 -29.65
CA ILE A 38 17.68 -21.20 -28.50
C ILE A 38 16.72 -21.50 -27.36
N VAL A 39 17.05 -22.53 -26.57
CA VAL A 39 16.19 -22.98 -25.49
C VAL A 39 16.08 -21.90 -24.41
N GLY A 40 17.18 -21.66 -23.69
CA GLY A 40 17.16 -20.73 -22.59
C GLY A 40 17.38 -19.28 -22.99
N GLY A 41 17.15 -18.98 -24.26
CA GLY A 41 17.33 -17.64 -24.77
C GLY A 41 18.77 -17.33 -25.12
N PRO A 42 19.05 -16.08 -25.48
CA PRO A 42 20.42 -15.71 -25.86
C PRO A 42 21.42 -15.76 -24.72
N ASP A 43 20.96 -15.94 -23.47
CA ASP A 43 21.89 -16.13 -22.36
C ASP A 43 22.66 -17.44 -22.50
N ASP A 44 22.09 -18.43 -23.19
CA ASP A 44 22.80 -19.68 -23.42
C ASP A 44 24.08 -19.46 -24.22
N ILE A 45 24.10 -18.45 -25.08
CA ILE A 45 25.32 -18.12 -25.82
C ILE A 45 26.40 -17.65 -24.86
N LEU A 46 26.08 -16.66 -24.04
CA LEU A 46 27.07 -16.13 -23.08
C LEU A 46 27.45 -17.19 -22.06
N ASP A 47 26.49 -18.00 -21.61
CA ASP A 47 26.79 -19.05 -20.64
C ASP A 47 27.70 -20.10 -21.23
N ALA A 48 27.48 -20.47 -22.50
CA ALA A 48 28.34 -21.46 -23.14
C ALA A 48 29.75 -20.93 -23.33
N ARG A 50 31.34 -18.67 -21.45
CA ARG A 50 31.99 -18.70 -20.14
C ARG A 50 32.34 -20.13 -19.71
N ASP A 51 31.73 -21.13 -20.34
CA ASP A 51 32.10 -22.52 -20.07
C ASP A 51 33.33 -22.93 -20.87
N VAL A 52 33.42 -22.48 -22.13
CA VAL A 52 34.54 -22.85 -22.98
C VAL A 52 35.82 -22.16 -22.49
N ILE A 53 35.73 -20.87 -22.19
CA ILE A 53 36.91 -20.12 -21.73
C ILE A 53 37.12 -20.22 -20.23
N GLY A 54 36.14 -20.69 -19.47
CA GLY A 54 36.28 -20.85 -18.05
C GLY A 54 36.14 -19.54 -17.29
N PRO A 55 36.22 -19.60 -15.96
CA PRO A 55 36.10 -18.37 -15.16
C PRO A 55 37.27 -17.42 -15.35
N ALA A 56 38.42 -17.90 -15.84
CA ALA A 56 39.54 -17.02 -16.11
C ALA A 56 39.40 -16.26 -17.42
N GLY A 57 38.59 -16.77 -18.34
CA GLY A 57 38.38 -16.07 -19.60
C GLY A 57 37.48 -14.86 -19.43
N THR A 58 37.45 -14.03 -20.48
CA THR A 58 36.71 -12.78 -20.44
C THR A 58 35.95 -12.60 -21.75
N VAL A 59 34.69 -12.18 -21.63
CA VAL A 59 33.83 -11.87 -22.78
C VAL A 59 33.57 -10.37 -22.78
N LEU A 60 33.73 -9.74 -23.94
CA LEU A 60 33.53 -8.31 -24.09
C LEU A 60 32.47 -8.03 -25.13
N GLY A 61 32.00 -6.77 -25.12
CA GLY A 61 31.00 -6.32 -26.07
C GLY A 61 30.97 -4.82 -26.19
N TYR A 62 30.93 -4.31 -27.43
CA TYR A 62 30.95 -2.87 -27.66
C TYR A 62 29.65 -2.25 -27.13
N ALA A 63 29.76 -1.56 -25.99
CA ALA A 63 28.57 -1.02 -25.34
C ALA A 63 28.15 0.32 -25.93
N ASP A 64 29.05 1.30 -25.88
CA ASP A 64 28.74 2.69 -26.27
C ASP A 64 27.58 3.16 -25.40
N TRP A 65 26.75 4.08 -25.90
CA TRP A 65 25.53 4.43 -25.18
C TRP A 65 24.58 5.16 -26.13
N GLN A 66 23.31 5.17 -25.75
CA GLN A 66 22.26 5.81 -26.54
C GLN A 66 22.37 7.33 -26.36
N LEU A 67 22.89 8.00 -27.36
CA LEU A 67 22.96 9.46 -27.33
C LEU A 67 22.48 10.11 -28.61
N GLU A 68 22.73 9.48 -29.76
CA GLU A 68 22.08 9.80 -31.03
C GLU A 68 22.43 11.21 -31.54
N ASP A 69 23.47 11.83 -30.96
CA ASP A 69 23.95 13.15 -31.40
C ASP A 69 22.87 14.22 -31.33
N GLU A 70 21.89 14.04 -30.44
CA GLU A 70 20.96 15.11 -30.12
C GLU A 70 21.43 15.95 -28.94
N ILE A 71 22.56 15.58 -28.35
CA ILE A 71 23.12 16.33 -27.22
C ILE A 71 24.04 17.44 -27.71
N ARG A 72 24.64 17.27 -28.90
CA ARG A 72 25.80 18.09 -29.25
C ARG A 72 25.41 19.52 -29.59
N ASP A 73 24.32 19.71 -30.32
CA ASP A 73 23.90 21.06 -30.69
C ASP A 73 22.37 21.10 -30.79
N ASP A 74 21.72 20.70 -29.70
CA ASP A 74 20.28 20.92 -29.50
C ASP A 74 20.10 21.52 -28.12
N PRO A 75 20.53 22.77 -27.91
CA PRO A 75 20.37 23.39 -26.59
C PRO A 75 18.91 23.41 -26.17
N ALA A 76 18.70 23.57 -24.87
CA ALA A 76 17.47 23.30 -24.11
C ALA A 76 17.31 21.80 -23.88
N ARG A 78 20.30 20.30 -23.03
CA ARG A 78 21.51 20.17 -22.21
C ARG A 78 21.19 19.87 -20.75
N GLU A 79 20.31 20.67 -20.15
CA GLU A 79 19.95 20.46 -18.76
C GLU A 79 19.09 19.23 -18.53
N HIS A 80 18.66 18.55 -19.59
CA HIS A 80 17.81 17.38 -19.49
C HIS A 80 18.50 16.09 -19.93
N ILE A 81 19.73 16.18 -20.41
CA ILE A 81 20.49 14.99 -20.83
C ILE A 81 21.16 14.40 -19.60
N PRO A 82 20.92 13.13 -19.28
CA PRO A 82 21.57 12.53 -18.12
C PRO A 82 23.06 12.28 -18.39
N ALA A 83 23.85 12.41 -17.33
CA ALA A 83 25.28 12.20 -17.45
C ALA A 83 25.58 10.74 -17.78
N PHE A 84 26.79 10.51 -18.30
CA PHE A 84 27.22 9.17 -18.60
C PHE A 84 27.59 8.45 -17.30
N ASP A 85 26.89 7.37 -17.00
CA ASP A 85 27.16 6.56 -15.82
C ASP A 85 27.55 5.16 -16.26
N PRO A 86 28.78 4.71 -16.01
CA PRO A 86 29.18 3.36 -16.45
C PRO A 86 28.46 2.25 -15.70
N LEU A 87 27.48 2.62 -14.88
CA LEU A 87 26.66 1.67 -14.14
C LEU A 87 25.19 1.72 -14.51
N ARG A 88 24.72 2.81 -15.13
CA ARG A 88 23.30 2.97 -15.41
C ARG A 88 23.02 3.28 -16.88
N SER A 89 24.00 3.84 -17.58
CA SER A 89 23.80 4.22 -18.97
C SER A 89 23.64 2.97 -19.84
N ARG A 90 22.47 2.85 -20.47
CA ARG A 90 22.21 1.73 -21.36
C ARG A 90 23.18 1.75 -22.54
N SER A 91 23.53 0.57 -23.03
CA SER A 91 24.41 0.48 -24.19
C SER A 91 23.62 0.72 -25.47
N ILE A 92 24.37 1.08 -26.52
CA ILE A 92 23.73 1.48 -27.77
C ILE A 92 23.06 0.27 -28.43
N ARG A 93 22.01 0.53 -29.19
CA ARG A 93 21.25 -0.50 -29.88
C ARG A 93 21.55 -0.54 -31.38
N ASP A 94 22.70 0.01 -31.79
CA ASP A 94 23.05 0.02 -33.21
C ASP A 94 23.38 -1.38 -33.70
N ASN A 95 24.32 -2.06 -33.04
CA ASN A 95 24.77 -3.36 -33.47
C ASN A 95 23.93 -4.51 -32.91
N GLY A 96 23.17 -4.27 -31.85
CA GLY A 96 22.30 -5.31 -31.33
C GLY A 96 22.19 -5.36 -29.81
N PHE A 97 21.46 -6.36 -29.32
CA PHE A 97 21.21 -6.53 -27.90
C PHE A 97 22.40 -7.17 -27.17
N TRP A 98 23.36 -7.73 -27.89
CA TRP A 98 24.47 -8.45 -27.26
C TRP A 98 25.23 -7.61 -26.24
N PRO A 99 25.60 -6.35 -26.50
CA PRO A 99 26.25 -5.56 -25.44
C PRO A 99 25.37 -5.33 -24.23
N GLU A 100 24.05 -5.19 -24.41
CA GLU A 100 23.15 -5.08 -23.27
C GLU A 100 23.08 -6.40 -22.51
N LEU A 101 23.19 -7.53 -23.20
CA LEU A 101 23.13 -8.82 -22.53
C LEU A 101 24.32 -9.01 -21.59
N ILE A 102 25.51 -8.58 -22.00
CA ILE A 102 26.68 -8.69 -21.15
C ILE A 102 26.57 -7.75 -19.97
N ARG A 103 26.25 -6.48 -20.23
CA ARG A 103 26.21 -5.48 -19.17
C ARG A 103 25.19 -5.84 -18.10
N THR A 104 24.00 -6.27 -18.51
CA THR A 104 22.94 -6.60 -17.56
C THR A 104 23.15 -7.95 -16.88
N THR A 105 24.14 -8.72 -17.29
CA THR A 105 24.45 -9.96 -16.59
C THR A 105 25.08 -9.64 -15.23
N PRO A 106 24.66 -10.29 -14.15
CA PRO A 106 25.27 -10.00 -12.85
C PRO A 106 26.76 -10.31 -12.84
N GLY A 107 27.52 -9.46 -12.17
CA GLY A 107 28.96 -9.60 -12.12
C GLY A 107 29.70 -8.98 -13.28
N ALA A 108 29.03 -8.20 -14.11
CA ALA A 108 29.63 -7.56 -15.27
C ALA A 108 30.10 -6.15 -14.93
N LEU A 109 31.01 -5.64 -15.76
CA LEU A 109 31.57 -4.31 -15.59
C LEU A 109 31.54 -3.57 -16.92
N ARG A 110 31.88 -2.28 -16.87
CA ARG A 110 31.73 -1.42 -18.03
C ARG A 110 32.69 -0.26 -17.90
N SER A 111 33.49 -0.02 -18.93
CA SER A 111 34.49 1.04 -18.90
C SER A 111 33.82 2.42 -18.89
N ALA A 112 34.64 3.44 -18.66
CA ALA A 112 34.15 4.79 -18.38
C ALA A 112 34.22 5.73 -19.57
N SER A 113 34.82 5.32 -20.68
CA SER A 113 34.84 6.17 -21.86
C SER A 113 33.52 6.07 -22.60
N PRO A 114 32.74 7.15 -22.66
CA PRO A 114 31.36 7.03 -23.19
C PRO A 114 31.29 6.49 -24.62
N GLY A 115 32.08 7.04 -25.53
CA GLY A 115 31.97 6.63 -26.93
C GLY A 115 32.52 5.24 -27.18
N ALA A 116 33.62 4.88 -26.50
CA ALA A 116 34.30 3.62 -26.75
C ALA A 116 34.08 2.60 -25.64
N SER A 117 33.00 2.75 -24.86
CA SER A 117 32.81 1.92 -23.68
C SER A 117 32.64 0.46 -24.05
N ALA A 119 31.68 -3.45 -22.44
CA ALA A 119 31.09 -4.22 -21.35
C ALA A 119 31.79 -5.56 -21.28
N ALA A 120 32.49 -5.82 -20.18
CA ALA A 120 33.26 -7.04 -20.01
C ALA A 120 32.71 -7.86 -18.85
N ILE A 121 32.96 -9.17 -18.91
CA ILE A 121 32.57 -10.09 -17.84
C ILE A 121 33.53 -11.27 -17.88
N GLY A 122 34.02 -11.66 -16.70
CA GLY A 122 34.95 -12.75 -16.59
C GLY A 122 36.04 -12.43 -15.58
N GLY A 123 37.13 -13.20 -15.64
CA GLY A 123 38.19 -13.06 -14.65
C GLY A 123 38.92 -11.74 -14.77
N GLU A 124 39.20 -11.30 -16.00
CA GLU A 124 39.90 -10.04 -16.23
C GLU A 124 38.98 -8.91 -16.65
N ALA A 125 37.69 -8.99 -16.27
CA ALA A 125 36.77 -7.90 -16.58
C ALA A 125 37.16 -6.63 -15.83
N GLU A 126 37.72 -6.76 -14.63
CA GLU A 126 38.20 -5.59 -13.89
C GLU A 126 39.42 -4.96 -14.55
N TRP A 127 40.13 -5.69 -15.39
CA TRP A 127 41.35 -5.17 -16.02
C TRP A 127 41.06 -4.52 -17.36
N PHE A 128 40.14 -5.08 -18.15
CA PHE A 128 39.84 -4.51 -19.45
C PHE A 128 39.10 -3.18 -19.33
N THR A 129 38.18 -3.07 -18.36
CA THR A 129 37.37 -1.87 -18.24
C THR A 129 38.09 -0.76 -17.49
N ALA A 130 39.06 -1.09 -16.65
CA ALA A 130 39.72 -0.09 -15.83
C ALA A 130 40.67 0.77 -16.65
N ASP A 131 40.80 2.03 -16.23
CA ASP A 131 41.74 2.98 -16.82
C ASP A 131 41.51 3.17 -18.32
N HIS A 132 40.24 3.23 -18.71
CA HIS A 132 39.90 3.53 -20.10
C HIS A 132 40.00 5.03 -20.33
N ALA A 133 40.87 5.43 -21.24
CA ALA A 133 41.09 6.86 -21.50
C ALA A 133 39.84 7.49 -22.10
N LEU A 134 39.48 8.68 -21.60
CA LEU A 134 38.35 9.40 -22.14
C LEU A 134 38.65 9.95 -23.53
N ASP A 135 39.72 10.72 -23.65
CA ASP A 135 40.16 11.20 -24.95
C ASP A 135 40.93 10.12 -25.69
N TYR A 136 40.62 9.94 -26.97
CA TYR A 136 41.17 8.88 -27.79
C TYR A 136 40.94 7.52 -27.12
N GLY A 137 39.68 7.24 -26.85
CA GLY A 137 39.27 6.02 -26.17
C GLY A 137 39.48 4.74 -26.94
N TYR A 138 40.08 4.80 -28.13
CA TYR A 138 40.39 3.62 -28.92
C TYR A 138 41.88 3.38 -29.04
N GLY A 139 42.70 4.08 -28.25
CA GLY A 139 44.13 3.94 -28.30
C GLY A 139 44.62 2.78 -27.46
N PRO A 140 45.87 2.86 -27.00
CA PRO A 140 46.42 1.76 -26.20
C PRO A 140 45.80 1.66 -24.81
N ARG A 141 45.41 2.79 -24.21
CA ARG A 141 44.82 2.80 -22.88
C ARG A 141 43.30 2.58 -22.96
N SER A 142 42.93 1.43 -23.51
CA SER A 142 41.54 1.10 -23.77
C SER A 142 41.39 -0.42 -23.73
N PRO A 143 40.15 -0.93 -23.60
CA PRO A 143 39.97 -2.38 -23.67
C PRO A 143 40.45 -2.99 -24.98
N LEU A 144 40.46 -2.21 -26.07
CA LEU A 144 40.95 -2.73 -27.34
C LEU A 144 42.46 -2.95 -27.30
N GLY A 145 43.20 -1.95 -26.81
CA GLY A 145 44.64 -2.11 -26.70
C GLY A 145 45.05 -3.20 -25.75
N LYS A 146 44.27 -3.40 -24.68
CA LYS A 146 44.55 -4.49 -23.74
C LYS A 146 44.16 -5.85 -24.33
N LEU A 147 43.23 -5.88 -25.28
CA LEU A 147 42.90 -7.13 -25.95
C LEU A 147 44.06 -7.59 -26.84
N VAL A 148 44.74 -6.64 -27.49
CA VAL A 148 45.92 -6.99 -28.27
C VAL A 148 47.08 -7.35 -27.35
N GLU A 149 47.22 -6.61 -26.24
CA GLU A 149 48.29 -6.90 -25.29
C GLU A 149 48.12 -8.28 -24.66
N ALA A 150 46.88 -8.74 -24.48
CA ALA A 150 46.60 -10.05 -23.92
C ALA A 150 46.44 -11.12 -24.98
N LYS A 151 46.74 -10.81 -26.24
CA LYS A 151 46.61 -11.75 -27.36
C LYS A 151 45.21 -12.37 -27.40
N GLY A 152 44.21 -11.51 -27.38
CA GLY A 152 42.83 -11.95 -27.38
C GLY A 152 42.34 -12.32 -28.77
N LYS A 153 41.05 -12.66 -28.83
CA LYS A 153 40.40 -13.04 -30.06
C LYS A 153 39.16 -12.18 -30.27
N VAL A 154 38.61 -12.24 -31.47
CA VAL A 154 37.40 -11.51 -31.82
C VAL A 154 36.48 -12.46 -32.59
N LEU A 155 35.25 -12.61 -32.13
CA LEU A 155 34.28 -13.53 -32.73
C LEU A 155 33.11 -12.71 -33.28
N LEU A 157 29.84 -13.02 -34.26
CA LEU A 157 28.69 -13.92 -34.15
C LEU A 157 27.58 -13.46 -35.09
N GLY A 158 27.76 -13.77 -36.37
CA GLY A 158 26.79 -13.40 -37.39
C GLY A 158 26.72 -11.93 -37.73
N ALA A 159 27.36 -11.07 -36.96
CA ALA A 159 27.31 -9.64 -37.24
C ALA A 159 28.12 -9.33 -38.49
N PRO A 160 27.75 -8.27 -39.22
CA PRO A 160 28.52 -7.89 -40.40
C PRO A 160 29.97 -7.56 -40.04
N LEU A 161 30.89 -7.96 -40.91
CA LEU A 161 32.32 -7.87 -40.60
C LEU A 161 32.80 -6.45 -40.47
N ASP A 162 32.12 -5.48 -41.08
CA ASP A 162 32.53 -4.08 -40.96
C ASP A 162 32.29 -3.52 -39.57
N THR A 163 31.55 -4.22 -38.72
CA THR A 163 31.29 -3.78 -37.36
C THR A 163 32.37 -4.21 -36.38
N THR A 165 34.77 -3.44 -34.19
CA THR A 165 35.22 -2.23 -33.53
C THR A 165 36.71 -2.27 -33.21
N LEU A 166 37.29 -3.47 -33.10
CA LEU A 166 38.72 -3.58 -32.79
C LEU A 166 39.59 -2.87 -33.81
N LEU A 167 39.15 -2.84 -35.08
CA LEU A 167 39.95 -2.20 -36.12
C LEU A 167 40.05 -0.69 -35.93
N HIS A 168 39.17 -0.09 -35.14
CA HIS A 168 39.35 1.32 -34.80
C HIS A 168 40.60 1.53 -33.96
N HIS A 169 40.99 0.54 -33.17
CA HIS A 169 42.27 0.60 -32.47
C HIS A 169 43.44 0.58 -33.46
N ALA A 170 43.26 -0.11 -34.59
CA ALA A 170 44.29 -0.08 -35.62
C ALA A 170 44.38 1.27 -36.30
N GLU A 171 43.24 1.97 -36.44
CA GLU A 171 43.26 3.32 -36.99
C GLU A 171 44.05 4.27 -36.11
N HIS A 172 44.04 4.05 -34.79
CA HIS A 172 44.77 4.92 -33.88
C HIS A 172 46.28 4.73 -34.03
N LEU A 173 46.73 3.53 -34.38
CA LEU A 173 48.15 3.24 -34.47
C LEU A 173 48.70 3.42 -35.88
N ALA A 174 47.85 3.27 -36.90
CA ALA A 174 48.32 3.29 -38.28
C ALA A 174 48.86 4.66 -38.66
N ASP A 175 50.06 4.68 -39.23
CA ASP A 175 50.70 5.91 -39.68
C ASP A 175 50.26 6.19 -41.11
N PHE A 176 49.19 6.98 -41.25
CA PHE A 176 48.70 7.39 -42.55
C PHE A 176 48.30 8.87 -42.48
N PRO A 177 48.44 9.60 -43.58
CA PRO A 177 48.31 11.06 -43.51
C PRO A 177 46.88 11.51 -43.28
N ASN A 178 46.76 12.63 -42.55
CA ASN A 178 45.52 13.39 -42.38
C ASN A 178 44.42 12.51 -41.78
N LYS A 179 44.58 12.24 -40.50
CA LYS A 179 43.50 11.63 -39.72
C LYS A 179 42.55 12.72 -39.25
N ARG A 180 41.26 12.38 -39.20
CA ARG A 180 40.24 13.34 -38.78
C ARG A 180 40.15 13.35 -37.26
N ILE A 181 40.47 14.49 -36.66
CA ILE A 181 40.35 14.67 -35.21
C ILE A 181 38.94 15.16 -34.91
N LEU A 182 38.18 14.35 -34.18
CA LEU A 182 36.79 14.65 -33.87
C LEU A 182 36.68 15.18 -32.46
N ARG A 183 36.27 16.44 -32.33
CA ARG A 183 36.11 17.10 -31.05
C ARG A 183 34.62 17.31 -30.76
N TYR A 184 34.13 16.67 -29.71
CA TYR A 184 32.74 16.80 -29.30
C TYR A 184 32.69 17.04 -27.79
N GLU A 185 31.50 17.38 -27.30
CA GLU A 185 31.27 17.70 -25.89
C GLU A 185 30.17 16.80 -25.37
N ALA A 186 30.48 16.00 -24.35
CA ALA A 186 29.54 15.04 -23.80
C ALA A 186 29.46 15.18 -22.29
N PRO A 187 28.30 14.87 -21.70
CA PRO A 187 28.17 14.94 -20.24
C PRO A 187 28.59 13.65 -19.56
N ILE A 188 29.51 13.74 -18.59
CA ILE A 188 29.99 12.60 -17.83
C ILE A 188 29.82 12.90 -16.35
N LEU A 189 30.30 11.97 -15.52
CA LEU A 189 30.24 12.09 -14.07
C LEU A 189 31.60 12.54 -13.55
N VAL A 190 31.69 13.80 -13.14
CA VAL A 190 32.88 14.35 -12.51
C VAL A 190 32.57 14.60 -11.05
N ASP A 191 33.29 13.91 -10.16
CA ASP A 191 33.06 13.97 -8.72
C ASP A 191 31.64 13.60 -8.35
N GLY A 192 31.05 12.66 -9.10
CA GLY A 192 29.73 12.16 -8.78
C GLY A 192 28.57 13.00 -9.25
N GLU A 193 28.80 13.98 -10.12
CA GLU A 193 27.72 14.82 -10.62
C GLU A 193 27.90 15.07 -12.11
N LYS A 194 26.81 15.46 -12.76
CA LYS A 194 26.80 15.70 -14.20
C LYS A 194 27.67 16.90 -14.54
N VAL A 195 28.69 16.69 -15.36
CA VAL A 195 29.58 17.74 -15.81
C VAL A 195 29.86 17.54 -17.30
N TRP A 196 29.77 18.62 -18.08
CA TRP A 196 30.03 18.54 -19.51
C TRP A 196 31.52 18.67 -19.77
N ARG A 197 32.10 17.61 -20.35
CA ARG A 197 33.52 17.57 -20.67
C ARG A 197 33.71 17.63 -22.18
N TRP A 198 34.75 18.34 -22.61
CA TRP A 198 35.11 18.40 -24.03
C TRP A 198 36.00 17.22 -24.37
N PHE A 199 35.60 16.44 -25.36
CA PHE A 199 36.34 15.26 -25.79
C PHE A 199 37.03 15.53 -27.12
N GLU A 200 37.99 14.67 -27.43
CA GLU A 200 38.57 14.61 -28.77
C GLU A 200 39.12 13.21 -28.99
N GLU A 201 38.93 12.71 -30.21
CA GLU A 201 39.32 11.35 -30.56
C GLU A 201 39.47 11.28 -32.08
N PHE A 202 39.86 10.11 -32.57
CA PHE A 202 39.90 9.88 -34.01
C PHE A 202 38.51 9.49 -34.48
N ASP A 203 38.10 10.06 -35.61
CA ASP A 203 36.74 9.90 -36.12
C ASP A 203 36.44 8.44 -36.43
N THR A 204 35.62 7.80 -35.60
CA THR A 204 35.18 6.44 -35.82
C THR A 204 33.82 6.35 -36.48
N SER A 205 33.07 7.47 -36.55
CA SER A 205 31.78 7.47 -37.22
C SER A 205 31.90 7.56 -38.73
N ASP A 206 33.04 8.04 -39.24
CA ASP A 206 33.28 8.16 -40.67
C ASP A 206 34.68 7.63 -40.98
N PRO A 207 34.84 6.91 -42.08
CA PRO A 207 36.15 6.38 -42.44
C PRO A 207 37.08 7.49 -42.89
N PRO A 208 38.39 7.21 -42.99
CA PRO A 208 39.31 8.22 -43.53
C PRO A 208 38.88 8.65 -44.93
N ASP A 209 39.29 9.86 -45.31
CA ASP A 209 38.90 10.43 -46.60
C ASP A 209 39.36 9.56 -47.76
N GLY A 210 38.41 8.98 -48.48
CA GLY A 210 38.74 8.12 -49.60
C GLY A 210 38.13 6.73 -49.48
N LEU A 211 38.24 6.13 -48.29
CA LEU A 211 37.72 4.80 -48.07
C LEU A 211 36.21 4.82 -47.91
N ALA A 212 35.61 3.63 -48.00
CA ALA A 212 34.17 3.49 -47.86
C ALA A 212 33.80 3.31 -46.38
N ASP A 213 32.49 3.44 -46.11
CA ASP A 213 32.02 3.34 -44.73
C ASP A 213 32.23 1.94 -44.16
N ASP A 214 32.23 0.91 -45.00
CA ASP A 214 32.38 -0.47 -44.57
C ASP A 214 33.70 -1.08 -45.00
N TYR A 215 34.76 -0.27 -45.06
CA TYR A 215 36.06 -0.79 -45.50
C TYR A 215 36.66 -1.77 -44.50
N PHE A 216 36.11 -1.86 -43.29
CA PHE A 216 36.54 -2.90 -42.36
C PHE A 216 36.20 -4.29 -42.89
N ALA A 217 35.13 -4.40 -43.68
CA ALA A 217 34.72 -5.70 -44.20
C ALA A 217 35.77 -6.27 -45.15
N GLY A 218 36.35 -5.42 -46.00
CA GLY A 218 37.40 -5.88 -46.89
C GLY A 218 38.66 -6.27 -46.16
N ILE A 219 38.97 -5.61 -45.05
CA ILE A 219 40.15 -5.95 -44.28
C ILE A 219 39.99 -7.32 -43.62
N VAL A 220 38.80 -7.59 -43.08
CA VAL A 220 38.54 -8.89 -42.46
C VAL A 220 38.58 -9.99 -43.52
N GLU A 221 38.00 -9.74 -44.68
CA GLU A 221 38.01 -10.75 -45.74
C GLU A 221 39.41 -10.99 -46.27
N GLU A 222 40.26 -9.96 -46.30
CA GLU A 222 41.64 -10.15 -46.71
C GLU A 222 42.43 -10.94 -45.67
N PHE A 223 42.12 -10.76 -44.39
CA PHE A 223 42.84 -11.49 -43.35
C PHE A 223 42.44 -12.96 -43.34
N LEU A 224 41.16 -13.26 -43.57
CA LEU A 224 40.73 -14.65 -43.60
C LEU A 224 41.33 -15.40 -44.79
N ALA A 225 41.64 -14.68 -45.87
CA ALA A 225 42.30 -15.31 -47.02
C ALA A 225 43.70 -15.79 -46.67
N THR A 226 44.32 -15.21 -45.64
CA THR A 226 45.65 -15.67 -45.21
C THR A 226 45.59 -17.02 -44.53
N GLY A 227 44.43 -17.42 -44.02
CA GLY A 227 44.29 -18.67 -43.31
C GLY A 227 44.49 -18.57 -41.80
N ARG A 228 44.99 -17.44 -41.30
CA ARG A 228 45.20 -17.28 -39.87
C ARG A 228 43.87 -17.16 -39.12
N GLY A 229 42.79 -16.80 -39.80
CA GLY A 229 41.49 -16.77 -39.18
C GLY A 229 40.72 -18.06 -39.41
N LYS A 230 39.65 -18.23 -38.63
CA LYS A 230 38.83 -19.43 -38.68
C LYS A 230 37.37 -19.05 -38.88
N ARG A 231 36.68 -19.80 -39.74
CA ARG A 231 35.27 -19.58 -40.02
C ARG A 231 34.47 -20.79 -39.54
N GLY A 232 33.37 -20.52 -38.86
CA GLY A 232 32.51 -21.59 -38.36
C GLY A 232 31.12 -21.09 -38.10
N LYS A 233 30.24 -22.02 -37.74
CA LYS A 233 28.85 -21.72 -37.45
C LYS A 233 28.57 -21.92 -35.97
N ILE A 234 27.95 -20.93 -35.35
CA ILE A 234 27.49 -21.02 -33.97
C ILE A 234 25.97 -21.07 -34.03
N GLY A 235 25.39 -22.25 -33.83
CA GLY A 235 23.97 -22.43 -34.00
C GLY A 235 23.58 -22.40 -35.47
N GLU A 236 23.07 -21.26 -35.93
CA GLU A 236 22.71 -21.08 -37.34
C GLU A 236 23.29 -19.79 -37.91
N ALA A 237 24.27 -19.19 -37.23
CA ALA A 237 24.87 -17.93 -37.66
C ALA A 237 26.32 -18.19 -38.08
N SER A 238 26.59 -18.01 -39.36
CA SER A 238 27.97 -18.13 -39.86
C SER A 238 28.84 -17.06 -39.22
N SER A 239 29.90 -17.49 -38.54
CA SER A 239 30.72 -16.60 -37.74
C SER A 239 32.20 -16.78 -38.12
N VAL A 240 32.99 -15.79 -37.74
CA VAL A 240 34.44 -15.84 -37.89
C VAL A 240 35.09 -15.57 -36.54
N LEU A 241 36.33 -16.02 -36.41
CA LEU A 241 37.10 -15.85 -35.18
C LEU A 241 38.54 -15.53 -35.55
N VAL A 242 38.99 -14.34 -35.22
CA VAL A 242 40.32 -13.87 -35.61
C VAL A 242 41.12 -13.49 -34.37
N PRO A 243 42.45 -13.62 -34.39
CA PRO A 243 43.26 -13.17 -33.25
C PRO A 243 43.38 -11.66 -33.26
N ALA A 244 43.22 -11.05 -32.09
CA ALA A 244 43.24 -9.59 -32.00
C ALA A 244 44.62 -9.03 -32.30
N ASP A 245 45.67 -9.75 -31.90
CA ASP A 245 47.02 -9.24 -32.10
C ASP A 245 47.43 -9.25 -33.56
N GLU A 246 46.93 -10.22 -34.34
CA GLU A 246 47.36 -10.33 -35.73
C GLU A 246 46.54 -9.43 -36.65
N ILE A 247 45.22 -9.38 -36.45
CA ILE A 247 44.37 -8.64 -37.36
C ILE A 247 44.57 -7.13 -37.19
N VAL A 248 45.00 -6.70 -36.01
CA VAL A 248 45.31 -5.28 -35.80
C VAL A 248 46.60 -4.93 -36.54
N ALA A 249 47.64 -5.75 -36.37
CA ALA A 249 48.87 -5.53 -37.13
C ALA A 249 48.64 -5.70 -38.62
N PHE A 250 47.70 -6.56 -39.00
CA PHE A 250 47.36 -6.71 -40.42
C PHE A 250 46.64 -5.48 -40.94
N ALA A 251 45.77 -4.87 -40.11
CA ALA A 251 45.05 -3.68 -40.54
C ALA A 251 45.94 -2.43 -40.49
N VAL A 252 46.90 -2.39 -39.56
CA VAL A 252 47.83 -1.26 -39.52
C VAL A 252 48.68 -1.22 -40.78
N ASP A 253 49.24 -2.39 -41.17
CA ASP A 253 49.97 -2.46 -42.43
C ASP A 253 49.06 -2.18 -43.62
N TRP A 254 47.79 -2.58 -43.53
CA TRP A 254 46.85 -2.27 -44.60
C TRP A 254 46.63 -0.77 -44.73
N LEU A 255 46.51 -0.07 -43.60
CA LEU A 255 46.26 1.37 -43.65
C LEU A 255 47.53 2.14 -44.00
N GLU A 256 48.67 1.73 -43.43
CA GLU A 256 49.93 2.43 -43.73
C GLU A 256 50.32 2.27 -45.19
N ARG A 257 50.10 1.07 -45.74
CA ARG A 257 50.38 0.85 -47.16
C ARG A 257 49.47 1.70 -48.04
N TRP A 258 48.21 1.86 -47.62
CA TRP A 258 47.29 2.70 -48.39
C TRP A 258 47.62 4.19 -48.24
N GLY A 259 48.22 4.57 -47.11
CA GLY A 259 48.51 5.98 -46.88
C GLY A 259 49.78 6.47 -47.55
N ARG A 260 50.75 5.58 -47.77
CA ARG A 260 52.00 5.98 -48.39
C ARG A 260 51.85 6.42 -49.84
N THR A 261 50.70 6.15 -50.47
CA THR A 261 50.42 6.62 -51.82
C THR A 261 50.00 8.09 -51.72
N ALA A 262 51.01 8.95 -51.62
CA ALA A 262 50.77 10.39 -51.50
C ALA A 262 51.51 11.16 -52.59
N SER B 3 3.52 16.08 -30.44
CA SER B 3 4.83 16.09 -31.08
C SER B 3 5.89 16.73 -30.19
N ARG B 4 5.68 16.64 -28.88
CA ARG B 4 6.60 17.19 -27.89
C ARG B 4 7.44 16.08 -27.26
N VAL B 5 8.58 16.47 -26.72
CA VAL B 5 9.50 15.55 -26.06
C VAL B 5 9.34 15.68 -24.55
N SER B 6 9.65 14.60 -23.84
CA SER B 6 9.50 14.54 -22.40
C SER B 6 10.87 14.42 -21.74
N THR B 7 11.05 15.13 -20.63
CA THR B 7 12.27 15.10 -19.85
C THR B 7 12.02 14.40 -18.51
N ARG B 8 13.10 14.17 -17.77
CA ARG B 8 12.96 13.62 -16.42
C ARG B 8 12.15 14.55 -15.54
N SER B 9 12.34 15.87 -15.70
CA SER B 9 11.52 16.83 -14.96
C SER B 9 10.11 16.90 -15.52
N SER B 10 9.98 16.82 -16.86
CA SER B 10 8.66 16.87 -17.48
C SER B 10 7.81 15.68 -17.08
N LEU B 11 8.40 14.47 -17.08
CA LEU B 11 7.65 13.28 -16.70
C LEU B 11 7.25 13.32 -15.23
N ALA B 12 8.07 13.95 -14.38
CA ALA B 12 7.74 14.03 -12.96
C ALA B 12 6.47 14.84 -12.73
N GLU B 13 6.38 16.00 -13.37
CA GLU B 13 5.18 16.82 -13.23
C GLU B 13 3.96 16.13 -13.85
N ASP B 14 4.17 15.30 -14.85
CA ASP B 14 3.05 14.53 -15.42
C ASP B 14 2.62 13.42 -14.48
N LEU B 15 3.58 12.81 -13.78
CA LEU B 15 3.25 11.77 -12.81
C LEU B 15 2.61 12.33 -11.55
N ARG B 16 2.84 13.60 -11.24
CA ARG B 16 2.19 14.20 -10.08
C ARG B 16 0.72 14.51 -10.36
N ALA B 17 0.38 14.85 -11.61
CA ALA B 17 -1.00 15.18 -11.93
C ALA B 17 -1.86 13.92 -11.98
N ILE B 18 -1.31 12.78 -12.37
CA ILE B 18 -2.09 11.56 -12.45
C ILE B 18 -2.49 11.07 -11.06
N GLY B 19 -1.74 11.44 -10.03
CA GLY B 19 -2.11 11.07 -8.67
C GLY B 19 -0.96 10.52 -7.83
N LEU B 20 0.18 10.24 -8.47
CA LEU B 20 1.32 9.71 -7.75
C LEU B 20 1.87 10.75 -6.78
N ALA B 21 2.17 10.31 -5.56
CA ALA B 21 2.63 11.21 -4.50
C ALA B 21 3.85 10.59 -3.82
N ASP B 22 4.18 11.11 -2.65
CA ASP B 22 5.38 10.69 -1.93
C ASP B 22 5.12 9.43 -1.11
N GLY B 23 6.02 8.47 -1.22
CA GLY B 23 6.02 7.29 -0.37
C GLY B 23 5.23 6.11 -0.89
N ASP B 24 4.12 6.36 -1.58
CA ASP B 24 3.25 5.26 -2.00
C ASP B 24 3.93 4.38 -3.04
N ALA B 25 3.49 3.14 -3.11
CA ALA B 25 3.99 2.17 -4.08
C ALA B 25 3.09 2.15 -5.31
N VAL B 26 3.67 1.78 -6.44
CA VAL B 26 2.93 1.76 -7.70
C VAL B 26 3.39 0.61 -8.58
N LEU B 27 2.45 -0.24 -8.99
CA LEU B 27 2.72 -1.30 -9.96
C LEU B 27 2.43 -0.76 -11.35
N VAL B 28 3.43 -0.79 -12.22
CA VAL B 28 3.36 -0.16 -13.53
C VAL B 28 3.41 -1.23 -14.61
N ALA B 29 2.41 -1.25 -15.48
CA ALA B 29 2.44 -1.98 -16.73
C ALA B 29 2.38 -0.97 -17.86
N ALA B 30 3.44 -0.90 -18.66
CA ALA B 30 3.65 0.20 -19.57
C ALA B 30 3.91 -0.28 -20.98
N ALA B 31 3.51 0.55 -21.94
CA ALA B 31 3.93 0.44 -23.34
C ALA B 31 4.74 1.69 -23.64
N LEU B 32 6.06 1.57 -23.54
CA LEU B 32 6.93 2.75 -23.58
C LEU B 32 6.88 3.47 -24.92
N ARG B 33 6.50 2.78 -26.01
CA ARG B 33 6.39 3.47 -27.29
C ARG B 33 5.29 4.52 -27.30
N LYS B 34 4.24 4.31 -26.50
CA LYS B 34 3.15 5.27 -26.43
C LYS B 34 3.57 6.57 -25.73
N VAL B 35 4.60 6.52 -24.89
CA VAL B 35 5.02 7.71 -24.16
C VAL B 35 5.63 8.74 -25.11
N GLY B 36 6.16 8.30 -26.24
CA GLY B 36 6.75 9.21 -27.21
C GLY B 36 8.24 9.39 -26.99
N LYS B 37 8.75 10.48 -27.55
CA LYS B 37 10.18 10.76 -27.45
C LYS B 37 10.54 11.22 -26.03
N ILE B 38 11.55 10.58 -25.45
CA ILE B 38 12.07 10.95 -24.15
C ILE B 38 13.54 11.30 -24.30
N VAL B 39 13.99 12.30 -23.53
CA VAL B 39 15.36 12.80 -23.64
C VAL B 39 16.37 11.73 -23.27
N GLY B 40 16.43 11.38 -21.97
CA GLY B 40 17.39 10.39 -21.52
C GLY B 40 16.89 8.96 -21.57
N GLY B 41 16.21 8.61 -22.65
CA GLY B 41 15.70 7.27 -22.84
C GLY B 41 14.54 6.95 -21.92
N PRO B 42 14.14 5.68 -21.88
CA PRO B 42 13.01 5.29 -21.03
C PRO B 42 13.33 5.30 -19.54
N ASP B 43 14.61 5.33 -19.17
CA ASP B 43 14.97 5.41 -17.76
C ASP B 43 14.50 6.70 -17.11
N ASP B 44 14.26 7.75 -17.91
CA ASP B 44 13.70 8.98 -17.36
C ASP B 44 12.33 8.75 -16.74
N ILE B 45 11.57 7.79 -17.25
CA ILE B 45 10.28 7.45 -16.66
C ILE B 45 10.48 6.89 -15.25
N LEU B 46 11.35 5.89 -15.12
CA LEU B 46 11.61 5.32 -13.80
C LEU B 46 12.30 6.32 -12.88
N ASP B 47 13.22 7.12 -13.43
CA ASP B 47 13.87 8.14 -12.62
C ASP B 47 12.88 9.19 -12.13
N ALA B 48 11.88 9.52 -12.96
CA ALA B 48 10.89 10.52 -12.57
C ALA B 48 10.01 10.01 -11.44
N ARG B 50 10.73 7.67 -9.08
CA ARG B 50 11.51 7.67 -7.85
C ARG B 50 11.76 9.07 -7.31
N ASP B 51 11.66 10.09 -8.17
CA ASP B 51 11.75 11.46 -7.71
C ASP B 51 10.43 11.92 -7.07
N VAL B 52 9.30 11.47 -7.63
CA VAL B 52 8.00 11.88 -7.10
C VAL B 52 7.65 11.08 -5.85
N ILE B 53 7.93 9.77 -5.85
CA ILE B 53 7.58 8.93 -4.72
C ILE B 53 8.63 8.94 -3.62
N GLY B 54 9.82 9.48 -3.88
CA GLY B 54 10.86 9.55 -2.88
C GLY B 54 11.60 8.23 -2.73
N PRO B 55 12.65 8.24 -1.91
CA PRO B 55 13.45 7.00 -1.72
C PRO B 55 12.70 5.91 -0.98
N ALA B 56 11.61 6.24 -0.27
CA ALA B 56 10.82 5.24 0.44
C ALA B 56 9.74 4.61 -0.42
N GLY B 57 9.46 5.17 -1.59
CA GLY B 57 8.49 4.58 -2.49
C GLY B 57 9.04 3.34 -3.16
N THR B 58 8.14 2.62 -3.84
CA THR B 58 8.49 1.37 -4.50
C THR B 58 7.78 1.27 -5.84
N VAL B 59 8.55 1.04 -6.90
CA VAL B 59 8.01 0.80 -8.24
C VAL B 59 8.14 -0.68 -8.54
N LEU B 60 7.03 -1.30 -8.95
CA LEU B 60 7.00 -2.73 -9.23
C LEU B 60 6.66 -2.97 -10.69
N GLY B 61 7.05 -4.14 -11.18
CA GLY B 61 6.78 -4.53 -12.55
C GLY B 61 6.57 -6.02 -12.71
N TYR B 62 5.62 -6.40 -13.55
CA TYR B 62 5.30 -7.81 -13.77
C TYR B 62 6.36 -8.41 -14.68
N ALA B 63 7.25 -9.23 -14.10
CA ALA B 63 8.40 -9.76 -14.82
C ALA B 63 8.10 -11.08 -15.53
N ASP B 64 7.58 -12.06 -14.80
CA ASP B 64 7.43 -13.43 -15.29
C ASP B 64 8.80 -13.93 -15.75
N TRP B 65 8.85 -14.87 -16.68
CA TRP B 65 10.14 -15.23 -17.28
C TRP B 65 9.94 -16.00 -18.57
N GLN B 66 10.99 -15.97 -19.40
CA GLN B 66 10.95 -16.46 -20.77
C GLN B 66 11.01 -17.98 -20.75
N LEU B 67 9.90 -18.62 -21.10
CA LEU B 67 9.91 -20.06 -21.15
C LEU B 67 9.17 -20.57 -22.38
N GLU B 68 8.20 -19.80 -22.87
CA GLU B 68 7.56 -19.99 -24.16
C GLU B 68 6.73 -21.26 -24.24
N ASP B 69 6.47 -21.92 -23.10
CA ASP B 69 5.74 -23.18 -23.01
C ASP B 69 6.35 -24.29 -23.85
N GLU B 70 7.59 -24.10 -24.34
CA GLU B 70 8.30 -25.22 -24.94
C GLU B 70 8.77 -26.22 -23.89
N ILE B 71 8.80 -25.83 -22.61
CA ILE B 71 9.15 -26.72 -21.52
C ILE B 71 8.06 -27.75 -21.26
N ARG B 72 6.85 -27.50 -21.78
CA ARG B 72 5.65 -28.16 -21.30
C ARG B 72 5.79 -29.67 -21.37
N ASP B 73 5.86 -30.19 -22.59
CA ASP B 73 6.02 -31.62 -22.78
C ASP B 73 7.08 -31.97 -23.81
N ASP B 74 7.77 -30.99 -24.40
CA ASP B 74 8.88 -31.25 -25.31
C ASP B 74 9.99 -31.94 -24.53
N PRO B 75 10.12 -33.26 -24.66
CA PRO B 75 10.99 -34.01 -23.76
C PRO B 75 12.41 -34.16 -24.30
N ALA B 76 13.32 -34.51 -23.38
CA ALA B 76 14.76 -34.55 -23.65
C ALA B 76 15.27 -33.18 -24.07
N ARG B 78 14.40 -31.34 -21.82
CA ARG B 78 14.16 -31.10 -20.40
C ARG B 78 15.45 -30.72 -19.69
N GLU B 79 16.53 -31.45 -19.94
CA GLU B 79 17.81 -31.17 -19.30
C GLU B 79 18.48 -29.91 -19.85
N HIS B 80 18.02 -29.39 -20.98
CA HIS B 80 18.62 -28.21 -21.58
C HIS B 80 17.96 -26.90 -21.14
N ILE B 81 16.87 -26.98 -20.38
CA ILE B 81 16.17 -25.79 -19.92
C ILE B 81 16.85 -25.27 -18.66
N PRO B 82 17.41 -24.06 -18.68
CA PRO B 82 17.99 -23.51 -17.45
C PRO B 82 16.92 -23.26 -16.42
N ALA B 83 17.23 -23.57 -15.16
CA ALA B 83 16.28 -23.40 -14.09
C ALA B 83 15.98 -21.92 -13.86
N PHE B 84 14.87 -21.67 -13.20
CA PHE B 84 14.46 -20.31 -12.92
C PHE B 84 15.35 -19.71 -11.83
N ASP B 85 16.03 -18.62 -12.15
CA ASP B 85 16.88 -17.91 -11.22
C ASP B 85 16.36 -16.50 -11.02
N PRO B 86 15.93 -16.12 -9.80
CA PRO B 86 15.40 -14.76 -9.61
C PRO B 86 16.45 -13.67 -9.71
N LEU B 87 17.64 -14.03 -10.17
CA LEU B 87 18.73 -13.09 -10.40
C LEU B 87 19.17 -13.02 -11.85
N ARG B 88 19.03 -14.11 -12.61
CA ARG B 88 19.52 -14.17 -13.97
C ARG B 88 18.46 -14.44 -15.02
N SER B 89 17.32 -15.02 -14.65
CA SER B 89 16.25 -15.25 -15.62
C SER B 89 15.60 -13.93 -15.99
N ARG B 90 15.59 -13.62 -17.29
CA ARG B 90 15.08 -12.34 -17.74
C ARG B 90 13.55 -12.34 -17.75
N SER B 91 12.99 -11.13 -17.81
CA SER B 91 11.54 -10.96 -17.82
C SER B 91 10.98 -11.30 -19.20
N ILE B 92 9.71 -11.69 -19.22
CA ILE B 92 9.03 -11.98 -20.49
C ILE B 92 8.84 -10.67 -21.25
N ARG B 93 8.88 -10.77 -22.58
CA ARG B 93 8.87 -9.59 -23.45
C ARG B 93 7.51 -9.34 -24.10
N ASP B 94 6.45 -10.01 -23.64
CA ASP B 94 5.16 -9.89 -24.29
C ASP B 94 4.40 -8.62 -23.90
N ASN B 95 4.72 -8.01 -22.76
CA ASN B 95 4.07 -6.78 -22.34
C ASN B 95 4.96 -5.55 -22.51
N GLY B 96 6.24 -5.73 -22.81
CA GLY B 96 7.12 -4.63 -23.10
C GLY B 96 8.43 -4.74 -22.33
N PHE B 97 9.28 -3.75 -22.55
CA PHE B 97 10.60 -3.67 -21.93
C PHE B 97 10.53 -3.19 -20.47
N TRP B 98 9.38 -2.70 -20.03
CA TRP B 98 9.29 -2.07 -18.70
C TRP B 98 9.71 -3.00 -17.56
N PRO B 99 9.23 -4.25 -17.46
CA PRO B 99 9.70 -5.08 -16.34
C PRO B 99 11.19 -5.39 -16.40
N GLU B 100 11.73 -5.59 -17.61
CA GLU B 100 13.17 -5.77 -17.74
C GLU B 100 13.92 -4.47 -17.49
N LEU B 101 13.27 -3.33 -17.75
CA LEU B 101 13.87 -2.05 -17.42
C LEU B 101 14.09 -1.91 -15.92
N ILE B 102 13.13 -2.38 -15.14
CA ILE B 102 13.25 -2.31 -13.68
C ILE B 102 14.26 -3.31 -13.17
N ARG B 103 14.17 -4.56 -13.65
CA ARG B 103 15.03 -5.63 -13.15
C ARG B 103 16.50 -5.31 -13.36
N THR B 104 16.85 -4.79 -14.54
CA THR B 104 18.23 -4.47 -14.86
C THR B 104 18.70 -3.16 -14.24
N THR B 105 17.81 -2.42 -13.57
CA THR B 105 18.21 -1.18 -12.92
C THR B 105 18.93 -1.51 -11.61
N PRO B 106 20.08 -0.90 -11.35
CA PRO B 106 20.82 -1.22 -10.12
C PRO B 106 20.01 -0.91 -8.87
N GLY B 107 20.13 -1.80 -7.88
CA GLY B 107 19.38 -1.68 -6.65
C GLY B 107 18.04 -2.39 -6.66
N ALA B 108 17.63 -2.96 -7.79
CA ALA B 108 16.34 -3.61 -7.90
C ALA B 108 16.40 -5.06 -7.43
N LEU B 109 15.22 -5.62 -7.16
CA LEU B 109 15.08 -6.99 -6.70
C LEU B 109 14.03 -7.69 -7.54
N ARG B 110 13.85 -8.99 -7.33
CA ARG B 110 12.94 -9.73 -8.17
C ARG B 110 12.36 -10.88 -7.36
N SER B 111 11.06 -11.15 -7.56
CA SER B 111 10.35 -12.18 -6.80
C SER B 111 10.88 -13.57 -7.16
N ALA B 112 10.34 -14.57 -6.44
CA ALA B 112 10.82 -15.94 -6.55
C ALA B 112 9.83 -16.90 -7.20
N SER B 113 8.55 -16.56 -7.28
CA SER B 113 7.59 -17.41 -7.95
C SER B 113 7.74 -17.28 -9.46
N PRO B 114 8.12 -18.34 -10.18
CA PRO B 114 8.44 -18.16 -11.61
C PRO B 114 7.33 -17.55 -12.44
N GLY B 115 6.11 -18.09 -12.35
CA GLY B 115 5.03 -17.62 -13.20
C GLY B 115 4.55 -16.22 -12.85
N ALA B 116 4.60 -15.86 -11.57
CA ALA B 116 4.06 -14.59 -11.10
C ALA B 116 5.15 -13.65 -10.59
N SER B 117 6.40 -13.87 -10.98
CA SER B 117 7.51 -13.08 -10.44
C SER B 117 7.34 -11.60 -10.77
N ALA B 119 9.45 -7.77 -10.52
CA ALA B 119 10.62 -6.95 -10.28
C ALA B 119 10.21 -5.65 -9.58
N ALA B 120 10.96 -5.30 -8.53
CA ALA B 120 10.65 -4.11 -7.74
C ALA B 120 11.93 -3.37 -7.40
N ILE B 121 11.80 -2.05 -7.28
CA ILE B 121 12.92 -1.19 -6.90
C ILE B 121 12.38 -0.04 -6.07
N GLY B 122 13.09 0.29 -5.01
CA GLY B 122 12.70 1.38 -4.13
C GLY B 122 12.98 1.03 -2.69
N GLY B 123 12.26 1.71 -1.80
CA GLY B 123 12.50 1.53 -0.37
C GLY B 123 12.06 0.18 0.14
N GLU B 124 10.84 -0.24 -0.22
CA GLU B 124 10.30 -1.52 0.22
C GLU B 124 10.41 -2.59 -0.85
N ALA B 125 11.41 -2.50 -1.72
CA ALA B 125 11.61 -3.53 -2.73
C ALA B 125 11.88 -4.89 -2.09
N GLU B 126 12.52 -4.90 -0.92
CA GLU B 126 12.76 -6.17 -0.22
C GLU B 126 11.46 -6.77 0.30
N TRP B 127 10.51 -5.93 0.71
CA TRP B 127 9.29 -6.44 1.34
C TRP B 127 8.35 -7.05 0.31
N PHE B 128 8.22 -6.41 -0.86
CA PHE B 128 7.25 -6.87 -1.85
C PHE B 128 7.70 -8.17 -2.51
N THR B 129 9.01 -8.33 -2.73
CA THR B 129 9.53 -9.50 -3.42
C THR B 129 9.76 -10.70 -2.50
N ALA B 130 9.67 -10.52 -1.20
CA ALA B 130 9.96 -11.59 -0.25
C ALA B 130 8.74 -12.44 0.00
N ASP B 131 8.98 -13.72 0.29
CA ASP B 131 7.94 -14.68 0.68
C ASP B 131 6.86 -14.79 -0.38
N HIS B 132 7.26 -14.76 -1.65
CA HIS B 132 6.32 -14.94 -2.75
C HIS B 132 6.06 -16.44 -2.91
N ALA B 133 4.82 -16.86 -2.69
CA ALA B 133 4.47 -18.27 -2.75
C ALA B 133 4.63 -18.81 -4.16
N LEU B 134 5.27 -19.96 -4.28
CA LEU B 134 5.42 -20.61 -5.58
C LEU B 134 4.05 -21.07 -6.11
N ASP B 135 3.34 -21.87 -5.33
CA ASP B 135 1.99 -22.27 -5.68
C ASP B 135 1.02 -21.14 -5.35
N TYR B 136 0.09 -20.89 -6.29
CA TYR B 136 -0.86 -19.78 -6.19
C TYR B 136 -0.12 -18.46 -5.98
N GLY B 137 0.78 -18.16 -6.92
CA GLY B 137 1.62 -16.99 -6.83
C GLY B 137 0.89 -15.68 -7.03
N TYR B 138 -0.44 -15.73 -7.13
CA TYR B 138 -1.27 -14.54 -7.26
C TYR B 138 -2.19 -14.36 -6.06
N GLY B 139 -1.96 -15.07 -4.97
CA GLY B 139 -2.81 -14.99 -3.80
C GLY B 139 -2.37 -13.92 -2.83
N PRO B 140 -2.68 -14.10 -1.55
CA PRO B 140 -2.29 -13.11 -0.54
C PRO B 140 -0.82 -13.10 -0.20
N ARG B 141 -0.07 -14.14 -0.59
CA ARG B 141 1.36 -14.22 -0.32
C ARG B 141 2.18 -13.83 -1.53
N SER B 142 1.86 -12.70 -2.13
CA SER B 142 2.51 -12.20 -3.33
C SER B 142 2.60 -10.69 -3.25
N PRO B 143 3.49 -10.07 -4.04
CA PRO B 143 3.51 -8.59 -4.09
C PRO B 143 2.18 -7.98 -4.48
N LEU B 144 1.29 -8.73 -5.13
CA LEU B 144 -0.06 -8.24 -5.38
C LEU B 144 -0.82 -8.06 -4.08
N GLY B 145 -0.80 -9.08 -3.21
CA GLY B 145 -1.46 -8.95 -1.92
C GLY B 145 -0.78 -7.93 -1.03
N LYS B 146 0.55 -7.86 -1.08
CA LYS B 146 1.26 -6.85 -0.31
C LYS B 146 0.97 -5.44 -0.84
N LEU B 147 0.65 -5.32 -2.14
CA LEU B 147 0.27 -4.03 -2.68
C LEU B 147 -1.08 -3.57 -2.15
N VAL B 148 -2.03 -4.51 -2.04
CA VAL B 148 -3.33 -4.17 -1.46
C VAL B 148 -3.20 -3.88 0.03
N GLU B 149 -2.32 -4.62 0.72
CA GLU B 149 -2.13 -4.40 2.15
C GLU B 149 -1.52 -3.03 2.41
N ALA B 150 -0.52 -2.64 1.63
CA ALA B 150 0.11 -1.33 1.77
C ALA B 150 -0.66 -0.23 1.08
N LYS B 151 -1.83 -0.53 0.53
CA LYS B 151 -2.69 0.44 -0.15
C LYS B 151 -1.93 1.14 -1.29
N GLY B 152 -1.26 0.34 -2.11
CA GLY B 152 -0.52 0.87 -3.23
C GLY B 152 -1.44 1.31 -4.36
N LYS B 153 -0.82 1.58 -5.51
CA LYS B 153 -1.53 2.03 -6.70
C LYS B 153 -1.04 1.25 -7.90
N VAL B 154 -1.78 1.36 -9.00
CA VAL B 154 -1.45 0.70 -10.26
C VAL B 154 -1.57 1.74 -11.37
N LEU B 155 -0.49 1.88 -12.15
CA LEU B 155 -0.42 2.87 -13.22
C LEU B 155 -0.35 2.16 -14.57
N LEU B 157 0.64 2.84 -17.85
CA LEU B 157 1.39 3.81 -18.64
C LEU B 157 1.32 3.41 -20.12
N GLY B 158 0.17 3.69 -20.73
CA GLY B 158 -0.07 3.41 -22.13
C GLY B 158 -0.44 1.98 -22.44
N ALA B 159 -0.21 1.03 -21.53
CA ALA B 159 -0.55 -0.35 -21.79
C ALA B 159 -2.06 -0.54 -21.79
N PRO B 160 -2.57 -1.52 -22.54
CA PRO B 160 -4.01 -1.78 -22.53
C PRO B 160 -4.50 -2.19 -21.14
N LEU B 161 -5.72 -1.77 -20.82
CA LEU B 161 -6.26 -1.98 -19.47
C LEU B 161 -6.47 -3.44 -19.14
N ASP B 162 -6.58 -4.32 -20.14
CA ASP B 162 -6.74 -5.74 -19.88
C ASP B 162 -5.46 -6.41 -19.42
N THR B 163 -4.36 -5.67 -19.32
CA THR B 163 -3.09 -6.20 -18.84
C THR B 163 -2.81 -5.80 -17.39
N THR B 165 -2.33 -6.77 -14.15
CA THR B 165 -2.08 -8.07 -13.53
C THR B 165 -2.68 -8.15 -12.14
N LEU B 166 -2.83 -7.01 -11.46
CA LEU B 166 -3.37 -7.02 -10.09
C LEU B 166 -4.75 -7.66 -10.04
N LEU B 167 -5.52 -7.59 -11.13
CA LEU B 167 -6.85 -8.19 -11.12
C LEU B 167 -6.79 -9.72 -11.05
N HIS B 168 -5.66 -10.33 -11.40
CA HIS B 168 -5.50 -11.76 -11.18
C HIS B 168 -5.53 -12.10 -9.70
N HIS B 169 -5.06 -11.19 -8.85
CA HIS B 169 -5.18 -11.37 -7.41
C HIS B 169 -6.64 -11.34 -6.97
N ALA B 170 -7.49 -10.62 -7.70
CA ALA B 170 -8.91 -10.61 -7.40
C ALA B 170 -9.59 -11.89 -7.86
N GLU B 171 -9.09 -12.51 -8.94
CA GLU B 171 -9.60 -13.82 -9.33
C GLU B 171 -9.34 -14.87 -8.25
N HIS B 172 -8.23 -14.73 -7.52
CA HIS B 172 -7.93 -15.66 -6.44
C HIS B 172 -8.81 -15.41 -5.22
N LEU B 173 -9.21 -14.15 -4.99
CA LEU B 173 -10.01 -13.82 -3.82
C LEU B 173 -11.49 -14.02 -4.06
N ALA B 174 -11.98 -13.77 -5.27
CA ALA B 174 -13.40 -13.84 -5.55
C ALA B 174 -13.92 -15.27 -5.40
N ASP B 175 -15.14 -15.39 -4.90
CA ASP B 175 -15.79 -16.68 -4.68
C ASP B 175 -16.82 -16.89 -5.77
N PHE B 176 -16.40 -17.58 -6.84
CA PHE B 176 -17.28 -17.93 -7.94
C PHE B 176 -17.04 -19.37 -8.34
N PRO B 177 -18.09 -20.09 -8.75
CA PRO B 177 -17.95 -21.52 -9.00
C PRO B 177 -17.12 -21.81 -10.24
N ASN B 178 -16.66 -23.07 -10.30
CA ASN B 178 -15.93 -23.60 -11.46
C ASN B 178 -14.66 -22.79 -11.75
N LYS B 179 -13.90 -22.51 -10.71
CA LYS B 179 -12.64 -21.79 -10.86
C LYS B 179 -11.57 -22.75 -11.36
N ARG B 180 -11.04 -22.46 -12.55
CA ARG B 180 -10.08 -23.36 -13.18
C ARG B 180 -8.76 -23.39 -12.42
N ILE B 181 -8.07 -24.51 -12.52
CA ILE B 181 -6.78 -24.72 -11.86
C ILE B 181 -5.77 -25.14 -12.92
N LEU B 182 -4.63 -24.45 -12.96
CA LEU B 182 -3.56 -24.74 -13.90
C LEU B 182 -2.45 -25.49 -13.18
N ARG B 183 -2.02 -26.61 -13.77
CA ARG B 183 -0.96 -27.45 -13.20
C ARG B 183 0.15 -27.61 -14.23
N TYR B 184 1.37 -27.36 -13.80
CA TYR B 184 2.54 -27.42 -14.68
C TYR B 184 3.77 -27.65 -13.82
N GLU B 185 4.87 -27.99 -14.49
CA GLU B 185 6.15 -28.18 -13.82
C GLU B 185 7.24 -27.42 -14.56
N ALA B 186 8.08 -26.73 -13.81
CA ALA B 186 9.17 -25.91 -14.35
C ALA B 186 10.37 -26.02 -13.43
N PRO B 187 11.58 -25.93 -13.98
CA PRO B 187 12.79 -26.09 -13.14
C PRO B 187 13.04 -24.82 -12.34
N ILE B 188 13.28 -24.99 -11.04
CA ILE B 188 13.61 -23.88 -10.16
C ILE B 188 14.92 -24.18 -9.45
N LEU B 189 15.26 -23.38 -8.43
CA LEU B 189 16.48 -23.55 -7.66
C LEU B 189 16.12 -24.02 -6.26
N VAL B 190 16.48 -25.25 -5.93
CA VAL B 190 16.28 -25.83 -4.61
C VAL B 190 17.66 -26.22 -4.07
N ASP B 191 18.04 -25.62 -2.93
CA ASP B 191 19.33 -25.86 -2.30
C ASP B 191 20.49 -25.54 -3.25
N GLY B 192 20.31 -24.56 -4.12
CA GLY B 192 21.35 -24.10 -5.01
C GLY B 192 21.46 -24.86 -6.32
N GLU B 193 20.63 -25.87 -6.56
CA GLU B 193 20.68 -26.66 -7.78
C GLU B 193 19.34 -26.64 -8.49
N LYS B 194 19.36 -27.05 -9.76
CA LYS B 194 18.15 -27.12 -10.57
C LYS B 194 17.35 -28.36 -10.18
N VAL B 195 16.11 -28.16 -9.75
CA VAL B 195 15.21 -29.25 -9.39
C VAL B 195 13.84 -28.93 -9.96
N TRP B 196 13.27 -29.87 -10.71
CA TRP B 196 11.94 -29.69 -11.29
C TRP B 196 10.88 -29.80 -10.21
N ARG B 197 9.88 -28.91 -10.29
CA ARG B 197 8.83 -28.82 -9.28
C ARG B 197 7.48 -28.66 -9.97
N TRP B 198 6.49 -29.40 -9.49
CA TRP B 198 5.13 -29.27 -9.99
C TRP B 198 4.44 -28.08 -9.32
N PHE B 199 3.88 -27.20 -10.13
CA PHE B 199 3.22 -25.99 -9.64
C PHE B 199 1.71 -26.11 -9.77
N GLU B 200 1.00 -25.46 -8.85
CA GLU B 200 -0.46 -25.41 -8.85
C GLU B 200 -0.88 -23.98 -8.61
N GLU B 201 -1.68 -23.43 -9.52
CA GLU B 201 -2.13 -22.05 -9.43
C GLU B 201 -3.43 -21.89 -10.19
N PHE B 202 -4.18 -20.86 -9.81
CA PHE B 202 -5.38 -20.50 -10.56
C PHE B 202 -4.97 -19.98 -11.94
N ASP B 203 -5.59 -20.53 -12.98
CA ASP B 203 -5.18 -20.24 -14.34
C ASP B 203 -5.36 -18.76 -14.64
N THR B 204 -4.26 -18.11 -15.03
CA THR B 204 -4.28 -16.70 -15.39
C THR B 204 -4.12 -16.43 -16.88
N SER B 205 -3.68 -17.41 -17.65
CA SER B 205 -3.48 -17.24 -19.09
C SER B 205 -4.78 -17.37 -19.88
N ASP B 206 -5.90 -17.65 -19.22
CA ASP B 206 -7.19 -17.76 -19.89
C ASP B 206 -8.29 -17.29 -18.94
N PRO B 207 -9.26 -16.53 -19.44
CA PRO B 207 -10.34 -16.03 -18.59
C PRO B 207 -11.25 -17.16 -18.14
N PRO B 208 -11.92 -16.99 -17.00
CA PRO B 208 -12.74 -18.09 -16.45
C PRO B 208 -14.10 -18.18 -17.13
N ASP B 209 -14.43 -19.39 -17.61
CA ASP B 209 -15.76 -19.74 -18.10
C ASP B 209 -16.20 -18.84 -19.25
N GLY B 210 -15.51 -19.02 -20.37
CA GLY B 210 -15.91 -18.42 -21.63
C GLY B 210 -15.99 -16.90 -21.65
N LEU B 211 -15.45 -16.24 -20.64
CA LEU B 211 -15.44 -14.78 -20.65
C LEU B 211 -14.44 -14.27 -21.68
N ALA B 212 -14.55 -12.97 -21.98
CA ALA B 212 -13.64 -12.35 -22.94
C ALA B 212 -12.21 -12.37 -22.41
N ASP B 213 -11.26 -12.59 -23.33
CA ASP B 213 -9.85 -12.59 -22.93
C ASP B 213 -9.38 -11.22 -22.46
N ASP B 214 -10.12 -10.16 -22.78
CA ASP B 214 -9.79 -8.80 -22.34
C ASP B 214 -10.81 -8.28 -21.34
N TYR B 215 -11.46 -9.17 -20.59
CA TYR B 215 -12.50 -8.74 -19.66
C TYR B 215 -11.94 -7.94 -18.50
N PHE B 216 -10.63 -7.95 -18.27
CA PHE B 216 -10.03 -7.06 -17.28
C PHE B 216 -10.22 -5.60 -17.68
N ALA B 217 -10.22 -5.30 -18.98
CA ALA B 217 -10.35 -3.92 -19.43
C ALA B 217 -11.72 -3.35 -19.05
N GLY B 218 -12.77 -4.17 -19.11
CA GLY B 218 -14.09 -3.69 -18.75
C GLY B 218 -14.19 -3.35 -17.27
N ILE B 219 -13.58 -4.18 -16.42
CA ILE B 219 -13.63 -3.94 -14.98
C ILE B 219 -12.93 -2.63 -14.62
N VAL B 220 -11.81 -2.34 -15.28
CA VAL B 220 -11.12 -1.08 -15.05
C VAL B 220 -11.93 0.09 -15.59
N GLU B 221 -12.56 -0.10 -16.76
CA GLU B 221 -13.37 0.97 -17.33
C GLU B 221 -14.60 1.26 -16.47
N GLU B 222 -15.21 0.21 -15.89
CA GLU B 222 -16.35 0.42 -15.01
C GLU B 222 -15.91 1.04 -13.70
N PHE B 223 -14.74 0.66 -13.19
CA PHE B 223 -14.24 1.26 -11.96
C PHE B 223 -13.91 2.74 -12.17
N LEU B 224 -13.35 3.09 -13.33
CA LEU B 224 -13.03 4.48 -13.61
C LEU B 224 -14.29 5.33 -13.73
N ALA B 225 -15.42 4.72 -14.10
CA ALA B 225 -16.68 5.45 -14.19
C ALA B 225 -17.15 5.93 -12.82
N THR B 226 -16.67 5.33 -11.74
CA THR B 226 -17.00 5.76 -10.39
C THR B 226 -16.29 7.03 -9.98
N GLY B 227 -15.36 7.53 -10.77
CA GLY B 227 -14.56 8.67 -10.38
C GLY B 227 -13.53 8.39 -9.31
N ARG B 228 -13.28 7.12 -8.99
CA ARG B 228 -12.34 6.77 -7.94
C ARG B 228 -10.90 6.77 -8.44
N GLY B 229 -10.68 6.42 -9.70
CA GLY B 229 -9.38 6.52 -10.32
C GLY B 229 -9.14 7.91 -10.87
N LYS B 230 -8.15 8.01 -11.76
CA LYS B 230 -7.87 9.28 -12.42
C LYS B 230 -7.07 9.01 -13.68
N ARG B 231 -7.47 9.65 -14.78
CA ARG B 231 -6.77 9.57 -16.04
C ARG B 231 -5.84 10.78 -16.21
N GLY B 232 -5.04 10.74 -17.27
CA GLY B 232 -4.11 11.81 -17.55
C GLY B 232 -2.96 11.38 -18.43
N LYS B 233 -2.46 12.29 -19.24
CA LYS B 233 -1.36 11.99 -20.15
C LYS B 233 -0.03 12.06 -19.41
N ILE B 234 0.78 11.02 -19.57
CA ILE B 234 2.16 11.01 -19.10
C ILE B 234 3.05 10.96 -20.33
N GLY B 235 3.67 12.08 -20.66
CA GLY B 235 4.34 12.20 -21.94
C GLY B 235 3.32 12.35 -23.04
N GLU B 236 3.23 11.37 -23.93
CA GLU B 236 2.20 11.32 -24.96
C GLU B 236 1.36 10.04 -24.86
N ALA B 237 1.30 9.44 -23.67
CA ALA B 237 0.60 8.18 -23.45
C ALA B 237 -0.55 8.41 -22.48
N SER B 238 -1.76 8.07 -22.91
CA SER B 238 -2.91 8.12 -22.03
C SER B 238 -2.76 7.06 -20.94
N SER B 239 -2.82 7.48 -19.68
CA SER B 239 -2.54 6.61 -18.55
C SER B 239 -3.73 6.54 -17.61
N VAL B 240 -3.72 5.52 -16.76
CA VAL B 240 -4.77 5.28 -15.77
C VAL B 240 -4.11 4.90 -14.46
N LEU B 241 -4.32 5.72 -13.42
CA LEU B 241 -3.84 5.43 -12.08
C LEU B 241 -5.03 5.03 -11.21
N VAL B 242 -4.88 3.94 -10.47
CA VAL B 242 -5.99 3.36 -9.73
C VAL B 242 -5.49 2.82 -8.39
N PRO B 243 -6.20 3.06 -7.30
CA PRO B 243 -5.80 2.47 -6.02
C PRO B 243 -5.87 0.95 -6.07
N ALA B 244 -4.84 0.31 -5.52
CA ALA B 244 -4.73 -1.14 -5.62
C ALA B 244 -5.81 -1.83 -4.81
N ASP B 245 -6.11 -1.32 -3.61
CA ASP B 245 -7.09 -1.99 -2.75
C ASP B 245 -8.51 -1.81 -3.24
N GLU B 246 -8.82 -0.66 -3.85
CA GLU B 246 -10.20 -0.38 -4.22
C GLU B 246 -10.64 -1.15 -5.45
N ILE B 247 -9.74 -1.36 -6.42
CA ILE B 247 -10.14 -2.06 -7.62
C ILE B 247 -10.17 -3.56 -7.40
N VAL B 248 -9.39 -4.08 -6.45
CA VAL B 248 -9.50 -5.50 -6.10
C VAL B 248 -10.84 -5.76 -5.43
N ALA B 249 -11.24 -4.89 -4.51
CA ALA B 249 -12.58 -4.99 -3.95
C ALA B 249 -13.65 -4.77 -5.00
N PHE B 250 -13.37 -3.92 -5.99
CA PHE B 250 -14.30 -3.74 -7.10
C PHE B 250 -14.37 -4.99 -7.99
N ALA B 251 -13.22 -5.57 -8.30
CA ALA B 251 -13.20 -6.75 -9.16
C ALA B 251 -13.74 -7.98 -8.42
N VAL B 252 -13.61 -8.02 -7.10
CA VAL B 252 -14.18 -9.12 -6.34
C VAL B 252 -15.70 -9.09 -6.41
N ASP B 253 -16.30 -7.92 -6.14
CA ASP B 253 -17.75 -7.80 -6.23
C ASP B 253 -18.23 -7.95 -7.67
N TRP B 254 -17.40 -7.55 -8.65
CA TRP B 254 -17.76 -7.75 -10.05
C TRP B 254 -17.77 -9.24 -10.40
N LEU B 255 -16.77 -9.99 -9.93
CA LEU B 255 -16.69 -11.41 -10.24
C LEU B 255 -17.67 -12.23 -9.40
N GLU B 256 -17.84 -11.88 -8.13
CA GLU B 256 -18.75 -12.63 -7.28
C GLU B 256 -20.19 -12.51 -7.76
N ARG B 257 -20.60 -11.30 -8.14
CA ARG B 257 -21.95 -11.12 -8.68
C ARG B 257 -22.08 -11.76 -10.06
N TRP B 258 -20.97 -11.90 -10.79
CA TRP B 258 -21.03 -12.56 -12.09
C TRP B 258 -21.22 -14.07 -11.94
N GLY B 259 -20.48 -14.69 -11.02
CA GLY B 259 -20.66 -16.10 -10.77
C GLY B 259 -22.03 -16.44 -10.21
N ARG B 260 -22.62 -15.50 -9.48
CA ARG B 260 -23.99 -15.68 -9.00
C ARG B 260 -24.97 -15.65 -10.16
N THR B 261 -24.84 -14.66 -11.04
CA THR B 261 -25.66 -14.62 -12.24
C THR B 261 -25.29 -15.74 -13.21
N ALA B 262 -24.02 -16.14 -13.22
CA ALA B 262 -23.52 -17.23 -14.06
C ALA B 262 -23.81 -16.99 -15.54
N ARG C 4 -56.32 -6.58 -11.02
CA ARG C 4 -55.56 -7.79 -11.31
C ARG C 4 -54.06 -7.47 -11.38
N VAL C 5 -53.37 -7.66 -10.27
CA VAL C 5 -51.95 -7.33 -10.16
C VAL C 5 -51.11 -8.48 -10.68
N SER C 6 -49.91 -8.16 -11.14
CA SER C 6 -48.94 -9.14 -11.61
C SER C 6 -47.79 -9.22 -10.61
N THR C 7 -47.23 -10.43 -10.48
CA THR C 7 -46.13 -10.69 -9.57
C THR C 7 -44.94 -11.23 -10.34
N ARG C 8 -43.82 -11.37 -9.64
CA ARG C 8 -42.63 -11.99 -10.25
C ARG C 8 -42.90 -13.44 -10.62
N SER C 9 -43.85 -14.09 -9.95
CA SER C 9 -44.22 -15.46 -10.31
C SER C 9 -45.21 -15.49 -11.46
N SER C 10 -46.19 -14.59 -11.46
CA SER C 10 -47.17 -14.55 -12.53
C SER C 10 -46.53 -14.13 -13.84
N LEU C 11 -45.69 -13.10 -13.81
CA LEU C 11 -44.99 -12.67 -15.02
C LEU C 11 -44.03 -13.74 -15.53
N ALA C 12 -43.54 -14.60 -14.64
CA ALA C 12 -42.62 -15.66 -15.03
C ALA C 12 -43.28 -16.62 -16.01
N GLU C 13 -44.30 -17.34 -15.56
CA GLU C 13 -44.99 -18.27 -16.45
C GLU C 13 -45.85 -17.57 -17.49
N ASP C 14 -45.99 -16.24 -17.40
CA ASP C 14 -46.59 -15.49 -18.50
C ASP C 14 -45.62 -15.41 -19.68
N LEU C 15 -44.35 -15.14 -19.41
CA LEU C 15 -43.34 -15.15 -20.46
C LEU C 15 -43.05 -16.57 -20.93
N ARG C 16 -43.02 -17.52 -19.99
CA ARG C 16 -42.75 -18.91 -20.34
C ARG C 16 -43.84 -19.51 -21.22
N ALA C 17 -45.05 -18.95 -21.19
CA ALA C 17 -46.15 -19.41 -22.04
C ALA C 17 -46.11 -18.80 -23.43
N ILE C 18 -45.60 -17.58 -23.57
CA ILE C 18 -45.55 -16.94 -24.89
C ILE C 18 -44.40 -17.48 -25.72
N GLY C 19 -43.43 -18.15 -25.11
CA GLY C 19 -42.35 -18.77 -25.87
C GLY C 19 -40.97 -18.56 -25.31
N LEU C 20 -40.85 -17.82 -24.21
CA LEU C 20 -39.56 -17.57 -23.60
C LEU C 20 -39.05 -18.84 -22.93
N ALA C 21 -37.85 -19.28 -23.31
CA ALA C 21 -37.26 -20.51 -22.82
C ALA C 21 -35.91 -20.22 -22.16
N ASP C 22 -35.27 -21.29 -21.68
CA ASP C 22 -34.00 -21.16 -20.97
C ASP C 22 -32.85 -20.91 -21.93
N GLY C 23 -31.92 -20.05 -21.52
CA GLY C 23 -30.67 -19.85 -22.23
C GLY C 23 -30.72 -18.90 -23.41
N ASP C 24 -31.90 -18.53 -23.88
CA ASP C 24 -31.99 -17.67 -25.05
C ASP C 24 -31.85 -16.20 -24.66
N ALA C 25 -31.35 -15.41 -25.61
CA ALA C 25 -31.20 -13.97 -25.44
C ALA C 25 -32.34 -13.27 -26.17
N VAL C 26 -33.09 -12.44 -25.44
CA VAL C 26 -34.29 -11.81 -25.96
C VAL C 26 -34.11 -10.29 -25.92
N LEU C 27 -34.31 -9.64 -27.06
CA LEU C 27 -34.37 -8.19 -27.14
C LEU C 27 -35.78 -7.73 -26.86
N VAL C 28 -35.93 -6.80 -25.91
CA VAL C 28 -37.24 -6.39 -25.42
C VAL C 28 -37.41 -4.89 -25.64
N ALA C 29 -38.53 -4.52 -26.28
CA ALA C 29 -38.98 -3.14 -26.35
C ALA C 29 -40.35 -3.09 -25.67
N ALA C 30 -40.44 -2.36 -24.57
CA ALA C 30 -41.58 -2.46 -23.67
C ALA C 30 -42.29 -1.12 -23.53
N ALA C 31 -43.56 -1.21 -23.14
CA ALA C 31 -44.39 -0.08 -22.71
C ALA C 31 -44.90 -0.46 -21.33
N LEU C 32 -44.14 -0.07 -20.29
CA LEU C 32 -44.41 -0.57 -18.95
C LEU C 32 -45.77 -0.14 -18.43
N ARG C 33 -46.29 0.99 -18.91
CA ARG C 33 -47.58 1.47 -18.45
C ARG C 33 -48.72 0.55 -18.83
N LYS C 34 -48.56 -0.25 -19.88
CA LYS C 34 -49.61 -1.17 -20.33
C LYS C 34 -49.55 -2.52 -19.65
N VAL C 35 -48.46 -2.83 -18.92
CA VAL C 35 -48.37 -4.12 -18.24
C VAL C 35 -49.36 -4.21 -17.10
N GLY C 36 -49.64 -3.09 -16.44
CA GLY C 36 -50.58 -3.06 -15.34
C GLY C 36 -49.89 -2.95 -13.99
N LYS C 37 -50.66 -3.24 -12.95
CA LYS C 37 -50.14 -3.17 -11.58
C LYS C 37 -49.17 -4.31 -11.34
N ILE C 38 -47.93 -3.97 -10.96
CA ILE C 38 -46.91 -4.95 -10.60
C ILE C 38 -46.46 -4.66 -9.17
N VAL C 39 -46.24 -5.72 -8.41
CA VAL C 39 -45.90 -5.60 -6.98
C VAL C 39 -44.58 -4.86 -6.81
N GLY C 40 -43.48 -5.51 -7.18
CA GLY C 40 -42.17 -4.90 -7.02
C GLY C 40 -41.79 -3.96 -8.14
N GLY C 41 -42.74 -3.16 -8.60
CA GLY C 41 -42.50 -2.23 -9.68
C GLY C 41 -42.23 -2.95 -10.99
N PRO C 42 -41.73 -2.21 -11.98
CA PRO C 42 -41.39 -2.83 -13.27
C PRO C 42 -40.16 -3.74 -13.20
N ASP C 43 -39.45 -3.77 -12.09
CA ASP C 43 -38.30 -4.66 -11.94
C ASP C 43 -38.71 -6.13 -11.89
N ASP C 44 -39.96 -6.43 -11.52
CA ASP C 44 -40.41 -7.81 -11.50
C ASP C 44 -40.46 -8.41 -12.90
N ILE C 45 -40.63 -7.57 -13.93
CA ILE C 45 -40.60 -8.06 -15.30
C ILE C 45 -39.22 -8.60 -15.64
N LEU C 46 -38.18 -7.81 -15.37
CA LEU C 46 -36.82 -8.25 -15.67
C LEU C 46 -36.40 -9.42 -14.79
N ASP C 47 -36.84 -9.43 -13.54
CA ASP C 47 -36.50 -10.53 -12.65
C ASP C 47 -37.20 -11.82 -13.07
N ALA C 48 -38.43 -11.70 -13.59
CA ALA C 48 -39.13 -12.87 -14.08
C ALA C 48 -38.50 -13.42 -15.35
N ARG C 50 -35.20 -13.23 -16.17
CA ARG C 50 -34.00 -13.93 -15.73
C ARG C 50 -34.33 -15.26 -15.07
N ASP C 51 -35.46 -15.34 -14.38
CA ASP C 51 -35.92 -16.62 -13.85
C ASP C 51 -36.29 -17.58 -14.96
N VAL C 52 -36.82 -17.07 -16.07
CA VAL C 52 -37.27 -17.93 -17.15
C VAL C 52 -36.11 -18.30 -18.07
N ILE C 53 -35.30 -17.33 -18.46
CA ILE C 53 -34.22 -17.58 -19.41
C ILE C 53 -33.04 -18.21 -18.69
N GLY C 54 -33.14 -18.30 -17.37
CA GLY C 54 -32.12 -18.94 -16.57
C GLY C 54 -30.88 -18.08 -16.44
N PRO C 55 -29.80 -18.68 -15.93
CA PRO C 55 -28.56 -17.92 -15.71
C PRO C 55 -27.70 -17.73 -16.95
N ALA C 56 -28.04 -18.35 -18.08
CA ALA C 56 -27.26 -18.23 -19.30
C ALA C 56 -27.90 -17.32 -20.35
N GLY C 57 -29.11 -16.82 -20.11
CA GLY C 57 -29.76 -15.95 -21.06
C GLY C 57 -29.41 -14.49 -20.84
N THR C 58 -29.83 -13.65 -21.79
CA THR C 58 -29.55 -12.23 -21.76
C THR C 58 -30.79 -11.45 -22.14
N VAL C 59 -31.03 -10.33 -21.46
CA VAL C 59 -32.12 -9.42 -21.77
C VAL C 59 -31.54 -8.12 -22.30
N LEU C 60 -32.02 -7.69 -23.46
CA LEU C 60 -31.51 -6.51 -24.13
C LEU C 60 -32.58 -5.42 -24.20
N GLY C 61 -32.12 -4.19 -24.45
CA GLY C 61 -33.02 -3.05 -24.57
C GLY C 61 -32.39 -1.90 -25.33
N TYR C 62 -33.10 -1.36 -26.30
CA TYR C 62 -32.57 -0.27 -27.13
C TYR C 62 -32.46 0.99 -26.30
N ALA C 63 -31.22 1.37 -25.97
CA ALA C 63 -30.97 2.48 -25.06
C ALA C 63 -30.86 3.81 -25.78
N ASP C 64 -29.98 3.90 -26.78
CA ASP C 64 -29.68 5.15 -27.49
C ASP C 64 -29.20 6.16 -26.44
N TRP C 65 -29.47 7.45 -26.66
CA TRP C 65 -29.24 8.45 -25.62
C TRP C 65 -30.01 9.72 -25.95
N GLN C 66 -30.34 10.47 -24.90
CA GLN C 66 -31.13 11.70 -25.03
C GLN C 66 -30.24 12.79 -25.64
N LEU C 67 -30.22 12.80 -26.97
CA LEU C 67 -29.33 13.66 -27.74
C LEU C 67 -30.03 14.87 -28.32
N GLU C 68 -31.17 14.66 -28.97
CA GLU C 68 -32.12 15.69 -29.39
C GLU C 68 -31.57 16.62 -30.47
N ASP C 69 -30.37 16.36 -30.99
CA ASP C 69 -29.84 17.02 -32.17
C ASP C 69 -29.61 18.51 -31.97
N GLU C 70 -29.32 18.95 -30.74
CA GLU C 70 -28.79 20.30 -30.56
C GLU C 70 -27.45 20.44 -31.27
N ILE C 71 -26.62 19.40 -31.20
CA ILE C 71 -25.26 19.46 -31.70
C ILE C 71 -24.98 19.80 -33.16
N ARG C 72 -25.75 19.25 -34.08
CA ARG C 72 -25.57 19.51 -35.50
C ARG C 72 -25.81 20.97 -35.96
N ASP C 73 -26.82 21.61 -35.36
CA ASP C 73 -27.24 22.95 -35.77
C ASP C 73 -27.11 23.97 -34.64
N ASP C 74 -26.31 23.68 -33.61
CA ASP C 74 -26.02 24.66 -32.56
C ASP C 74 -24.55 24.61 -32.18
N PRO C 75 -23.79 25.39 -32.95
CA PRO C 75 -22.42 25.75 -32.54
C PRO C 75 -22.64 26.75 -31.37
N ALA C 76 -21.70 26.86 -30.43
CA ALA C 76 -21.86 27.74 -29.27
C ALA C 76 -22.55 27.05 -28.08
N ARG C 78 -21.19 23.67 -28.39
CA ARG C 78 -20.31 22.56 -28.77
C ARG C 78 -19.37 22.17 -27.64
N GLU C 79 -18.80 23.16 -26.94
CA GLU C 79 -17.93 22.88 -25.82
C GLU C 79 -18.69 22.45 -24.56
N HIS C 80 -20.01 22.58 -24.56
CA HIS C 80 -20.82 22.23 -23.40
C HIS C 80 -21.55 20.91 -23.54
N ILE C 81 -21.67 20.38 -24.75
CA ILE C 81 -22.37 19.11 -24.98
C ILE C 81 -21.52 17.96 -24.45
N PRO C 82 -22.02 17.15 -23.53
CA PRO C 82 -21.22 16.05 -22.98
C PRO C 82 -21.07 14.92 -23.98
N ALA C 83 -19.86 14.40 -24.08
CA ALA C 83 -19.57 13.29 -24.99
C ALA C 83 -20.29 12.03 -24.54
N PHE C 84 -20.59 11.14 -25.49
CA PHE C 84 -21.31 9.92 -25.18
C PHE C 84 -20.43 9.00 -24.34
N ASP C 85 -20.87 8.73 -23.12
CA ASP C 85 -20.21 7.75 -22.27
C ASP C 85 -21.08 6.50 -22.21
N PRO C 86 -20.63 5.36 -22.73
CA PRO C 86 -21.46 4.15 -22.67
C PRO C 86 -21.71 3.64 -21.26
N LEU C 87 -21.09 4.24 -20.24
CA LEU C 87 -21.30 3.86 -18.86
C LEU C 87 -21.90 4.97 -18.01
N ARG C 88 -22.16 6.14 -18.59
CA ARG C 88 -22.72 7.26 -17.85
C ARG C 88 -23.92 7.90 -18.52
N SER C 89 -23.90 8.03 -19.85
CA SER C 89 -25.04 8.62 -20.56
C SER C 89 -26.29 7.78 -20.34
N ARG C 90 -27.42 8.47 -20.22
CA ARG C 90 -28.69 7.81 -19.94
C ARG C 90 -29.45 7.51 -21.22
N SER C 91 -30.30 6.50 -21.16
CA SER C 91 -31.05 6.06 -22.33
C SER C 91 -32.05 7.14 -22.77
N ILE C 92 -32.54 6.99 -23.99
CA ILE C 92 -33.46 7.96 -24.56
C ILE C 92 -34.85 7.76 -23.97
N ARG C 93 -35.57 8.86 -23.80
CA ARG C 93 -36.89 8.84 -23.19
C ARG C 93 -38.01 8.63 -24.21
N ASP C 94 -37.69 8.63 -25.51
CA ASP C 94 -38.73 8.46 -26.53
C ASP C 94 -39.24 7.03 -26.56
N ASN C 95 -38.39 6.04 -26.26
CA ASN C 95 -38.80 4.65 -26.33
C ASN C 95 -39.51 4.21 -25.06
N GLY C 96 -39.02 4.65 -23.90
CA GLY C 96 -39.61 4.27 -22.64
C GLY C 96 -38.58 4.04 -21.55
N PHE C 97 -39.05 3.76 -20.34
CA PHE C 97 -38.16 3.51 -19.21
C PHE C 97 -37.51 2.13 -19.24
N TRP C 98 -37.94 1.26 -20.15
CA TRP C 98 -37.43 -0.11 -20.16
C TRP C 98 -35.93 -0.20 -20.37
N PRO C 99 -35.31 0.43 -21.38
CA PRO C 99 -33.85 0.30 -21.52
C PRO C 99 -33.08 0.88 -20.36
N GLU C 100 -33.57 1.97 -19.76
CA GLU C 100 -32.92 2.51 -18.58
C GLU C 100 -33.09 1.58 -17.38
N LEU C 101 -34.22 0.87 -17.31
CA LEU C 101 -34.40 -0.13 -16.26
C LEU C 101 -33.34 -1.22 -16.36
N ILE C 102 -32.89 -1.53 -17.57
CA ILE C 102 -31.83 -2.52 -17.75
C ILE C 102 -30.47 -1.90 -17.43
N ARG C 103 -30.21 -0.71 -18.00
CA ARG C 103 -28.87 -0.10 -17.86
C ARG C 103 -28.55 0.21 -16.41
N THR C 104 -29.52 0.71 -15.66
CA THR C 104 -29.29 1.06 -14.25
C THR C 104 -29.23 -0.16 -13.34
N THR C 105 -29.57 -1.33 -13.84
CA THR C 105 -29.47 -2.54 -13.03
C THR C 105 -28.00 -2.94 -12.88
N PRO C 106 -27.52 -3.16 -11.65
CA PRO C 106 -26.11 -3.51 -11.48
C PRO C 106 -25.78 -4.84 -12.14
N GLY C 107 -24.66 -4.85 -12.87
CA GLY C 107 -24.25 -6.01 -13.64
C GLY C 107 -24.61 -5.95 -15.11
N ALA C 108 -25.19 -4.86 -15.57
CA ALA C 108 -25.58 -4.70 -16.95
C ALA C 108 -24.56 -3.84 -17.70
N LEU C 109 -24.42 -4.10 -18.99
CA LEU C 109 -23.50 -3.37 -19.85
C LEU C 109 -24.27 -2.68 -20.96
N ARG C 110 -23.59 -1.77 -21.65
CA ARG C 110 -24.19 -1.02 -22.74
C ARG C 110 -23.17 -0.81 -23.84
N SER C 111 -23.61 -0.98 -25.09
CA SER C 111 -22.71 -0.92 -26.23
C SER C 111 -22.15 0.49 -26.42
N ALA C 112 -21.10 0.58 -27.24
CA ALA C 112 -20.34 1.81 -27.39
C ALA C 112 -20.82 2.69 -28.55
N SER C 113 -21.69 2.18 -29.42
CA SER C 113 -22.21 3.00 -30.50
C SER C 113 -23.35 3.87 -29.98
N PRO C 114 -23.27 5.20 -30.10
CA PRO C 114 -24.26 6.07 -29.46
C PRO C 114 -25.66 5.93 -30.03
N GLY C 115 -25.78 5.97 -31.36
CA GLY C 115 -27.09 5.95 -31.97
C GLY C 115 -27.82 4.63 -31.79
N ALA C 116 -27.11 3.52 -31.91
CA ALA C 116 -27.69 2.19 -31.80
C ALA C 116 -27.33 1.52 -30.48
N SER C 117 -27.25 2.31 -29.41
CA SER C 117 -26.80 1.79 -28.13
C SER C 117 -27.77 0.76 -27.57
N ALA C 119 -28.49 -1.98 -24.29
CA ALA C 119 -28.17 -2.33 -22.90
C ALA C 119 -28.57 -3.78 -22.67
N ALA C 120 -27.61 -4.60 -22.23
CA ALA C 120 -27.83 -6.02 -22.05
C ALA C 120 -27.39 -6.44 -20.66
N ILE C 121 -28.18 -7.31 -20.02
CA ILE C 121 -27.85 -7.90 -18.74
C ILE C 121 -28.14 -9.40 -18.83
N GLY C 122 -27.19 -10.21 -18.39
CA GLY C 122 -27.35 -11.64 -18.41
C GLY C 122 -26.00 -12.33 -18.59
N GLY C 123 -26.07 -13.60 -19.00
CA GLY C 123 -24.85 -14.39 -19.13
C GLY C 123 -23.95 -13.88 -20.25
N GLU C 124 -24.51 -13.70 -21.44
CA GLU C 124 -23.75 -13.24 -22.59
C GLU C 124 -23.88 -11.73 -22.80
N ALA C 125 -24.15 -10.98 -21.73
CA ALA C 125 -24.32 -9.54 -21.86
C ALA C 125 -23.03 -8.85 -22.31
N GLU C 126 -21.87 -9.43 -21.96
CA GLU C 126 -20.61 -8.82 -22.37
C GLU C 126 -20.40 -8.97 -23.88
N TRP C 127 -20.75 -10.14 -24.43
CA TRP C 127 -20.51 -10.38 -25.85
C TRP C 127 -21.45 -9.57 -26.74
N PHE C 128 -22.68 -9.31 -26.28
CA PHE C 128 -23.62 -8.55 -27.09
C PHE C 128 -23.22 -7.09 -27.20
N THR C 129 -22.68 -6.52 -26.13
CA THR C 129 -22.31 -5.11 -26.11
C THR C 129 -20.88 -4.85 -26.55
N ALA C 130 -20.08 -5.90 -26.75
CA ALA C 130 -18.67 -5.72 -27.11
C ALA C 130 -18.52 -5.52 -28.61
N ASP C 131 -17.60 -4.63 -28.97
CA ASP C 131 -17.20 -4.41 -30.37
C ASP C 131 -18.40 -4.00 -31.23
N HIS C 132 -19.14 -3.01 -30.75
CA HIS C 132 -20.24 -2.44 -31.52
C HIS C 132 -19.71 -1.32 -32.41
N ALA C 133 -19.91 -1.46 -33.71
CA ALA C 133 -19.37 -0.49 -34.66
C ALA C 133 -20.08 0.85 -34.54
N LEU C 134 -19.29 1.92 -34.54
CA LEU C 134 -19.86 3.27 -34.49
C LEU C 134 -20.38 3.69 -35.86
N ASP C 135 -19.69 3.31 -36.93
CA ASP C 135 -20.17 3.53 -38.28
C ASP C 135 -21.04 2.36 -38.69
N TYR C 136 -22.27 2.66 -39.12
CA TYR C 136 -23.27 1.64 -39.44
C TYR C 136 -23.48 0.71 -38.24
N GLY C 137 -23.98 1.29 -37.15
CA GLY C 137 -24.21 0.58 -35.92
C GLY C 137 -25.38 -0.38 -35.94
N TYR C 138 -26.05 -0.55 -37.08
CA TYR C 138 -27.14 -1.51 -37.22
C TYR C 138 -26.78 -2.65 -38.15
N GLY C 139 -25.50 -2.83 -38.47
CA GLY C 139 -25.07 -3.86 -39.38
C GLY C 139 -24.73 -5.17 -38.68
N PRO C 140 -23.84 -5.96 -39.29
CA PRO C 140 -23.51 -7.25 -38.70
C PRO C 140 -22.77 -7.14 -37.38
N ARG C 141 -21.84 -6.19 -37.26
CA ARG C 141 -21.06 -6.00 -36.04
C ARG C 141 -21.83 -5.10 -35.08
N SER C 142 -22.92 -5.65 -34.55
CA SER C 142 -23.82 -4.91 -33.66
C SER C 142 -24.58 -5.92 -32.81
N PRO C 143 -25.17 -5.48 -31.71
CA PRO C 143 -26.01 -6.41 -30.93
C PRO C 143 -27.16 -7.00 -31.72
N LEU C 144 -27.67 -6.26 -32.71
CA LEU C 144 -28.73 -6.80 -33.57
C LEU C 144 -28.21 -7.93 -34.44
N GLY C 145 -26.98 -7.80 -34.96
CA GLY C 145 -26.40 -8.87 -35.74
C GLY C 145 -26.04 -10.08 -34.90
N LYS C 146 -25.53 -9.84 -33.68
CA LYS C 146 -25.23 -10.95 -32.79
C LYS C 146 -26.49 -11.62 -32.28
N LEU C 147 -27.61 -10.89 -32.25
CA LEU C 147 -28.89 -11.50 -31.88
C LEU C 147 -29.34 -12.53 -32.91
N VAL C 148 -28.92 -12.36 -34.17
CA VAL C 148 -29.27 -13.33 -35.20
C VAL C 148 -28.37 -14.56 -35.10
N GLU C 149 -27.08 -14.36 -34.76
CA GLU C 149 -26.17 -15.49 -34.63
C GLU C 149 -26.60 -16.41 -33.50
N ALA C 150 -26.92 -15.85 -32.35
CA ALA C 150 -27.35 -16.64 -31.19
C ALA C 150 -28.76 -17.18 -31.32
N LYS C 151 -29.40 -16.99 -32.48
CA LYS C 151 -30.79 -17.43 -32.70
C LYS C 151 -31.71 -16.88 -31.60
N GLY C 152 -31.47 -15.63 -31.23
CA GLY C 152 -32.23 -15.00 -30.17
C GLY C 152 -33.65 -14.68 -30.60
N LYS C 153 -34.36 -14.03 -29.67
CA LYS C 153 -35.77 -13.68 -29.87
C LYS C 153 -35.95 -12.19 -29.62
N VAL C 154 -37.11 -11.69 -30.00
CA VAL C 154 -37.48 -10.28 -29.81
C VAL C 154 -38.90 -10.25 -29.27
N LEU C 155 -39.08 -9.59 -28.13
CA LEU C 155 -40.36 -9.55 -27.43
C LEU C 155 -40.87 -8.12 -27.41
N LEU C 157 -43.11 -6.23 -25.55
CA LEU C 157 -43.87 -6.15 -24.30
C LEU C 157 -44.58 -4.80 -24.25
N GLY C 158 -45.74 -4.73 -24.89
CA GLY C 158 -46.55 -3.55 -24.94
C GLY C 158 -46.19 -2.56 -25.99
N ALA C 159 -45.16 -2.83 -26.73
CA ALA C 159 -44.68 -1.87 -27.69
C ALA C 159 -45.25 -2.01 -29.05
N PRO C 160 -45.61 -0.90 -29.70
CA PRO C 160 -46.19 -1.15 -31.03
C PRO C 160 -45.18 -1.79 -31.99
N LEU C 161 -45.61 -2.77 -32.79
CA LEU C 161 -44.73 -3.41 -33.75
C LEU C 161 -43.97 -2.40 -34.59
N ASP C 162 -44.45 -1.16 -34.64
CA ASP C 162 -43.75 -0.09 -35.35
C ASP C 162 -42.34 0.11 -34.81
N THR C 163 -42.13 -0.13 -33.53
CA THR C 163 -40.87 0.19 -32.86
C THR C 163 -39.90 -0.98 -32.81
N THR C 165 -36.88 -2.44 -33.36
CA THR C 165 -35.60 -1.91 -33.82
C THR C 165 -34.80 -2.95 -34.59
N LEU C 166 -35.04 -4.23 -34.33
CA LEU C 166 -34.28 -5.28 -35.01
C LEU C 166 -34.39 -5.20 -36.52
N LEU C 167 -35.57 -4.79 -37.02
CA LEU C 167 -35.77 -4.73 -38.48
C LEU C 167 -34.90 -3.68 -39.14
N HIS C 168 -34.31 -2.74 -38.38
CA HIS C 168 -33.34 -1.83 -38.95
C HIS C 168 -32.08 -2.57 -39.40
N HIS C 169 -31.75 -3.68 -38.74
CA HIS C 169 -30.67 -4.53 -39.23
C HIS C 169 -31.01 -5.14 -40.58
N ALA C 170 -32.29 -5.45 -40.82
CA ALA C 170 -32.70 -5.92 -42.13
C ALA C 170 -32.61 -4.80 -43.16
N GLU C 171 -32.86 -3.56 -42.75
CA GLU C 171 -32.66 -2.42 -43.66
C GLU C 171 -31.20 -2.31 -44.07
N HIS C 172 -30.27 -2.67 -43.18
CA HIS C 172 -28.86 -2.69 -43.55
C HIS C 172 -28.55 -3.85 -44.48
N LEU C 173 -29.14 -5.02 -44.22
CA LEU C 173 -28.91 -6.20 -45.05
C LEU C 173 -29.77 -6.21 -46.31
N ALA C 174 -30.67 -5.25 -46.48
CA ALA C 174 -31.54 -5.24 -47.64
C ALA C 174 -30.78 -4.83 -48.89
N ASP C 175 -31.36 -5.16 -50.04
CA ASP C 175 -30.72 -4.93 -51.33
C ASP C 175 -31.42 -3.87 -52.17
N PHE C 176 -32.44 -3.21 -51.64
CA PHE C 176 -33.14 -2.20 -52.41
C PHE C 176 -32.25 -0.98 -52.62
N PRO C 177 -32.39 -0.30 -53.74
CA PRO C 177 -31.51 0.83 -54.06
C PRO C 177 -31.99 2.13 -53.41
N ASN C 178 -31.21 3.18 -53.62
CA ASN C 178 -31.56 4.54 -53.18
C ASN C 178 -31.76 4.61 -51.67
N LYS C 179 -30.85 3.98 -50.93
CA LYS C 179 -30.90 4.05 -49.47
C LYS C 179 -30.44 5.42 -48.99
N ARG C 180 -31.07 5.90 -47.92
CA ARG C 180 -30.69 7.18 -47.34
C ARG C 180 -29.49 7.01 -46.43
N ILE C 181 -28.44 7.80 -46.68
CA ILE C 181 -27.21 7.75 -45.90
C ILE C 181 -27.19 8.95 -44.96
N LEU C 182 -26.94 8.70 -43.69
CA LEU C 182 -26.96 9.71 -42.64
C LEU C 182 -25.54 10.03 -42.21
N ARG C 183 -25.20 11.32 -42.22
CA ARG C 183 -23.89 11.79 -41.77
C ARG C 183 -24.08 12.86 -40.71
N TYR C 184 -23.34 12.76 -39.61
CA TYR C 184 -23.47 13.71 -38.52
C TYR C 184 -22.20 13.68 -37.68
N GLU C 185 -22.01 14.72 -36.89
CA GLU C 185 -20.84 14.87 -36.02
C GLU C 185 -21.31 14.84 -34.58
N ALA C 186 -20.84 13.84 -33.83
CA ALA C 186 -21.23 13.66 -32.44
C ALA C 186 -20.00 13.42 -31.59
N PRO C 187 -20.03 13.84 -30.32
CA PRO C 187 -18.87 13.65 -29.44
C PRO C 187 -18.88 12.31 -28.70
N ILE C 188 -17.76 11.60 -28.74
CA ILE C 188 -17.60 10.36 -27.98
C ILE C 188 -16.39 10.50 -27.08
N LEU C 189 -16.02 9.41 -26.40
CA LEU C 189 -14.88 9.39 -25.49
C LEU C 189 -13.81 8.47 -26.05
N VAL C 190 -12.63 9.03 -26.31
CA VAL C 190 -11.46 8.28 -26.75
C VAL C 190 -10.37 8.49 -25.71
N ASP C 191 -9.94 7.40 -25.05
CA ASP C 191 -8.97 7.46 -23.96
C ASP C 191 -9.46 8.40 -22.85
N GLY C 192 -10.76 8.35 -22.57
CA GLY C 192 -11.35 9.19 -21.55
C GLY C 192 -11.46 10.65 -21.91
N GLU C 193 -11.15 11.03 -23.15
CA GLU C 193 -11.17 12.42 -23.58
C GLU C 193 -12.33 12.66 -24.52
N LYS C 194 -13.00 13.80 -24.36
CA LYS C 194 -14.10 14.19 -25.23
C LYS C 194 -13.57 14.46 -26.63
N VAL C 195 -13.98 13.64 -27.58
CA VAL C 195 -13.51 13.73 -28.97
C VAL C 195 -14.71 13.70 -29.90
N TRP C 196 -14.76 14.63 -30.85
CA TRP C 196 -15.82 14.70 -31.83
C TRP C 196 -15.52 13.80 -33.01
N ARG C 197 -16.51 13.01 -33.42
CA ARG C 197 -16.33 12.02 -34.47
C ARG C 197 -17.40 12.21 -35.54
N TRP C 198 -17.06 11.83 -36.77
CA TRP C 198 -17.99 11.84 -37.88
C TRP C 198 -18.53 10.43 -38.09
N PHE C 199 -19.85 10.28 -37.99
CA PHE C 199 -20.52 8.99 -38.10
C PHE C 199 -21.21 8.87 -39.45
N GLU C 200 -21.32 7.64 -39.94
CA GLU C 200 -22.00 7.34 -41.19
C GLU C 200 -22.84 6.10 -41.00
N GLU C 201 -24.12 6.19 -41.35
CA GLU C 201 -25.05 5.10 -41.12
C GLU C 201 -26.26 5.28 -42.03
N PHE C 202 -27.00 4.19 -42.22
CA PHE C 202 -28.27 4.26 -42.94
C PHE C 202 -29.29 5.01 -42.10
N ASP C 203 -30.01 5.93 -42.73
CA ASP C 203 -30.98 6.76 -42.03
C ASP C 203 -32.08 5.91 -41.40
N THR C 204 -32.10 5.84 -40.07
CA THR C 204 -33.13 5.11 -39.35
C THR C 204 -34.22 6.01 -38.77
N SER C 205 -34.03 7.33 -38.82
CA SER C 205 -35.05 8.25 -38.33
C SER C 205 -36.20 8.41 -39.31
N ASP C 206 -36.01 8.00 -40.57
CA ASP C 206 -37.04 8.10 -41.59
C ASP C 206 -37.00 6.83 -42.45
N PRO C 207 -38.16 6.31 -42.83
CA PRO C 207 -38.18 5.06 -43.61
C PRO C 207 -37.66 5.28 -45.01
N PRO C 208 -37.37 4.21 -45.75
CA PRO C 208 -36.98 4.37 -47.16
C PRO C 208 -38.09 5.03 -47.96
N ASP C 209 -37.68 5.68 -49.06
CA ASP C 209 -38.64 6.43 -49.87
C ASP C 209 -39.70 5.50 -50.46
N GLY C 210 -40.96 5.88 -50.29
CA GLY C 210 -42.08 5.12 -50.78
C GLY C 210 -42.86 4.38 -49.70
N LEU C 211 -42.23 4.09 -48.57
CA LEU C 211 -42.86 3.36 -47.48
C LEU C 211 -43.28 4.32 -46.37
N ALA C 212 -44.31 3.91 -45.63
CA ALA C 212 -44.80 4.71 -44.51
C ALA C 212 -43.92 4.51 -43.29
N ASP C 213 -44.13 5.37 -42.29
CA ASP C 213 -43.34 5.29 -41.06
C ASP C 213 -43.65 4.01 -40.28
N ASP C 214 -44.92 3.64 -40.21
CA ASP C 214 -45.35 2.46 -39.47
C ASP C 214 -45.31 1.18 -40.31
N TYR C 215 -44.40 1.10 -41.28
CA TYR C 215 -44.35 -0.07 -42.16
C TYR C 215 -43.69 -1.27 -41.49
N PHE C 216 -43.04 -1.08 -40.34
CA PHE C 216 -42.48 -2.24 -39.64
C PHE C 216 -43.56 -3.18 -39.15
N ALA C 217 -44.72 -2.65 -38.76
CA ALA C 217 -45.81 -3.49 -38.30
C ALA C 217 -46.36 -4.36 -39.41
N GLY C 218 -46.26 -3.91 -40.66
CA GLY C 218 -46.70 -4.73 -41.78
C GLY C 218 -45.87 -5.99 -41.95
N ILE C 219 -44.54 -5.85 -41.83
CA ILE C 219 -43.67 -7.02 -41.95
C ILE C 219 -43.86 -7.96 -40.77
N VAL C 220 -44.13 -7.42 -39.59
CA VAL C 220 -44.35 -8.27 -38.41
C VAL C 220 -45.68 -9.01 -38.53
N GLU C 221 -46.74 -8.28 -38.91
CA GLU C 221 -48.05 -8.91 -39.04
C GLU C 221 -48.11 -9.85 -40.24
N GLU C 222 -47.20 -9.70 -41.21
CA GLU C 222 -47.06 -10.71 -42.25
C GLU C 222 -46.22 -11.89 -41.77
N PHE C 223 -45.29 -11.65 -40.85
CA PHE C 223 -44.51 -12.74 -40.28
C PHE C 223 -45.36 -13.62 -39.38
N LEU C 224 -46.28 -13.01 -38.63
CA LEU C 224 -47.18 -13.80 -37.80
C LEU C 224 -48.23 -14.51 -38.63
N ALA C 225 -48.56 -13.97 -39.82
CA ALA C 225 -49.52 -14.62 -40.69
C ALA C 225 -49.03 -15.99 -41.17
N THR C 226 -47.71 -16.21 -41.17
CA THR C 226 -47.14 -17.51 -41.50
C THR C 226 -47.14 -18.47 -40.31
N GLY C 227 -47.65 -18.04 -39.16
CA GLY C 227 -47.71 -18.91 -38.00
C GLY C 227 -46.40 -19.14 -37.29
N ARG C 228 -45.39 -18.30 -37.55
CA ARG C 228 -44.08 -18.48 -36.93
C ARG C 228 -43.98 -17.76 -35.59
N GLY C 229 -44.54 -16.57 -35.47
CA GLY C 229 -44.55 -15.87 -34.21
C GLY C 229 -45.65 -16.40 -33.29
N LYS C 230 -45.63 -15.90 -32.05
CA LYS C 230 -46.61 -16.29 -31.05
C LYS C 230 -47.00 -15.08 -30.23
N ARG C 231 -48.31 -14.88 -30.06
CA ARG C 231 -48.84 -13.78 -29.26
C ARG C 231 -49.15 -14.25 -27.85
N GLY C 232 -49.42 -13.28 -26.97
CA GLY C 232 -49.74 -13.56 -25.59
C GLY C 232 -49.69 -12.32 -24.73
N LYS C 233 -50.30 -12.38 -23.55
CA LYS C 233 -50.36 -11.24 -22.64
C LYS C 233 -49.32 -11.42 -21.54
N ILE C 234 -48.53 -10.37 -21.31
CA ILE C 234 -47.61 -10.31 -20.18
C ILE C 234 -48.21 -9.34 -19.19
N GLY C 235 -48.85 -9.88 -18.14
CA GLY C 235 -49.58 -9.04 -17.21
C GLY C 235 -50.90 -8.58 -17.79
N GLU C 236 -50.96 -7.33 -18.23
CA GLU C 236 -52.15 -6.78 -18.87
C GLU C 236 -51.79 -6.07 -20.18
N ALA C 237 -50.68 -6.47 -20.80
CA ALA C 237 -50.20 -5.85 -22.02
C ALA C 237 -50.18 -6.87 -23.15
N SER C 238 -50.79 -6.52 -24.27
CA SER C 238 -50.76 -7.39 -25.44
C SER C 238 -49.34 -7.47 -25.99
N SER C 239 -48.76 -8.66 -25.97
CA SER C 239 -47.37 -8.86 -26.36
C SER C 239 -47.28 -9.83 -27.54
N VAL C 240 -46.07 -9.95 -28.07
CA VAL C 240 -45.80 -10.87 -29.18
C VAL C 240 -44.32 -11.19 -29.21
N LEU C 241 -43.99 -12.48 -29.29
CA LEU C 241 -42.62 -12.95 -29.32
C LEU C 241 -42.30 -13.55 -30.68
N VAL C 242 -41.23 -13.08 -31.31
CA VAL C 242 -40.81 -13.57 -32.60
C VAL C 242 -39.33 -13.98 -32.53
N PRO C 243 -38.90 -14.96 -33.30
CA PRO C 243 -37.46 -15.29 -33.35
C PRO C 243 -36.70 -14.30 -34.21
N ALA C 244 -35.56 -13.84 -33.69
CA ALA C 244 -34.73 -12.89 -34.42
C ALA C 244 -34.10 -13.49 -35.65
N ASP C 245 -33.94 -14.83 -35.69
CA ASP C 245 -33.30 -15.46 -36.84
C ASP C 245 -34.16 -15.34 -38.09
N GLU C 246 -35.47 -15.56 -37.96
CA GLU C 246 -36.35 -15.67 -39.11
C GLU C 246 -36.89 -14.31 -39.58
N ILE C 247 -37.34 -13.48 -38.64
CA ILE C 247 -37.96 -12.21 -39.02
C ILE C 247 -36.97 -11.28 -39.69
N VAL C 248 -35.67 -11.46 -39.43
CA VAL C 248 -34.66 -10.70 -40.16
C VAL C 248 -34.65 -11.12 -41.62
N ALA C 249 -34.57 -12.43 -41.88
CA ALA C 249 -34.60 -12.92 -43.25
C ALA C 249 -35.94 -12.66 -43.92
N PHE C 250 -37.02 -12.66 -43.14
CA PHE C 250 -38.33 -12.35 -43.70
C PHE C 250 -38.42 -10.89 -44.15
N ALA C 251 -37.83 -9.98 -43.38
CA ALA C 251 -37.86 -8.57 -43.74
C ALA C 251 -36.94 -8.28 -44.91
N VAL C 252 -35.82 -9.01 -45.02
CA VAL C 252 -34.93 -8.84 -46.16
C VAL C 252 -35.63 -9.28 -47.45
N ASP C 253 -36.28 -10.45 -47.40
CA ASP C 253 -37.08 -10.89 -48.54
C ASP C 253 -38.25 -9.95 -48.79
N TRP C 254 -38.74 -9.30 -47.74
CA TRP C 254 -39.83 -8.34 -47.90
C TRP C 254 -39.36 -7.07 -48.60
N LEU C 255 -38.16 -6.60 -48.25
CA LEU C 255 -37.64 -5.37 -48.85
C LEU C 255 -37.05 -5.60 -50.24
N GLU C 256 -36.44 -6.77 -50.45
CA GLU C 256 -35.86 -7.05 -51.77
C GLU C 256 -36.96 -7.25 -52.82
N ARG C 257 -38.00 -8.00 -52.48
CA ARG C 257 -39.12 -8.16 -53.41
C ARG C 257 -39.87 -6.85 -53.61
N TRP C 258 -39.84 -5.98 -52.59
CA TRP C 258 -40.40 -4.64 -52.76
C TRP C 258 -39.46 -3.73 -53.54
N GLY C 259 -38.14 -3.92 -53.38
CA GLY C 259 -37.17 -3.07 -54.05
C GLY C 259 -37.13 -3.24 -55.56
N ARG C 260 -37.66 -4.37 -56.07
CA ARG C 260 -37.68 -4.57 -57.52
C ARG C 260 -38.58 -3.55 -58.20
N THR C 261 -39.69 -3.19 -57.55
CA THR C 261 -40.64 -2.24 -58.10
C THR C 261 -40.59 -0.89 -57.41
N ALA C 262 -39.60 -0.66 -56.55
CA ALA C 262 -39.47 0.61 -55.87
C ALA C 262 -39.07 1.71 -56.85
N ARG C 263 -39.29 2.96 -56.44
CA ARG C 263 -38.96 4.10 -57.28
C ARG C 263 -37.47 4.39 -57.25
N SER D 3 -36.00 31.58 -19.78
CA SER D 3 -34.82 32.44 -19.84
C SER D 3 -33.71 31.82 -20.67
N ARG D 4 -32.53 31.67 -20.06
CA ARG D 4 -31.35 31.19 -20.76
C ARG D 4 -31.24 29.67 -20.66
N VAL D 5 -30.14 29.13 -21.18
CA VAL D 5 -29.83 27.71 -21.11
C VAL D 5 -28.70 27.52 -20.12
N SER D 6 -28.77 26.43 -19.34
CA SER D 6 -27.79 26.14 -18.32
C SER D 6 -26.78 25.12 -18.82
N THR D 7 -25.51 25.36 -18.49
CA THR D 7 -24.42 24.47 -18.84
C THR D 7 -23.75 23.95 -17.58
N ARG D 8 -22.86 22.96 -17.76
CA ARG D 8 -22.14 22.39 -16.62
C ARG D 8 -21.28 23.43 -15.93
N SER D 9 -20.70 24.36 -16.70
CA SER D 9 -19.92 25.44 -16.11
C SER D 9 -20.80 26.58 -15.61
N SER D 10 -21.96 26.78 -16.23
CA SER D 10 -22.89 27.82 -15.76
C SER D 10 -23.48 27.45 -14.41
N LEU D 11 -23.81 26.17 -14.21
CA LEU D 11 -24.34 25.73 -12.92
C LEU D 11 -23.25 25.76 -11.85
N ALA D 12 -22.00 25.46 -12.23
CA ALA D 12 -20.91 25.53 -11.26
C ALA D 12 -20.71 26.96 -10.76
N GLU D 13 -20.97 27.96 -11.61
CA GLU D 13 -20.89 29.34 -11.15
C GLU D 13 -22.04 29.68 -10.21
N ASP D 14 -23.24 29.14 -10.49
CA ASP D 14 -24.37 29.36 -9.59
C ASP D 14 -24.17 28.64 -8.27
N LEU D 15 -23.54 27.46 -8.31
CA LEU D 15 -23.26 26.73 -7.07
C LEU D 15 -22.27 27.47 -6.20
N ARG D 16 -21.21 28.02 -6.79
CA ARG D 16 -20.26 28.82 -6.02
C ARG D 16 -20.89 30.12 -5.56
N ALA D 17 -21.85 30.65 -6.31
CA ALA D 17 -22.49 31.91 -5.94
C ALA D 17 -23.38 31.75 -4.72
N ILE D 18 -23.89 30.55 -4.47
CA ILE D 18 -24.78 30.33 -3.34
C ILE D 18 -24.02 29.89 -2.08
N GLY D 19 -22.78 29.40 -2.22
CA GLY D 19 -21.99 29.06 -1.06
C GLY D 19 -21.29 27.72 -1.14
N LEU D 20 -21.58 26.95 -2.17
CA LEU D 20 -20.94 25.64 -2.33
C LEU D 20 -19.46 25.82 -2.64
N ALA D 21 -18.60 25.19 -1.85
CA ALA D 21 -17.16 25.36 -1.96
C ALA D 21 -16.50 23.99 -2.11
N ASP D 22 -15.16 24.01 -2.11
CA ASP D 22 -14.39 22.78 -2.28
C ASP D 22 -14.45 21.93 -1.02
N GLY D 23 -14.52 20.61 -1.20
CA GLY D 23 -14.57 19.69 -0.08
C GLY D 23 -15.86 19.70 0.70
N ASP D 24 -16.90 20.37 0.21
CA ASP D 24 -18.16 20.45 0.92
C ASP D 24 -18.96 19.16 0.76
N ALA D 25 -19.74 18.84 1.79
CA ALA D 25 -20.73 17.77 1.75
C ALA D 25 -22.10 18.41 1.82
N VAL D 26 -22.94 18.14 0.82
CA VAL D 26 -24.22 18.82 0.68
C VAL D 26 -25.32 17.80 0.45
N LEU D 27 -26.41 17.93 1.21
CA LEU D 27 -27.62 17.16 0.97
C LEU D 27 -28.53 17.98 0.07
N VAL D 28 -28.92 17.39 -1.07
CA VAL D 28 -29.66 18.11 -2.10
C VAL D 28 -31.03 17.45 -2.25
N ALA D 29 -32.08 18.21 -1.97
CA ALA D 29 -33.45 17.86 -2.34
C ALA D 29 -33.89 18.84 -3.42
N ALA D 30 -34.23 18.33 -4.60
CA ALA D 30 -34.38 19.16 -5.78
C ALA D 30 -35.72 18.93 -6.44
N ALA D 31 -36.18 19.96 -7.16
CA ALA D 31 -37.32 19.89 -8.08
C ALA D 31 -36.76 20.28 -9.44
N LEU D 32 -36.29 19.29 -10.19
CA LEU D 32 -35.54 19.56 -11.41
C LEU D 32 -36.37 20.27 -12.48
N ARG D 33 -37.70 20.30 -12.33
CA ARG D 33 -38.54 21.03 -13.27
C ARG D 33 -38.25 22.52 -13.22
N LYS D 34 -37.91 23.05 -12.05
CA LYS D 34 -37.72 24.48 -11.87
C LYS D 34 -36.39 24.97 -12.43
N VAL D 35 -35.43 24.07 -12.69
CA VAL D 35 -34.10 24.48 -13.12
C VAL D 35 -34.15 25.06 -14.53
N GLY D 36 -34.90 24.43 -15.42
CA GLY D 36 -35.03 24.89 -16.79
C GLY D 36 -34.30 24.00 -17.77
N LYS D 37 -34.04 24.56 -18.95
CA LYS D 37 -33.35 23.82 -19.99
C LYS D 37 -31.89 23.62 -19.63
N ILE D 38 -31.44 22.36 -19.70
CA ILE D 38 -30.04 22.01 -19.46
C ILE D 38 -29.54 21.22 -20.66
N VAL D 39 -28.31 21.50 -21.08
CA VAL D 39 -27.77 20.90 -22.29
C VAL D 39 -27.60 19.39 -22.11
N GLY D 40 -26.90 18.98 -21.06
CA GLY D 40 -26.64 17.58 -20.83
C GLY D 40 -27.60 16.93 -19.85
N GLY D 41 -28.84 17.42 -19.80
CA GLY D 41 -29.83 16.90 -18.91
C GLY D 41 -29.51 17.21 -17.45
N PRO D 42 -30.27 16.62 -16.53
CA PRO D 42 -30.02 16.87 -15.10
C PRO D 42 -28.68 16.33 -14.61
N ASP D 43 -27.99 15.50 -15.40
CA ASP D 43 -26.68 15.01 -15.01
C ASP D 43 -25.65 16.13 -14.95
N ASP D 44 -25.88 17.25 -15.64
CA ASP D 44 -24.98 18.38 -15.54
C ASP D 44 -25.01 18.99 -14.15
N ILE D 45 -26.17 18.95 -13.47
CA ILE D 45 -26.26 19.48 -12.12
C ILE D 45 -25.38 18.67 -11.18
N LEU D 46 -25.45 17.35 -11.26
CA LEU D 46 -24.62 16.50 -10.40
C LEU D 46 -23.15 16.64 -10.76
N ASP D 47 -22.83 16.76 -12.06
CA ASP D 47 -21.44 16.89 -12.47
C ASP D 47 -20.87 18.25 -12.05
N ALA D 48 -21.69 19.30 -12.12
CA ALA D 48 -21.23 20.63 -11.71
C ALA D 48 -20.91 20.67 -10.22
N ARG D 50 -19.92 18.07 -8.30
CA ARG D 50 -18.67 17.35 -8.14
C ARG D 50 -17.48 18.14 -8.68
N ASP D 51 -17.72 19.07 -9.60
CA ASP D 51 -16.65 19.96 -10.05
C ASP D 51 -16.33 21.00 -8.97
N VAL D 52 -17.36 21.53 -8.31
CA VAL D 52 -17.14 22.56 -7.30
C VAL D 52 -16.56 21.95 -6.03
N ILE D 53 -17.23 20.93 -5.49
CA ILE D 53 -16.80 20.33 -4.23
C ILE D 53 -15.50 19.55 -4.35
N GLY D 54 -15.07 19.25 -5.57
CA GLY D 54 -13.84 18.51 -5.77
C GLY D 54 -14.00 17.03 -5.47
N PRO D 55 -12.90 16.28 -5.56
CA PRO D 55 -12.99 14.84 -5.30
C PRO D 55 -13.19 14.47 -3.84
N ALA D 56 -12.92 15.39 -2.91
CA ALA D 56 -13.05 15.12 -1.49
C ALA D 56 -14.45 15.42 -0.95
N GLY D 57 -15.31 16.05 -1.74
CA GLY D 57 -16.67 16.34 -1.32
C GLY D 57 -17.61 15.18 -1.59
N THR D 58 -18.86 15.36 -1.13
CA THR D 58 -19.87 14.33 -1.28
C THR D 58 -21.23 14.99 -1.48
N VAL D 59 -22.04 14.40 -2.35
CA VAL D 59 -23.40 14.86 -2.61
C VAL D 59 -24.37 13.77 -2.15
N LEU D 60 -25.39 14.16 -1.40
CA LEU D 60 -26.31 13.21 -0.80
C LEU D 60 -27.74 13.48 -1.28
N GLY D 61 -28.55 12.42 -1.25
CA GLY D 61 -29.95 12.54 -1.64
C GLY D 61 -30.78 11.50 -0.90
N TYR D 62 -32.03 11.85 -0.64
CA TYR D 62 -32.94 11.01 0.15
C TYR D 62 -33.64 10.03 -0.78
N ALA D 63 -33.14 8.80 -0.83
CA ALA D 63 -33.67 7.80 -1.76
C ALA D 63 -34.95 7.16 -1.22
N ASP D 64 -34.99 6.85 0.07
CA ASP D 64 -36.14 6.22 0.74
C ASP D 64 -36.39 4.87 0.05
N TRP D 65 -37.65 4.52 -0.22
CA TRP D 65 -37.97 3.21 -0.77
C TRP D 65 -39.30 3.30 -1.52
N GLN D 66 -39.36 2.64 -2.67
CA GLN D 66 -40.57 2.59 -3.49
C GLN D 66 -41.39 1.38 -3.06
N LEU D 67 -42.47 1.61 -2.31
CA LEU D 67 -43.18 0.48 -1.73
C LEU D 67 -44.67 0.70 -1.51
N GLU D 68 -45.10 1.95 -1.36
CA GLU D 68 -46.51 2.35 -1.30
C GLU D 68 -47.22 1.91 -0.01
N ASP D 69 -46.51 1.33 0.95
CA ASP D 69 -47.12 0.76 2.16
C ASP D 69 -48.19 -0.28 1.85
N GLU D 70 -48.23 -0.79 0.62
CA GLU D 70 -49.06 -1.95 0.32
C GLU D 70 -48.58 -3.19 1.09
N ILE D 71 -47.32 -3.19 1.50
CA ILE D 71 -46.75 -4.23 2.35
C ILE D 71 -47.49 -4.37 3.67
N ARG D 72 -48.22 -3.33 4.08
CA ARG D 72 -48.82 -3.28 5.41
C ARG D 72 -49.77 -4.45 5.66
N ASP D 73 -50.93 -4.44 5.00
CA ASP D 73 -51.96 -5.42 5.28
C ASP D 73 -52.64 -5.88 3.99
N ASP D 74 -51.82 -6.37 3.09
CA ASP D 74 -52.32 -6.88 1.84
C ASP D 74 -51.64 -8.21 1.87
N PRO D 75 -52.04 -9.04 2.84
CA PRO D 75 -51.40 -10.34 2.93
C PRO D 75 -51.64 -10.86 1.54
N ALA D 76 -50.82 -11.82 1.13
CA ALA D 76 -50.97 -12.41 -0.21
C ALA D 76 -50.18 -11.58 -1.19
N ARG D 78 -47.17 -10.57 0.51
CA ARG D 78 -45.98 -10.72 1.33
C ARG D 78 -44.96 -11.65 0.70
N GLU D 79 -45.41 -12.69 0.00
CA GLU D 79 -44.49 -13.58 -0.69
C GLU D 79 -43.91 -12.92 -1.95
N HIS D 80 -44.65 -12.01 -2.56
CA HIS D 80 -44.27 -11.40 -3.83
C HIS D 80 -43.59 -10.05 -3.68
N ILE D 81 -43.41 -9.57 -2.46
CA ILE D 81 -42.79 -8.27 -2.22
C ILE D 81 -41.29 -8.45 -2.13
N PRO D 82 -40.51 -7.82 -3.00
CA PRO D 82 -39.05 -7.99 -2.95
C PRO D 82 -38.44 -7.27 -1.76
N ALA D 83 -37.37 -7.85 -1.23
CA ALA D 83 -36.68 -7.25 -0.08
C ALA D 83 -35.97 -5.96 -0.49
N PHE D 84 -35.61 -5.18 0.52
CA PHE D 84 -34.91 -3.91 0.29
C PHE D 84 -33.44 -4.20 0.05
N ASP D 85 -33.05 -4.21 -1.22
CA ASP D 85 -31.64 -4.36 -1.58
C ASP D 85 -31.07 -2.98 -1.84
N PRO D 86 -30.15 -2.48 -1.02
CA PRO D 86 -29.61 -1.13 -1.25
C PRO D 86 -28.94 -0.97 -2.60
N LEU D 87 -28.52 -2.06 -3.24
CA LEU D 87 -27.91 -1.99 -4.55
C LEU D 87 -28.93 -1.94 -5.68
N ARG D 88 -30.15 -2.43 -5.45
CA ARG D 88 -31.13 -2.61 -6.51
C ARG D 88 -32.42 -1.83 -6.30
N SER D 89 -32.95 -1.78 -5.08
CA SER D 89 -34.24 -1.17 -4.84
C SER D 89 -34.22 0.31 -5.24
N ARG D 90 -35.15 0.69 -6.11
CA ARG D 90 -35.15 2.03 -6.68
C ARG D 90 -35.71 3.04 -5.70
N SER D 91 -35.25 4.28 -5.84
CA SER D 91 -35.66 5.35 -4.94
C SER D 91 -37.13 5.69 -5.13
N ILE D 92 -37.71 6.33 -4.11
CA ILE D 92 -39.11 6.72 -4.16
C ILE D 92 -39.27 7.89 -5.12
N ARG D 93 -40.39 7.90 -5.86
CA ARG D 93 -40.68 8.96 -6.80
C ARG D 93 -41.47 10.11 -6.17
N ASP D 94 -41.43 10.24 -4.85
CA ASP D 94 -42.19 11.27 -4.15
C ASP D 94 -41.65 12.66 -4.46
N ASN D 95 -40.47 12.98 -3.95
CA ASN D 95 -39.90 14.32 -4.07
C ASN D 95 -39.06 14.49 -5.33
N GLY D 96 -39.33 13.71 -6.38
CA GLY D 96 -38.73 13.91 -7.67
C GLY D 96 -37.73 12.82 -8.05
N PHE D 97 -36.98 13.11 -9.11
CA PHE D 97 -36.05 12.16 -9.71
C PHE D 97 -34.63 12.28 -9.17
N TRP D 98 -34.31 13.39 -8.50
CA TRP D 98 -32.94 13.64 -8.03
C TRP D 98 -32.35 12.51 -7.21
N PRO D 99 -33.05 11.91 -6.23
CA PRO D 99 -32.43 10.80 -5.49
C PRO D 99 -32.11 9.60 -6.37
N GLU D 100 -33.05 9.20 -7.24
CA GLU D 100 -32.78 8.10 -8.16
C GLU D 100 -31.69 8.47 -9.16
N LEU D 101 -31.55 9.75 -9.49
CA LEU D 101 -30.48 10.18 -10.37
C LEU D 101 -29.12 9.88 -9.77
N ILE D 102 -28.94 10.17 -8.47
CA ILE D 102 -27.66 9.91 -7.83
C ILE D 102 -27.43 8.40 -7.70
N ARG D 103 -28.45 7.66 -7.26
CA ARG D 103 -28.29 6.23 -7.05
C ARG D 103 -27.89 5.52 -8.34
N THR D 104 -28.43 5.95 -9.48
CA THR D 104 -28.10 5.34 -10.76
C THR D 104 -26.78 5.84 -11.33
N THR D 105 -26.14 6.81 -10.69
CA THR D 105 -24.82 7.27 -11.14
C THR D 105 -23.76 6.27 -10.71
N PRO D 106 -22.92 5.80 -11.62
CA PRO D 106 -21.88 4.82 -11.25
C PRO D 106 -20.92 5.41 -10.23
N GLY D 107 -20.78 4.71 -9.10
CA GLY D 107 -19.94 5.16 -8.00
C GLY D 107 -20.71 5.57 -6.76
N ALA D 108 -22.01 5.77 -6.87
CA ALA D 108 -22.80 6.18 -5.71
C ALA D 108 -23.21 4.97 -4.88
N LEU D 109 -23.29 5.18 -3.57
CA LEU D 109 -23.64 4.14 -2.62
C LEU D 109 -24.90 4.55 -1.86
N ARG D 110 -25.62 3.55 -1.36
CA ARG D 110 -26.82 3.80 -0.58
C ARG D 110 -26.74 3.04 0.75
N SER D 111 -27.26 3.67 1.80
CA SER D 111 -27.28 3.07 3.13
C SER D 111 -28.28 1.92 3.17
N ALA D 112 -28.35 1.26 4.33
CA ALA D 112 -29.11 0.03 4.49
C ALA D 112 -30.48 0.22 5.12
N SER D 113 -30.75 1.36 5.74
CA SER D 113 -32.06 1.59 6.34
C SER D 113 -33.07 1.92 5.26
N PRO D 114 -34.14 1.15 5.10
CA PRO D 114 -35.07 1.37 3.99
C PRO D 114 -35.88 2.67 3.92
N GLY D 115 -36.55 3.03 5.02
CA GLY D 115 -37.31 4.26 5.06
C GLY D 115 -36.47 5.52 5.11
N ALA D 116 -35.21 5.41 5.54
CA ALA D 116 -34.32 6.56 5.66
C ALA D 116 -33.06 6.36 4.82
N SER D 117 -33.18 5.69 3.68
CA SER D 117 -32.01 5.43 2.84
C SER D 117 -31.51 6.71 2.19
N ALA D 119 -28.72 8.23 -0.77
CA ALA D 119 -27.80 8.03 -1.89
C ALA D 119 -26.70 9.08 -1.82
N ALA D 120 -25.45 8.62 -1.81
CA ALA D 120 -24.31 9.52 -1.69
C ALA D 120 -23.22 9.12 -2.68
N ILE D 121 -22.56 10.12 -3.25
CA ILE D 121 -21.44 9.90 -4.16
C ILE D 121 -20.40 10.98 -3.92
N GLY D 122 -19.13 10.60 -3.99
CA GLY D 122 -18.05 11.51 -3.77
C GLY D 122 -16.94 10.85 -2.99
N GLY D 123 -16.08 11.67 -2.37
CA GLY D 123 -14.94 11.13 -1.64
C GLY D 123 -15.34 10.37 -0.40
N GLU D 124 -16.23 10.96 0.41
CA GLU D 124 -16.70 10.33 1.64
C GLU D 124 -18.01 9.58 1.43
N ALA D 125 -18.25 9.06 0.21
CA ALA D 125 -19.52 8.42 -0.09
C ALA D 125 -19.72 7.16 0.75
N GLU D 126 -18.64 6.41 1.00
CA GLU D 126 -18.78 5.18 1.77
C GLU D 126 -18.98 5.47 3.26
N TRP D 127 -18.45 6.58 3.75
CA TRP D 127 -18.58 6.89 5.17
C TRP D 127 -20.01 7.26 5.54
N PHE D 128 -20.67 8.06 4.70
CA PHE D 128 -22.03 8.49 5.01
C PHE D 128 -23.00 7.32 4.99
N THR D 129 -22.88 6.43 4.00
CA THR D 129 -23.84 5.36 3.81
C THR D 129 -23.59 4.15 4.71
N ALA D 130 -22.44 4.07 5.37
CA ALA D 130 -22.10 2.92 6.19
C ALA D 130 -22.66 3.07 7.61
N ASP D 131 -22.95 1.93 8.23
CA ASP D 131 -23.39 1.87 9.62
C ASP D 131 -24.67 2.67 9.84
N HIS D 132 -25.57 2.65 8.85
CA HIS D 132 -26.87 3.27 9.01
C HIS D 132 -27.76 2.34 9.83
N ALA D 133 -28.19 2.81 11.00
CA ALA D 133 -29.04 2.00 11.87
C ALA D 133 -30.39 1.75 11.22
N LEU D 134 -30.85 0.50 11.29
CA LEU D 134 -32.17 0.18 10.75
C LEU D 134 -33.26 0.79 11.60
N ASP D 135 -33.17 0.64 12.91
CA ASP D 135 -34.12 1.24 13.85
C ASP D 135 -33.70 2.67 14.16
N TYR D 136 -34.67 3.58 14.17
CA TYR D 136 -34.44 5.00 14.39
C TYR D 136 -33.42 5.54 13.39
N GLY D 137 -33.71 5.34 12.11
CA GLY D 137 -32.79 5.68 11.04
C GLY D 137 -32.66 7.17 10.77
N TYR D 138 -33.05 8.00 11.74
CA TYR D 138 -32.94 9.44 11.61
C TYR D 138 -32.12 10.06 12.74
N GLY D 139 -31.43 9.24 13.53
CA GLY D 139 -30.57 9.74 14.58
C GLY D 139 -29.16 9.98 14.07
N PRO D 140 -28.21 10.14 15.00
CA PRO D 140 -26.82 10.38 14.58
C PRO D 140 -26.16 9.18 13.89
N ARG D 141 -26.76 8.00 13.95
CA ARG D 141 -26.24 6.83 13.25
C ARG D 141 -26.88 6.73 11.86
N SER D 142 -26.70 7.80 11.09
CA SER D 142 -27.30 7.92 9.77
C SER D 142 -26.59 9.06 9.04
N PRO D 143 -26.69 9.11 7.70
CA PRO D 143 -26.07 10.22 6.97
C PRO D 143 -26.52 11.60 7.45
N LEU D 144 -27.73 11.71 8.00
CA LEU D 144 -28.16 12.97 8.58
C LEU D 144 -27.28 13.35 9.78
N GLY D 145 -26.99 12.38 10.65
CA GLY D 145 -26.06 12.64 11.73
C GLY D 145 -24.64 12.81 11.25
N LYS D 146 -24.26 12.10 10.19
CA LYS D 146 -22.92 12.27 9.61
C LYS D 146 -22.77 13.65 8.98
N LEU D 147 -23.86 14.22 8.47
CA LEU D 147 -23.80 15.55 7.87
C LEU D 147 -23.50 16.61 8.93
N VAL D 148 -24.11 16.49 10.10
CA VAL D 148 -23.84 17.45 11.18
C VAL D 148 -22.42 17.25 11.72
N GLU D 149 -21.98 16.01 11.84
CA GLU D 149 -20.62 15.74 12.31
C GLU D 149 -19.58 16.29 11.35
N ALA D 150 -19.85 16.17 10.05
CA ALA D 150 -18.95 16.72 9.03
C ALA D 150 -19.22 18.19 8.74
N LYS D 151 -20.18 18.81 9.44
CA LYS D 151 -20.54 20.20 9.24
C LYS D 151 -20.88 20.48 7.77
N GLY D 152 -21.69 19.59 7.20
CA GLY D 152 -22.08 19.70 5.82
C GLY D 152 -23.12 20.79 5.59
N LYS D 153 -23.64 20.81 4.36
CA LYS D 153 -24.62 21.79 3.95
C LYS D 153 -25.86 21.10 3.41
N VAL D 154 -26.92 21.87 3.20
CA VAL D 154 -28.18 21.38 2.65
C VAL D 154 -28.64 22.36 1.59
N LEU D 155 -28.88 21.86 0.38
CA LEU D 155 -29.30 22.68 -0.75
C LEU D 155 -30.73 22.34 -1.13
N LEU D 157 -32.64 22.81 -3.96
CA LEU D 157 -32.66 23.14 -5.38
C LEU D 157 -34.09 23.15 -5.92
N GLY D 158 -34.83 24.22 -5.63
CA GLY D 158 -36.19 24.36 -6.11
C GLY D 158 -37.25 23.60 -5.34
N ALA D 159 -36.85 22.60 -4.54
CA ALA D 159 -37.82 21.83 -3.79
C ALA D 159 -38.42 22.67 -2.66
N PRO D 160 -39.65 22.38 -2.25
CA PRO D 160 -40.24 23.12 -1.14
C PRO D 160 -39.46 22.92 0.15
N LEU D 161 -39.51 23.94 1.01
CA LEU D 161 -38.71 23.93 2.23
C LEU D 161 -39.16 22.85 3.21
N ASP D 162 -40.44 22.49 3.18
CA ASP D 162 -40.94 21.48 4.12
C ASP D 162 -40.51 20.06 3.76
N THR D 163 -39.75 19.88 2.68
CA THR D 163 -39.23 18.57 2.30
C THR D 163 -37.80 18.36 2.75
N THR D 165 -35.29 16.84 4.59
CA THR D 165 -35.27 15.62 5.40
C THR D 165 -34.40 15.78 6.65
N LEU D 166 -33.40 16.67 6.59
CA LEU D 166 -32.50 16.84 7.72
C LEU D 166 -33.23 17.26 8.98
N LEU D 167 -34.35 17.99 8.84
CA LEU D 167 -35.10 18.42 10.02
C LEU D 167 -35.76 17.25 10.74
N HIS D 168 -35.91 16.10 10.07
CA HIS D 168 -36.32 14.90 10.78
C HIS D 168 -35.26 14.44 11.77
N HIS D 169 -33.98 14.68 11.47
CA HIS D 169 -32.92 14.45 12.43
C HIS D 169 -33.03 15.37 13.63
N ALA D 170 -33.68 16.53 13.47
CA ALA D 170 -33.93 17.42 14.60
C ALA D 170 -35.10 16.95 15.45
N GLU D 171 -36.13 16.37 14.82
CA GLU D 171 -37.21 15.77 15.59
C GLU D 171 -36.71 14.63 16.46
N HIS D 172 -35.65 13.95 16.03
CA HIS D 172 -35.10 12.84 16.80
C HIS D 172 -34.29 13.30 18.01
N LEU D 173 -33.62 14.45 17.89
CA LEU D 173 -32.74 14.92 18.95
C LEU D 173 -33.42 15.83 19.96
N ALA D 174 -34.50 16.51 19.56
CA ALA D 174 -35.11 17.51 20.43
C ALA D 174 -35.85 16.83 21.59
N ASP D 175 -35.66 17.38 22.79
CA ASP D 175 -36.30 16.86 24.00
C ASP D 175 -37.67 17.51 24.12
N PHE D 176 -38.66 16.91 23.46
CA PHE D 176 -40.04 17.35 23.57
C PHE D 176 -40.94 16.14 23.79
N PRO D 177 -42.00 16.28 24.58
CA PRO D 177 -42.80 15.12 24.98
C PRO D 177 -43.72 14.65 23.86
N ASN D 178 -44.34 13.49 24.10
CA ASN D 178 -45.36 12.91 23.23
C ASN D 178 -44.81 12.62 21.83
N LYS D 179 -43.57 12.12 21.78
CA LYS D 179 -43.00 11.69 20.52
C LYS D 179 -43.70 10.43 20.03
N ARG D 180 -44.20 10.47 18.79
CA ARG D 180 -44.88 9.32 18.20
C ARG D 180 -43.83 8.32 17.73
N ILE D 181 -43.93 7.09 18.23
CA ILE D 181 -43.02 6.01 17.87
C ILE D 181 -43.72 5.16 16.81
N LEU D 182 -43.08 5.02 15.65
CA LEU D 182 -43.65 4.29 14.52
C LEU D 182 -42.96 2.93 14.40
N ARG D 183 -43.75 1.87 14.37
CA ARG D 183 -43.25 0.51 14.26
C ARG D 183 -43.86 -0.16 13.04
N TYR D 184 -43.02 -0.71 12.17
CA TYR D 184 -43.48 -1.36 10.94
C TYR D 184 -42.59 -2.55 10.63
N GLU D 185 -43.05 -3.37 9.68
CA GLU D 185 -42.35 -4.58 9.27
C GLU D 185 -42.08 -4.51 7.78
N ALA D 186 -40.82 -4.63 7.40
CA ALA D 186 -40.39 -4.51 6.01
C ALA D 186 -39.37 -5.60 5.70
N PRO D 187 -39.33 -6.09 4.46
CA PRO D 187 -38.36 -7.13 4.10
C PRO D 187 -37.00 -6.57 3.71
N ILE D 188 -35.93 -7.14 4.26
CA ILE D 188 -34.57 -6.75 3.95
C ILE D 188 -33.78 -8.02 3.58
N LEU D 189 -32.50 -7.82 3.27
CA LEU D 189 -31.60 -8.91 2.91
C LEU D 189 -30.66 -9.19 4.08
N VAL D 190 -30.67 -10.43 4.56
CA VAL D 190 -29.76 -10.90 5.60
C VAL D 190 -29.03 -12.11 5.05
N ASP D 191 -27.70 -11.99 4.89
CA ASP D 191 -26.88 -13.03 4.29
C ASP D 191 -27.37 -13.40 2.89
N GLY D 192 -27.72 -12.39 2.10
CA GLY D 192 -28.09 -12.58 0.72
C GLY D 192 -29.50 -13.08 0.47
N GLU D 193 -30.27 -13.35 1.52
CA GLU D 193 -31.63 -13.85 1.36
C GLU D 193 -32.60 -12.96 2.10
N LYS D 194 -33.87 -13.03 1.68
CA LYS D 194 -34.89 -12.12 2.17
C LYS D 194 -35.50 -12.62 3.47
N VAL D 195 -35.53 -11.75 4.48
CA VAL D 195 -36.24 -11.99 5.72
C VAL D 195 -37.03 -10.73 6.06
N TRP D 196 -38.03 -10.90 6.93
CA TRP D 196 -38.88 -9.80 7.36
C TRP D 196 -38.43 -9.30 8.72
N ARG D 197 -38.20 -8.00 8.82
CA ARG D 197 -37.63 -7.37 10.00
C ARG D 197 -38.57 -6.29 10.52
N TRP D 198 -38.74 -6.24 11.84
CA TRP D 198 -39.56 -5.22 12.47
C TRP D 198 -38.71 -3.99 12.78
N PHE D 199 -39.09 -2.85 12.22
CA PHE D 199 -38.37 -1.60 12.39
C PHE D 199 -39.09 -0.72 13.41
N GLU D 200 -38.35 0.24 13.95
CA GLU D 200 -38.91 1.19 14.90
C GLU D 200 -38.20 2.52 14.75
N GLU D 201 -38.95 3.57 14.41
CA GLU D 201 -38.42 4.91 14.27
C GLU D 201 -39.37 5.88 14.95
N PHE D 202 -38.92 7.13 15.08
CA PHE D 202 -39.85 8.21 15.40
C PHE D 202 -40.67 8.55 14.16
N ASP D 203 -41.94 8.88 14.36
CA ASP D 203 -42.85 9.07 13.24
C ASP D 203 -42.42 10.25 12.39
N THR D 204 -42.03 9.97 11.14
CA THR D 204 -41.67 11.01 10.18
C THR D 204 -42.74 11.29 9.15
N SER D 205 -43.70 10.37 8.98
CA SER D 205 -44.79 10.60 8.04
C SER D 205 -45.80 11.62 8.55
N ASP D 206 -45.79 11.89 9.85
CA ASP D 206 -46.69 12.85 10.46
C ASP D 206 -45.91 13.80 11.37
N PRO D 207 -46.29 15.07 11.42
CA PRO D 207 -45.61 16.01 12.32
C PRO D 207 -45.98 15.75 13.76
N PRO D 208 -45.26 16.34 14.71
CA PRO D 208 -45.67 16.22 16.12
C PRO D 208 -47.08 16.74 16.33
N ASP D 209 -47.83 16.05 17.17
CA ASP D 209 -49.23 16.38 17.39
C ASP D 209 -49.37 17.79 17.93
N GLY D 210 -50.08 18.65 17.19
CA GLY D 210 -50.22 20.05 17.51
C GLY D 210 -49.59 20.98 16.50
N LEU D 211 -48.84 20.44 15.54
CA LEU D 211 -48.17 21.24 14.51
C LEU D 211 -48.69 20.84 13.13
N ALA D 212 -48.64 21.80 12.21
CA ALA D 212 -49.10 21.55 10.85
C ALA D 212 -48.14 20.63 10.11
N ASP D 213 -48.62 20.09 8.99
CA ASP D 213 -47.81 19.18 8.19
C ASP D 213 -46.62 19.88 7.54
N ASP D 214 -46.66 21.20 7.41
CA ASP D 214 -45.63 21.96 6.73
C ASP D 214 -44.89 22.90 7.68
N TYR D 215 -44.78 22.52 8.95
CA TYR D 215 -44.10 23.37 9.92
C TYR D 215 -42.59 23.39 9.72
N PHE D 216 -42.05 22.57 8.83
CA PHE D 216 -40.63 22.62 8.53
C PHE D 216 -40.27 23.91 7.78
N ALA D 217 -41.16 24.37 6.90
CA ALA D 217 -40.87 25.56 6.11
C ALA D 217 -40.74 26.79 7.01
N GLY D 218 -41.57 26.89 8.04
CA GLY D 218 -41.47 28.01 8.96
C GLY D 218 -40.15 28.04 9.72
N ILE D 219 -39.61 26.87 10.04
CA ILE D 219 -38.33 26.82 10.74
C ILE D 219 -37.20 27.28 9.84
N VAL D 220 -37.31 27.00 8.54
CA VAL D 220 -36.28 27.45 7.60
C VAL D 220 -36.35 28.97 7.42
N GLU D 221 -37.56 29.51 7.25
CA GLU D 221 -37.70 30.94 7.08
C GLU D 221 -37.31 31.71 8.34
N GLU D 222 -37.54 31.11 9.52
CA GLU D 222 -37.01 31.69 10.75
C GLU D 222 -35.50 31.58 10.81
N PHE D 223 -34.93 30.50 10.26
CA PHE D 223 -33.49 30.34 10.23
C PHE D 223 -32.85 31.31 9.23
N LEU D 224 -33.49 31.49 8.07
CA LEU D 224 -32.96 32.41 7.07
C LEU D 224 -33.01 33.85 7.56
N ALA D 225 -33.93 34.17 8.47
CA ALA D 225 -34.01 35.53 9.01
C ALA D 225 -32.82 35.85 9.90
N THR D 226 -32.20 34.84 10.50
CA THR D 226 -31.07 35.02 11.40
C THR D 226 -29.78 35.42 10.69
N GLY D 227 -29.80 35.69 9.39
CA GLY D 227 -28.61 36.06 8.66
C GLY D 227 -27.83 34.89 8.10
N ARG D 228 -27.84 33.76 8.78
CA ARG D 228 -27.16 32.57 8.28
C ARG D 228 -27.92 31.98 7.09
N GLY D 229 -27.26 31.08 6.39
CA GLY D 229 -27.80 30.56 5.16
C GLY D 229 -27.66 31.56 4.03
N LYS D 230 -28.14 31.17 2.85
CA LYS D 230 -28.02 32.02 1.68
C LYS D 230 -28.99 31.55 0.61
N ARG D 231 -29.82 32.46 0.11
CA ARG D 231 -30.67 32.20 -1.02
C ARG D 231 -29.91 32.46 -2.32
N GLY D 232 -30.17 31.63 -3.33
CA GLY D 232 -29.47 31.76 -4.59
C GLY D 232 -30.30 31.23 -5.73
N LYS D 233 -29.81 31.48 -6.95
CA LYS D 233 -30.45 31.05 -8.18
C LYS D 233 -29.53 30.08 -8.89
N ILE D 234 -29.99 28.85 -9.06
CA ILE D 234 -29.27 27.82 -9.81
C ILE D 234 -30.09 27.52 -11.06
N GLY D 235 -29.60 28.00 -12.20
CA GLY D 235 -30.42 27.96 -13.41
C GLY D 235 -31.58 28.91 -13.25
N GLU D 236 -32.81 28.40 -13.41
CA GLU D 236 -34.01 29.17 -13.15
C GLU D 236 -34.72 28.71 -11.89
N ALA D 237 -34.09 27.85 -11.10
CA ALA D 237 -34.67 27.31 -9.87
C ALA D 237 -34.15 28.08 -8.68
N SER D 238 -35.05 28.70 -7.92
CA SER D 238 -34.68 29.36 -6.69
C SER D 238 -34.32 28.32 -5.64
N SER D 239 -33.11 28.39 -5.10
CA SER D 239 -32.60 27.39 -4.17
C SER D 239 -32.07 28.04 -2.91
N VAL D 240 -32.10 27.28 -1.82
CA VAL D 240 -31.65 27.74 -0.52
C VAL D 240 -30.53 26.82 -0.04
N LEU D 241 -29.47 27.41 0.50
CA LEU D 241 -28.33 26.67 1.02
C LEU D 241 -28.17 27.01 2.50
N VAL D 242 -28.25 25.99 3.36
CA VAL D 242 -28.12 26.17 4.80
C VAL D 242 -27.08 25.18 5.33
N PRO D 243 -26.30 25.56 6.34
CA PRO D 243 -25.37 24.61 6.94
C PRO D 243 -26.11 23.58 7.79
N ALA D 244 -25.70 22.32 7.68
CA ALA D 244 -26.43 21.24 8.33
C ALA D 244 -26.36 21.36 9.85
N ASP D 245 -25.16 21.61 10.39
CA ASP D 245 -25.00 21.63 11.84
C ASP D 245 -25.71 22.80 12.48
N GLU D 246 -25.78 23.95 11.79
CA GLU D 246 -26.37 25.13 12.39
C GLU D 246 -27.90 25.09 12.37
N ILE D 247 -28.49 24.58 11.28
CA ILE D 247 -29.94 24.59 11.18
C ILE D 247 -30.55 23.51 12.07
N VAL D 248 -29.82 22.43 12.32
CA VAL D 248 -30.31 21.42 13.27
C VAL D 248 -30.33 21.99 14.68
N ALA D 249 -29.29 22.72 15.06
CA ALA D 249 -29.26 23.36 16.38
C ALA D 249 -30.40 24.37 16.51
N PHE D 250 -30.74 25.07 15.43
CA PHE D 250 -31.86 26.00 15.47
C PHE D 250 -33.19 25.27 15.58
N ALA D 251 -33.34 24.15 14.86
CA ALA D 251 -34.59 23.41 14.90
C ALA D 251 -34.79 22.68 16.22
N VAL D 252 -33.69 22.24 16.85
CA VAL D 252 -33.80 21.60 18.16
C VAL D 252 -34.24 22.62 19.22
N ASP D 253 -33.57 23.77 19.26
CA ASP D 253 -33.99 24.83 20.17
C ASP D 253 -35.39 25.32 19.85
N TRP D 254 -35.81 25.22 18.59
CA TRP D 254 -37.18 25.58 18.22
C TRP D 254 -38.17 24.57 18.77
N LEU D 255 -37.86 23.28 18.65
CA LEU D 255 -38.80 22.24 19.08
C LEU D 255 -38.78 22.06 20.60
N GLU D 256 -37.60 22.16 21.23
CA GLU D 256 -37.54 22.01 22.67
C GLU D 256 -38.26 23.15 23.39
N ARG D 257 -38.19 24.35 22.83
CA ARG D 257 -38.97 25.47 23.38
C ARG D 257 -40.46 25.26 23.17
N TRP D 258 -40.84 24.64 22.04
CA TRP D 258 -42.26 24.39 21.78
C TRP D 258 -42.82 23.36 22.75
N GLY D 259 -42.02 22.37 23.12
CA GLY D 259 -42.47 21.31 24.02
C GLY D 259 -42.62 21.75 25.46
N ARG D 260 -42.51 23.05 25.71
CA ARG D 260 -42.63 23.61 27.05
C ARG D 260 -43.68 24.73 27.07
N THR D 261 -44.66 24.66 26.18
CA THR D 261 -45.67 25.72 26.09
C THR D 261 -47.06 25.19 26.43
N ALA D 262 -47.75 24.64 25.45
CA ALA D 262 -49.09 24.10 25.66
C ALA D 262 -49.44 23.07 24.59
N SER E 3 33.82 -22.27 36.88
CA SER E 3 32.79 -21.24 37.02
C SER E 3 31.77 -21.34 35.90
N ARG E 4 32.13 -20.82 34.73
CA ARG E 4 31.27 -20.82 33.54
C ARG E 4 29.96 -20.08 33.79
N VAL E 5 29.01 -20.23 32.87
CA VAL E 5 27.80 -19.42 32.85
C VAL E 5 26.69 -20.10 33.66
N SER E 6 25.78 -19.28 34.18
CA SER E 6 24.58 -19.75 34.83
C SER E 6 23.41 -19.72 33.84
N THR E 7 22.37 -20.48 34.16
CA THR E 7 21.25 -20.69 33.25
C THR E 7 19.96 -20.79 34.04
N ARG E 8 18.88 -20.27 33.46
CA ARG E 8 17.55 -20.42 34.04
C ARG E 8 17.25 -21.86 34.41
N SER E 9 17.80 -22.82 33.65
CA SER E 9 17.68 -24.22 34.03
C SER E 9 18.56 -24.53 35.23
N SER E 10 19.79 -24.03 35.25
CA SER E 10 20.71 -24.30 36.36
C SER E 10 20.41 -23.42 37.56
N LEU E 11 19.95 -22.18 37.34
CA LEU E 11 19.62 -21.32 38.47
C LEU E 11 18.45 -21.89 39.27
N ALA E 12 17.46 -22.47 38.59
CA ALA E 12 16.30 -23.01 39.29
C ALA E 12 16.69 -24.14 40.21
N GLU E 13 17.51 -25.08 39.73
CA GLU E 13 17.94 -26.19 40.57
C GLU E 13 18.88 -25.73 41.68
N ASP E 14 19.59 -24.62 41.47
CA ASP E 14 20.35 -24.02 42.56
C ASP E 14 19.43 -23.41 43.60
N LEU E 15 18.35 -22.76 43.15
CA LEU E 15 17.37 -22.21 44.08
C LEU E 15 16.60 -23.31 44.80
N ARG E 16 16.35 -24.44 44.12
CA ARG E 16 15.70 -25.56 44.80
C ARG E 16 16.64 -26.28 45.75
N ALA E 17 17.94 -26.27 45.44
CA ALA E 17 18.92 -26.89 46.34
C ALA E 17 19.08 -26.11 47.64
N ILE E 18 18.75 -24.81 47.65
CA ILE E 18 18.88 -24.01 48.86
C ILE E 18 17.61 -24.00 49.70
N GLY E 19 16.48 -24.45 49.15
CA GLY E 19 15.27 -24.59 49.94
C GLY E 19 13.99 -24.09 49.30
N LEU E 20 14.11 -23.32 48.23
CA LEU E 20 12.93 -22.75 47.59
C LEU E 20 12.08 -23.86 46.97
N ALA E 21 10.78 -23.82 47.24
CA ALA E 21 9.84 -24.84 46.79
C ALA E 21 8.63 -24.18 46.15
N ASP E 22 7.68 -25.01 45.72
CA ASP E 22 6.49 -24.52 45.03
C ASP E 22 5.57 -23.79 46.01
N GLY E 23 5.19 -22.57 45.63
CA GLY E 23 4.29 -21.77 46.44
C GLY E 23 4.94 -20.84 47.44
N ASP E 24 6.27 -20.85 47.53
CA ASP E 24 6.96 -20.02 48.50
C ASP E 24 6.84 -18.55 48.14
N ALA E 25 6.68 -17.71 49.15
CA ALA E 25 6.76 -16.26 49.02
C ALA E 25 8.10 -15.82 49.60
N VAL E 26 9.01 -15.40 48.74
CA VAL E 26 10.39 -15.13 49.12
C VAL E 26 10.71 -13.66 48.87
N LEU E 27 11.33 -13.03 49.86
CA LEU E 27 11.85 -11.67 49.74
C LEU E 27 13.35 -11.78 49.44
N VAL E 28 13.77 -11.17 48.34
CA VAL E 28 15.13 -11.32 47.83
C VAL E 28 15.84 -9.96 47.87
N ALA E 29 17.01 -9.94 48.49
CA ALA E 29 17.96 -8.83 48.37
C ALA E 29 19.23 -9.39 47.74
N ALA E 30 19.59 -8.86 46.57
CA ALA E 30 20.60 -9.48 45.73
C ALA E 30 21.74 -8.53 45.43
N ALA E 31 22.90 -9.12 45.15
CA ALA E 31 24.07 -8.44 44.60
C ALA E 31 24.38 -9.15 43.28
N LEU E 32 23.75 -8.68 42.21
CA LEU E 32 23.72 -9.43 40.95
C LEU E 32 25.09 -9.56 40.31
N ARG E 33 26.06 -8.73 40.69
CA ARG E 33 27.40 -8.86 40.11
C ARG E 33 28.17 -10.04 40.68
N LYS E 34 27.64 -10.72 41.69
CA LYS E 34 28.32 -11.84 42.32
C LYS E 34 27.87 -13.21 41.82
N VAL E 35 26.67 -13.29 41.22
CA VAL E 35 26.18 -14.56 40.71
C VAL E 35 26.91 -14.98 39.44
N GLY E 36 27.60 -14.06 38.79
CA GLY E 36 28.41 -14.39 37.63
C GLY E 36 27.70 -14.12 36.32
N LYS E 37 28.32 -14.61 35.25
CA LYS E 37 27.78 -14.43 33.91
C LYS E 37 26.54 -15.30 33.73
N ILE E 38 25.42 -14.67 33.38
CA ILE E 38 24.16 -15.35 33.13
C ILE E 38 23.78 -15.14 31.68
N VAL E 39 23.19 -16.17 31.06
CA VAL E 39 22.84 -16.14 29.65
C VAL E 39 21.80 -15.08 29.32
N GLY E 40 20.59 -15.24 29.85
CA GLY E 40 19.50 -14.33 29.54
C GLY E 40 19.46 -13.14 30.48
N GLY E 41 20.63 -12.61 30.82
CA GLY E 41 20.73 -11.47 31.71
C GLY E 41 20.27 -11.80 33.12
N PRO E 42 20.19 -10.78 33.97
CA PRO E 42 19.69 -11.00 35.34
C PRO E 42 18.22 -11.42 35.39
N ASP E 43 17.48 -11.27 34.30
CA ASP E 43 16.09 -11.71 34.28
C ASP E 43 15.96 -13.22 34.35
N ASP E 44 17.03 -13.97 34.03
CA ASP E 44 16.99 -15.42 34.17
C ASP E 44 16.80 -15.84 35.62
N ILE E 45 17.24 -15.02 36.57
CA ILE E 45 17.05 -15.33 37.97
C ILE E 45 15.58 -15.21 38.36
N LEU E 46 14.96 -14.07 38.02
CA LEU E 46 13.56 -13.88 38.34
C LEU E 46 12.68 -14.93 37.66
N ASP E 47 13.00 -15.29 36.42
CA ASP E 47 12.23 -16.31 35.72
C ASP E 47 12.47 -17.69 36.33
N ALA E 48 13.66 -17.94 36.88
CA ALA E 48 13.95 -19.25 37.45
C ALA E 48 13.18 -19.48 38.75
N ARG E 50 10.23 -18.10 39.50
CA ARG E 50 8.85 -18.34 39.07
C ARG E 50 8.68 -19.76 38.55
N ASP E 51 9.74 -20.33 37.96
CA ASP E 51 9.72 -21.75 37.60
C ASP E 51 9.65 -22.62 38.84
N VAL E 52 10.26 -22.18 39.95
CA VAL E 52 10.30 -22.97 41.16
C VAL E 52 9.02 -22.80 41.98
N ILE E 53 8.74 -21.57 42.40
CA ILE E 53 7.59 -21.31 43.28
C ILE E 53 6.27 -21.36 42.53
N GLY E 54 6.29 -21.43 41.20
CA GLY E 54 5.08 -21.55 40.43
C GLY E 54 4.21 -20.31 40.49
N PRO E 55 2.98 -20.42 39.99
CA PRO E 55 2.08 -19.26 40.00
C PRO E 55 1.65 -18.83 41.40
N ALA E 56 1.51 -19.77 42.34
CA ALA E 56 1.04 -19.42 43.67
C ALA E 56 2.07 -18.64 44.48
N GLY E 57 3.35 -18.73 44.11
CA GLY E 57 4.39 -18.04 44.86
C GLY E 57 4.53 -16.57 44.44
N THR E 58 5.25 -15.83 45.28
CA THR E 58 5.47 -14.41 45.06
C THR E 58 6.93 -14.06 45.35
N VAL E 59 7.49 -13.19 44.52
CA VAL E 59 8.86 -12.72 44.66
C VAL E 59 8.82 -11.23 44.99
N LEU E 60 9.52 -10.84 46.05
CA LEU E 60 9.51 -9.47 46.53
C LEU E 60 10.91 -8.87 46.47
N GLY E 61 10.97 -7.56 46.69
CA GLY E 61 12.23 -6.83 46.70
C GLY E 61 12.08 -5.44 47.28
N TYR E 62 12.92 -5.12 48.27
CA TYR E 62 12.83 -3.84 48.97
C TYR E 62 13.20 -2.70 48.01
N ALA E 63 12.20 -1.94 47.58
CA ALA E 63 12.38 -0.99 46.49
C ALA E 63 12.85 0.38 46.98
N ASP E 64 12.18 0.93 47.99
CA ASP E 64 12.40 2.30 48.46
C ASP E 64 12.16 3.25 47.29
N TRP E 65 12.80 4.42 47.31
CA TRP E 65 12.74 5.34 46.17
C TRP E 65 13.86 6.36 46.30
N GLN E 66 14.43 6.74 45.17
CA GLN E 66 15.50 7.73 45.14
C GLN E 66 14.94 9.09 45.54
N LEU E 67 15.58 9.72 46.54
CA LEU E 67 15.04 10.99 47.03
C LEU E 67 16.13 11.93 47.53
N GLU E 68 17.22 11.39 48.09
CA GLU E 68 18.43 12.14 48.41
C GLU E 68 18.27 13.04 49.63
N ASP E 69 17.09 13.06 50.27
CA ASP E 69 16.77 14.02 51.34
C ASP E 69 16.96 15.46 50.88
N GLU E 70 16.70 15.72 49.60
CA GLU E 70 16.54 17.09 49.13
C GLU E 70 15.41 17.78 49.89
N ILE E 71 14.29 17.06 50.04
CA ILE E 71 13.10 17.51 50.77
C ILE E 71 13.45 18.24 52.05
N ARG E 72 14.09 17.51 52.98
CA ARG E 72 14.17 17.95 54.36
C ARG E 72 14.90 19.29 54.47
N ASP E 73 16.10 19.37 53.91
CA ASP E 73 16.92 20.57 54.06
C ASP E 73 17.31 21.17 52.73
N ASP E 74 16.33 21.48 51.88
CA ASP E 74 16.56 22.25 50.66
C ASP E 74 15.27 22.91 50.20
N PRO E 75 14.83 23.92 50.98
CA PRO E 75 13.67 24.75 50.69
C PRO E 75 13.99 25.40 49.35
N ALA E 76 12.99 25.52 48.51
CA ALA E 76 13.14 26.00 47.13
C ALA E 76 13.37 24.97 46.04
N ARG E 78 11.41 22.41 46.87
CA ARG E 78 10.16 21.80 47.34
C ARG E 78 9.19 21.58 46.18
N GLU E 79 8.89 22.64 45.42
CA GLU E 79 7.94 22.54 44.33
C GLU E 79 8.50 21.86 43.09
N HIS E 80 9.80 21.54 43.09
CA HIS E 80 10.43 20.86 41.96
C HIS E 80 10.67 19.39 42.21
N ILE E 81 10.31 18.88 43.39
CA ILE E 81 10.50 17.47 43.73
C ILE E 81 9.25 16.70 43.32
N PRO E 82 9.36 15.67 42.50
CA PRO E 82 8.18 14.87 42.15
C PRO E 82 7.71 14.02 43.31
N ALA E 83 6.40 13.81 43.37
CA ALA E 83 5.83 12.99 44.43
C ALA E 83 6.10 11.51 44.18
N PHE E 84 5.91 10.72 45.23
CA PHE E 84 6.13 9.28 45.15
C PHE E 84 4.92 8.63 44.48
N ASP E 85 5.14 8.07 43.30
CA ASP E 85 4.11 7.29 42.62
C ASP E 85 4.53 5.83 42.63
N PRO E 86 3.79 4.95 43.31
CA PRO E 86 4.22 3.53 43.37
C PRO E 86 4.29 2.84 42.01
N LEU E 87 3.76 3.46 40.95
CA LEU E 87 3.82 2.90 39.61
C LEU E 87 4.86 3.57 38.72
N ARG E 88 5.40 4.71 39.13
CA ARG E 88 6.37 5.45 38.31
C ARG E 88 7.70 5.70 39.01
N SER E 89 7.68 6.00 40.31
CA SER E 89 8.92 6.25 41.03
C SER E 89 9.82 5.01 41.01
N ARG E 90 11.07 5.21 40.63
CA ARG E 90 11.99 4.09 40.49
C ARG E 90 12.62 3.73 41.82
N SER E 91 13.03 2.46 41.94
CA SER E 91 13.60 1.96 43.18
C SER E 91 14.93 2.65 43.47
N ILE E 92 15.33 2.58 44.74
CA ILE E 92 16.57 3.22 45.15
C ILE E 92 17.76 2.43 44.61
N ARG E 93 18.87 3.14 44.37
CA ARG E 93 20.06 2.57 43.78
C ARG E 93 21.05 2.02 44.81
N ASP E 94 20.69 2.05 46.09
CA ASP E 94 21.63 1.67 47.15
C ASP E 94 21.91 0.17 47.16
N ASN E 95 20.89 -0.63 47.46
CA ASN E 95 21.13 -2.07 47.65
C ASN E 95 21.44 -2.76 46.34
N GLY E 96 20.77 -2.39 45.26
CA GLY E 96 21.06 -2.98 43.97
C GLY E 96 19.93 -2.75 42.98
N PHE E 97 20.17 -3.24 41.77
CA PHE E 97 19.20 -3.16 40.68
C PHE E 97 18.07 -4.16 40.82
N TRP E 98 18.21 -5.15 41.70
CA TRP E 98 17.20 -6.21 41.85
C TRP E 98 15.78 -5.70 42.05
N PRO E 99 15.50 -4.74 42.94
CA PRO E 99 14.10 -4.29 43.08
C PRO E 99 13.56 -3.64 41.83
N GLU E 100 14.37 -2.85 41.13
CA GLU E 100 13.92 -2.23 39.89
C GLU E 100 13.72 -3.27 38.79
N LEU E 101 14.50 -4.36 38.82
CA LEU E 101 14.27 -5.45 37.88
C LEU E 101 12.88 -6.06 38.07
N ILE E 102 12.44 -6.17 39.31
CA ILE E 102 11.09 -6.69 39.58
C ILE E 102 10.04 -5.64 39.23
N ARG E 103 10.28 -4.39 39.64
CA ARG E 103 9.28 -3.34 39.43
C ARG E 103 9.00 -3.10 37.96
N THR E 104 10.02 -3.24 37.10
CA THR E 104 9.85 -3.02 35.67
C THR E 104 9.40 -4.29 34.94
N THR E 105 9.33 -5.42 35.62
CA THR E 105 8.80 -6.63 35.00
C THR E 105 7.28 -6.51 34.87
N PRO E 106 6.71 -6.71 33.69
CA PRO E 106 5.27 -6.55 33.52
C PRO E 106 4.50 -7.57 34.35
N GLY E 107 3.42 -7.11 34.97
CA GLY E 107 2.66 -7.92 35.89
C GLY E 107 3.04 -7.78 37.34
N ALA E 108 4.04 -6.97 37.65
CA ALA E 108 4.50 -6.76 39.01
C ALA E 108 3.88 -5.48 39.58
N LEU E 109 3.76 -5.44 40.90
CA LEU E 109 3.16 -4.32 41.61
C LEU E 109 4.14 -3.79 42.65
N ARG E 110 3.77 -2.69 43.28
CA ARG E 110 4.64 -2.03 44.25
C ARG E 110 3.78 -1.33 45.29
N SER E 111 4.18 -1.44 46.56
CA SER E 111 3.38 -0.92 47.66
C SER E 111 3.42 0.60 47.69
N ALA E 112 2.52 1.18 48.49
CA ALA E 112 2.29 2.61 48.48
C ALA E 112 3.11 3.39 49.50
N SER E 113 3.67 2.71 50.51
CA SER E 113 4.48 3.41 51.50
C SER E 113 5.80 3.83 50.87
N PRO E 114 6.09 5.13 50.75
CA PRO E 114 7.26 5.55 49.95
C PRO E 114 8.59 5.03 50.48
N GLY E 115 8.85 5.18 51.78
CA GLY E 115 10.13 4.77 52.32
C GLY E 115 10.32 3.27 52.35
N ALA E 116 9.26 2.54 52.70
CA ALA E 116 9.32 1.09 52.85
C ALA E 116 8.70 0.35 51.67
N SER E 117 8.66 0.97 50.50
CA SER E 117 7.97 0.36 49.36
C SER E 117 8.65 -0.94 48.94
N ALA E 119 8.49 -4.07 45.87
CA ALA E 119 8.02 -4.52 44.58
C ALA E 119 7.83 -6.03 44.61
N ALA E 120 6.64 -6.49 44.21
CA ALA E 120 6.30 -7.90 44.27
C ALA E 120 5.68 -8.35 42.96
N ILE E 121 5.93 -9.60 42.60
CA ILE E 121 5.37 -10.23 41.42
C ILE E 121 5.09 -11.69 41.74
N GLY E 122 3.92 -12.16 41.34
CA GLY E 122 3.53 -13.54 41.57
C GLY E 122 2.04 -13.64 41.82
N GLY E 123 1.65 -14.72 42.50
CA GLY E 123 0.23 -14.94 42.76
C GLY E 123 -0.34 -13.98 43.77
N GLU E 124 0.43 -13.67 44.82
CA GLU E 124 0.00 -12.75 45.87
C GLU E 124 0.64 -11.37 45.71
N ALA E 125 0.76 -10.89 44.47
CA ALA E 125 1.35 -9.57 44.25
C ALA E 125 0.44 -8.47 44.76
N GLU E 126 -0.87 -8.63 44.59
CA GLU E 126 -1.81 -7.62 45.08
C GLU E 126 -1.81 -7.57 46.60
N TRP E 127 -1.88 -8.75 47.24
CA TRP E 127 -2.04 -8.80 48.69
C TRP E 127 -0.81 -8.27 49.43
N PHE E 128 0.39 -8.65 48.97
CA PHE E 128 1.61 -8.20 49.64
C PHE E 128 1.78 -6.69 49.54
N THR E 129 1.26 -6.07 48.48
CA THR E 129 1.42 -4.64 48.24
C THR E 129 0.19 -3.83 48.63
N ALA E 130 -0.88 -4.47 49.07
CA ALA E 130 -2.13 -3.77 49.38
C ALA E 130 -2.11 -3.24 50.80
N ASP E 131 -2.60 -2.00 50.96
CA ASP E 131 -2.81 -1.39 52.27
C ASP E 131 -1.52 -1.34 53.08
N HIS E 132 -0.42 -1.01 52.42
CA HIS E 132 0.85 -0.78 53.13
C HIS E 132 0.77 0.57 53.85
N ALA E 133 0.84 0.53 55.18
CA ALA E 133 0.66 1.73 55.98
C ALA E 133 1.76 2.74 55.69
N LEU E 134 1.38 4.02 55.69
CA LEU E 134 2.36 5.08 55.46
C LEU E 134 3.22 5.31 56.69
N ASP E 135 2.60 5.55 57.84
CA ASP E 135 3.34 5.68 59.09
C ASP E 135 3.70 4.30 59.62
N TYR E 136 4.95 4.13 60.03
CA TYR E 136 5.47 2.85 60.49
C TYR E 136 5.26 1.76 59.42
N GLY E 137 5.84 2.01 58.25
CA GLY E 137 5.80 1.10 57.12
C GLY E 137 6.55 -0.20 57.28
N TYR E 138 7.06 -0.50 58.47
CA TYR E 138 7.78 -1.74 58.73
C TYR E 138 7.10 -2.59 59.79
N GLY E 139 5.89 -2.21 60.22
CA GLY E 139 5.18 -2.93 61.25
C GLY E 139 4.28 -4.01 60.68
N PRO E 140 3.09 -4.16 61.25
CA PRO E 140 2.17 -5.22 60.79
C PRO E 140 1.62 -4.94 59.41
N ARG E 141 1.15 -3.71 59.17
CA ARG E 141 0.56 -3.33 57.90
C ARG E 141 1.67 -3.02 56.91
N SER E 142 2.30 -4.07 56.41
CA SER E 142 3.44 -3.96 55.52
C SER E 142 3.67 -5.31 54.86
N PRO E 143 4.41 -5.35 53.75
CA PRO E 143 4.77 -6.64 53.15
C PRO E 143 5.59 -7.52 54.09
N LEU E 144 6.39 -6.93 54.97
CA LEU E 144 7.19 -7.73 55.90
C LEU E 144 6.30 -8.47 56.89
N GLY E 145 5.31 -7.78 57.46
CA GLY E 145 4.38 -8.44 58.35
C GLY E 145 3.56 -9.51 57.65
N LYS E 146 3.21 -9.29 56.38
CA LYS E 146 2.49 -10.29 55.62
C LYS E 146 3.41 -11.43 55.18
N LEU E 147 4.71 -11.16 55.05
CA LEU E 147 5.65 -12.24 54.76
C LEU E 147 5.78 -13.19 55.96
N VAL E 148 5.67 -12.66 57.17
CA VAL E 148 5.68 -13.52 58.35
C VAL E 148 4.34 -14.22 58.52
N GLU E 149 3.24 -13.51 58.23
CA GLU E 149 1.92 -14.13 58.32
C GLU E 149 1.78 -15.28 57.34
N ALA E 150 2.34 -15.14 56.15
CA ALA E 150 2.33 -16.22 55.16
C ALA E 150 3.42 -17.25 55.39
N LYS E 151 4.22 -17.09 56.45
CA LYS E 151 5.33 -17.99 56.75
C LYS E 151 6.27 -18.15 55.56
N GLY E 152 6.58 -17.03 54.91
CA GLY E 152 7.44 -17.01 53.76
C GLY E 152 8.91 -17.18 54.13
N LYS E 153 9.76 -16.91 53.14
CA LYS E 153 11.20 -17.05 53.29
C LYS E 153 11.89 -15.79 52.80
N VAL E 154 13.19 -15.71 53.08
CA VAL E 154 14.02 -14.56 52.70
C VAL E 154 15.34 -15.09 52.16
N LEU E 155 15.70 -14.65 50.95
CA LEU E 155 16.90 -15.12 50.27
C LEU E 155 17.90 -13.97 50.15
N LEU E 157 20.60 -13.22 48.13
CA LEU E 157 21.26 -13.62 46.89
C LEU E 157 22.57 -12.84 46.74
N GLY E 158 23.59 -13.30 47.46
CA GLY E 158 24.90 -12.70 47.39
C GLY E 158 25.06 -11.39 48.13
N ALA E 159 23.96 -10.75 48.53
CA ALA E 159 24.05 -9.49 49.24
C ALA E 159 24.59 -9.72 50.65
N PRO E 160 25.22 -8.70 51.25
CA PRO E 160 25.67 -8.84 52.64
C PRO E 160 24.50 -9.04 53.58
N LEU E 161 24.76 -9.77 54.67
CA LEU E 161 23.69 -10.18 55.57
C LEU E 161 23.10 -9.02 56.36
N ASP E 162 23.82 -7.90 56.50
CA ASP E 162 23.28 -6.76 57.22
C ASP E 162 22.22 -6.01 56.43
N THR E 163 21.95 -6.41 55.18
CA THR E 163 20.93 -5.76 54.37
C THR E 163 19.57 -6.43 54.49
N THR E 165 16.36 -6.50 55.18
CA THR E 165 15.37 -5.51 55.55
C THR E 165 14.25 -6.11 56.40
N LEU E 166 14.06 -7.44 56.34
CA LEU E 166 13.02 -8.08 57.13
C LEU E 166 13.22 -7.84 58.62
N LEU E 167 14.47 -7.82 59.08
CA LEU E 167 14.74 -7.63 60.50
C LEU E 167 14.30 -6.26 61.01
N HIS E 168 14.00 -5.31 60.12
CA HIS E 168 13.40 -4.05 60.55
C HIS E 168 12.00 -4.27 61.12
N HIS E 169 11.31 -5.32 60.65
CA HIS E 169 10.04 -5.69 61.24
C HIS E 169 10.21 -6.17 62.68
N ALA E 170 11.34 -6.82 62.98
CA ALA E 170 11.59 -7.24 64.36
C ALA E 170 11.86 -6.06 65.28
N GLU E 171 12.50 -5.01 64.76
CA GLU E 171 12.68 -3.79 65.56
C GLU E 171 11.35 -3.16 65.92
N HIS E 172 10.34 -3.30 65.05
CA HIS E 172 9.02 -2.75 65.35
C HIS E 172 8.29 -3.57 66.39
N LEU E 173 8.59 -4.87 66.47
CA LEU E 173 7.91 -5.75 67.42
C LEU E 173 8.65 -5.89 68.74
N ALA E 174 9.97 -5.72 68.74
CA ALA E 174 10.74 -5.87 69.97
C ALA E 174 10.44 -4.75 70.94
N ASP E 175 10.43 -5.08 72.22
CA ASP E 175 10.14 -4.12 73.29
C ASP E 175 11.44 -3.79 74.01
N PHE E 176 12.06 -2.68 73.62
CA PHE E 176 13.26 -2.17 74.27
C PHE E 176 13.15 -0.66 74.40
N PRO E 177 13.69 -0.09 75.46
CA PRO E 177 13.49 1.34 75.72
C PRO E 177 14.24 2.22 74.72
N ASN E 178 13.79 3.47 74.64
CA ASN E 178 14.46 4.50 73.83
C ASN E 178 14.50 4.14 72.35
N LYS E 179 13.33 3.79 71.81
CA LYS E 179 13.21 3.55 70.38
C LYS E 179 13.16 4.89 69.65
N ARG E 180 14.13 5.12 68.76
CA ARG E 180 14.23 6.40 68.07
C ARG E 180 13.06 6.57 67.11
N ILE E 181 12.18 7.52 67.41
CA ILE E 181 11.08 7.88 66.52
C ILE E 181 11.59 8.91 65.53
N LEU E 182 11.45 8.62 64.25
CA LEU E 182 11.97 9.48 63.18
C LEU E 182 10.80 10.05 62.39
N ARG E 183 10.65 11.37 62.44
CA ARG E 183 9.59 12.07 61.73
C ARG E 183 10.18 12.87 60.58
N TYR E 184 9.44 12.95 59.47
CA TYR E 184 9.90 13.67 58.29
C TYR E 184 8.69 14.04 57.44
N GLU E 185 8.95 14.71 56.34
CA GLU E 185 7.93 15.11 55.38
C GLU E 185 8.30 14.59 54.00
N ALA E 186 7.29 14.25 53.20
CA ALA E 186 7.52 13.72 51.87
C ALA E 186 6.28 13.92 51.01
N PRO E 187 6.42 14.16 49.70
CA PRO E 187 5.23 14.36 48.87
C PRO E 187 4.70 13.03 48.35
N ILE E 188 3.44 12.75 48.65
CA ILE E 188 2.78 11.56 48.13
C ILE E 188 1.76 12.01 47.09
N LEU E 189 1.03 11.05 46.52
CA LEU E 189 0.08 11.31 45.45
C LEU E 189 -1.31 10.86 45.91
N VAL E 190 -2.12 11.80 46.38
CA VAL E 190 -3.49 11.54 46.79
C VAL E 190 -4.43 12.10 45.73
N ASP E 191 -5.33 11.25 45.23
CA ASP E 191 -6.28 11.61 44.18
C ASP E 191 -5.57 12.22 42.97
N GLY E 192 -4.40 11.68 42.66
CA GLY E 192 -3.61 12.12 41.52
C GLY E 192 -2.82 13.40 41.72
N GLU E 193 -3.14 14.19 42.75
CA GLU E 193 -2.44 15.44 43.01
C GLU E 193 -1.44 15.25 44.14
N LYS E 194 -0.29 15.91 44.01
CA LYS E 194 0.79 15.78 44.98
C LYS E 194 0.53 16.70 46.17
N VAL E 195 0.65 16.14 47.38
CA VAL E 195 0.56 16.89 48.63
C VAL E 195 1.72 16.47 49.52
N TRP E 196 1.99 17.30 50.52
CA TRP E 196 3.11 17.08 51.43
C TRP E 196 2.58 16.51 52.74
N ARG E 197 2.98 15.28 53.05
CA ARG E 197 2.49 14.55 54.21
C ARG E 197 3.59 14.37 55.24
N TRP E 198 3.21 14.41 56.51
CA TRP E 198 4.13 14.15 57.62
C TRP E 198 4.09 12.67 57.98
N PHE E 199 5.27 12.07 58.13
CA PHE E 199 5.41 10.64 58.38
C PHE E 199 5.98 10.38 59.76
N GLU E 200 5.76 9.17 60.26
CA GLU E 200 6.34 8.70 61.51
C GLU E 200 6.73 7.24 61.36
N GLU E 201 7.91 6.89 61.85
CA GLU E 201 8.41 5.52 61.76
C GLU E 201 9.60 5.38 62.68
N PHE E 202 9.84 4.16 63.14
CA PHE E 202 11.05 3.86 63.90
C PHE E 202 12.27 4.05 63.00
N ASP E 203 13.34 4.57 63.57
CA ASP E 203 14.53 4.89 62.79
C ASP E 203 15.09 3.64 62.13
N THR E 204 15.11 3.63 60.81
CA THR E 204 15.59 2.49 60.05
C THR E 204 16.97 2.71 59.45
N SER E 205 17.43 3.96 59.37
CA SER E 205 18.76 4.24 58.82
C SER E 205 19.86 4.08 59.85
N ASP E 206 19.52 4.04 61.14
CA ASP E 206 20.50 3.89 62.20
C ASP E 206 20.02 2.86 63.21
N PRO E 207 20.90 1.97 63.67
CA PRO E 207 20.50 0.95 64.63
C PRO E 207 20.27 1.56 66.00
N PRO E 208 19.56 0.85 66.89
CA PRO E 208 19.35 1.40 68.24
C PRO E 208 20.66 1.68 68.96
N ASP E 209 20.61 2.67 69.86
CA ASP E 209 21.79 3.15 70.55
C ASP E 209 22.48 2.03 71.33
N GLY E 210 23.63 1.57 70.83
CA GLY E 210 24.37 0.52 71.51
C GLY E 210 24.99 -0.48 70.55
N LEU E 211 24.26 -0.81 69.48
CA LEU E 211 24.71 -1.77 68.50
C LEU E 211 25.29 -1.06 67.28
N ALA E 212 26.25 -1.73 66.63
CA ALA E 212 26.82 -1.18 65.41
C ALA E 212 25.85 -1.34 64.25
N ASP E 213 26.14 -0.63 63.15
CA ASP E 213 25.32 -0.75 61.96
C ASP E 213 25.36 -2.15 61.37
N ASP E 214 26.40 -2.92 61.68
CA ASP E 214 26.57 -4.26 61.15
C ASP E 214 25.80 -5.32 61.93
N TYR E 215 25.19 -4.95 63.07
CA TYR E 215 24.66 -5.93 64.01
C TYR E 215 23.61 -6.86 63.40
N PHE E 216 23.04 -6.51 62.24
CA PHE E 216 22.09 -7.42 61.60
C PHE E 216 22.75 -8.74 61.22
N ALA E 217 24.02 -8.68 60.79
CA ALA E 217 24.74 -9.90 60.44
C ALA E 217 24.95 -10.79 61.66
N GLY E 218 25.01 -10.20 62.85
CA GLY E 218 25.14 -11.00 64.05
C GLY E 218 23.89 -11.81 64.35
N ILE E 219 22.72 -11.19 64.21
CA ILE E 219 21.46 -11.90 64.45
C ILE E 219 21.27 -12.99 63.41
N VAL E 220 21.64 -12.72 62.15
CA VAL E 220 21.48 -13.71 61.10
C VAL E 220 22.41 -14.90 61.33
N GLU E 221 23.70 -14.62 61.57
CA GLU E 221 24.66 -15.70 61.76
C GLU E 221 24.38 -16.49 63.04
N GLU E 222 23.86 -15.83 64.08
CA GLU E 222 23.44 -16.57 65.27
C GLU E 222 22.23 -17.43 64.99
N PHE E 223 21.40 -17.05 64.02
CA PHE E 223 20.26 -17.89 63.64
C PHE E 223 20.71 -19.12 62.88
N LEU E 224 21.69 -18.96 61.98
CA LEU E 224 22.24 -20.11 61.27
C LEU E 224 23.00 -21.05 62.20
N ALA E 225 23.49 -20.55 63.34
CA ALA E 225 24.16 -21.41 64.29
C ALA E 225 23.22 -22.42 64.94
N THR E 226 21.91 -22.17 64.91
CA THR E 226 20.95 -23.11 65.46
C THR E 226 20.68 -24.29 64.52
N GLY E 227 20.96 -24.13 63.23
CA GLY E 227 20.73 -25.18 62.26
C GLY E 227 19.42 -25.08 61.51
N ARG E 228 18.66 -23.99 61.67
CA ARG E 228 17.39 -23.85 60.99
C ARG E 228 17.57 -23.38 59.55
N GLY E 229 18.41 -22.38 59.34
CA GLY E 229 18.61 -21.84 58.01
C GLY E 229 19.60 -22.65 57.18
N LYS E 230 19.46 -22.52 55.86
CA LYS E 230 20.31 -23.23 54.91
C LYS E 230 21.20 -22.22 54.19
N ARG E 231 22.46 -22.60 53.96
CA ARG E 231 23.43 -21.76 53.25
C ARG E 231 23.87 -22.48 51.99
N GLY E 232 23.76 -21.79 50.86
CA GLY E 232 24.20 -22.34 49.58
C GLY E 232 24.33 -21.23 48.56
N LYS E 233 25.15 -21.49 47.55
CA LYS E 233 25.45 -20.49 46.53
C LYS E 233 24.55 -20.66 45.33
N ILE E 234 23.94 -19.57 44.88
CA ILE E 234 23.14 -19.55 43.66
C ILE E 234 24.06 -19.10 42.53
N GLY E 235 24.32 -20.00 41.59
CA GLY E 235 25.26 -19.71 40.53
C GLY E 235 26.68 -19.56 41.06
N GLU E 236 27.13 -18.31 41.22
CA GLU E 236 28.45 -18.03 41.76
C GLU E 236 28.41 -17.28 43.09
N ALA E 237 27.29 -16.66 43.44
CA ALA E 237 27.19 -15.88 44.66
C ALA E 237 26.71 -16.76 45.81
N SER E 238 27.47 -16.80 46.90
CA SER E 238 27.05 -17.50 48.09
C SER E 238 25.84 -16.80 48.69
N SER E 239 24.81 -17.59 49.03
CA SER E 239 23.55 -17.04 49.50
C SER E 239 23.13 -17.74 50.79
N VAL E 240 22.10 -17.17 51.42
CA VAL E 240 21.54 -17.70 52.66
C VAL E 240 20.02 -17.61 52.57
N LEU E 241 19.34 -18.72 52.84
CA LEU E 241 17.88 -18.76 52.85
C LEU E 241 17.40 -19.08 54.26
N VAL E 242 16.58 -18.19 54.80
CA VAL E 242 16.04 -18.37 56.15
C VAL E 242 14.54 -18.15 56.12
N PRO E 243 13.77 -18.90 56.91
CA PRO E 243 12.32 -18.65 56.97
C PRO E 243 12.03 -17.33 57.66
N ALA E 244 11.09 -16.58 57.08
CA ALA E 244 10.79 -15.24 57.60
C ALA E 244 10.11 -15.31 58.96
N ASP E 245 9.21 -16.27 59.16
CA ASP E 245 8.46 -16.33 60.41
C ASP E 245 9.35 -16.69 61.59
N GLU E 246 10.41 -17.46 61.37
CA GLU E 246 11.26 -17.89 62.46
C GLU E 246 12.28 -16.82 62.84
N ILE E 247 12.97 -16.25 61.83
CA ILE E 247 14.02 -15.29 62.11
C ILE E 247 13.48 -13.99 62.70
N VAL E 248 12.20 -13.69 62.47
CA VAL E 248 11.59 -12.53 63.11
C VAL E 248 11.41 -12.78 64.60
N ALA E 249 10.89 -13.96 64.96
CA ALA E 249 10.77 -14.31 66.37
C ALA E 249 12.15 -14.42 67.02
N PHE E 250 13.14 -14.93 66.27
CA PHE E 250 14.49 -15.01 66.81
C PHE E 250 15.04 -13.63 67.12
N ALA E 251 14.86 -12.68 66.22
CA ALA E 251 15.38 -11.33 66.42
C ALA E 251 14.55 -10.52 67.41
N VAL E 252 13.30 -10.90 67.64
CA VAL E 252 12.47 -10.16 68.59
C VAL E 252 12.96 -10.38 70.02
N ASP E 253 13.07 -11.64 70.43
CA ASP E 253 13.60 -11.92 71.76
C ASP E 253 15.10 -11.63 71.84
N TRP E 254 15.79 -11.59 70.70
CA TRP E 254 17.20 -11.19 70.69
C TRP E 254 17.34 -9.75 71.17
N LEU E 255 16.48 -8.85 70.66
CA LEU E 255 16.52 -7.46 71.07
C LEU E 255 15.92 -7.25 72.45
N GLU E 256 14.89 -8.03 72.81
CA GLU E 256 14.31 -7.90 74.14
C GLU E 256 15.26 -8.40 75.21
N ARG E 257 16.00 -9.47 74.93
CA ARG E 257 17.08 -9.89 75.83
C ARG E 257 18.21 -8.87 75.84
N TRP E 258 18.41 -8.17 74.72
CA TRP E 258 19.41 -7.12 74.66
C TRP E 258 18.91 -5.79 75.22
N GLY E 259 17.59 -5.58 75.22
CA GLY E 259 17.07 -4.27 75.56
C GLY E 259 17.21 -3.93 77.04
N ARG E 260 17.04 -4.92 77.91
CA ARG E 260 17.08 -4.63 79.35
C ARG E 260 18.47 -4.26 79.81
N THR E 261 19.51 -4.91 79.26
CA THR E 261 20.88 -4.68 79.68
C THR E 261 21.57 -3.58 78.86
N ALA E 262 20.83 -2.85 78.05
CA ALA E 262 21.41 -1.83 77.18
C ALA E 262 20.69 -0.49 77.39
N ARG E 263 21.47 0.54 77.71
CA ARG E 263 20.94 1.90 77.85
C ARG E 263 22.08 2.91 77.81
N ARG F 4 25.07 23.86 38.16
CA ARG F 4 23.81 24.20 38.82
C ARG F 4 22.82 23.04 38.70
N VAL F 5 21.57 23.29 39.09
CA VAL F 5 20.53 22.28 39.10
C VAL F 5 19.55 22.54 37.97
N SER F 6 19.05 21.48 37.36
CA SER F 6 18.05 21.55 36.30
C SER F 6 16.73 20.98 36.82
N THR F 7 15.66 21.73 36.64
CA THR F 7 14.34 21.32 37.08
C THR F 7 13.50 20.90 35.89
N ARG F 8 12.37 20.24 36.18
CA ARG F 8 11.41 19.92 35.13
C ARG F 8 10.92 21.18 34.44
N SER F 9 10.80 22.29 35.17
CA SER F 9 10.42 23.55 34.56
C SER F 9 11.56 24.12 33.70
N SER F 10 12.80 23.98 34.18
CA SER F 10 13.93 24.52 33.43
C SER F 10 14.25 23.66 32.22
N LEU F 11 14.13 22.33 32.35
CA LEU F 11 14.39 21.45 31.22
C LEU F 11 13.41 21.70 30.08
N ALA F 12 12.16 22.07 30.41
CA ALA F 12 11.20 22.39 29.37
C ALA F 12 11.60 23.65 28.61
N GLU F 13 12.21 24.62 29.30
CA GLU F 13 12.66 25.83 28.63
C GLU F 13 13.86 25.54 27.73
N ASP F 14 14.73 24.63 28.14
CA ASP F 14 15.88 24.27 27.31
C ASP F 14 15.43 23.58 26.04
N LEU F 15 14.42 22.70 26.14
CA LEU F 15 13.93 21.99 24.97
C LEU F 15 13.10 22.90 24.06
N ARG F 16 12.41 23.88 24.63
CA ARG F 16 11.66 24.82 23.80
C ARG F 16 12.59 25.74 23.03
N ALA F 17 13.71 26.14 23.64
CA ALA F 17 14.66 27.01 22.96
C ALA F 17 15.37 26.29 21.82
N ILE F 18 15.54 24.97 21.93
CA ILE F 18 16.23 24.24 20.88
C ILE F 18 15.31 23.89 19.70
N GLY F 19 14.00 23.99 19.89
CA GLY F 19 13.09 23.79 18.77
C GLY F 19 11.94 22.85 19.01
N LEU F 20 11.96 22.11 20.13
CA LEU F 20 10.88 21.18 20.43
C LEU F 20 9.58 21.95 20.67
N ALA F 21 8.50 21.49 20.04
CA ALA F 21 7.22 22.18 20.10
C ALA F 21 6.10 21.15 20.22
N ASP F 22 4.87 21.64 20.19
CA ASP F 22 3.70 20.79 20.38
C ASP F 22 3.52 19.85 19.19
N GLY F 23 3.06 18.63 19.49
CA GLY F 23 2.78 17.64 18.47
C GLY F 23 3.99 16.99 17.85
N ASP F 24 5.20 17.46 18.14
CA ASP F 24 6.40 16.89 17.53
C ASP F 24 6.69 15.51 18.08
N ALA F 25 7.11 14.61 17.21
CA ALA F 25 7.58 13.28 17.57
C ALA F 25 9.09 13.27 17.41
N VAL F 26 9.81 13.18 18.53
CA VAL F 26 11.26 13.35 18.56
C VAL F 26 11.90 12.03 18.97
N LEU F 27 12.88 11.58 18.19
CA LEU F 27 13.73 10.46 18.56
C LEU F 27 14.94 10.99 19.30
N VAL F 28 15.18 10.47 20.51
CA VAL F 28 16.19 11.01 21.42
C VAL F 28 17.28 9.96 21.63
N ALA F 29 18.53 10.37 21.43
CA ALA F 29 19.69 9.59 21.82
C ALA F 29 20.46 10.42 22.84
N ALA F 30 20.56 9.90 24.07
CA ALA F 30 20.98 10.71 25.20
C ALA F 30 22.26 10.17 25.83
N ALA F 31 22.92 11.07 26.57
CA ALA F 31 24.02 10.74 27.47
C ALA F 31 23.68 11.46 28.77
N LEU F 32 22.89 10.79 29.62
CA LEU F 32 22.23 11.47 30.73
C LEU F 32 23.21 12.08 31.74
N ARG F 33 24.43 11.55 31.82
CA ARG F 33 25.40 12.12 32.76
C ARG F 33 25.81 13.54 32.34
N LYS F 34 25.71 13.85 31.04
CA LYS F 34 26.07 15.18 30.58
C LYS F 34 25.07 16.25 31.01
N VAL F 35 23.82 15.86 31.29
CA VAL F 35 22.80 16.84 31.64
C VAL F 35 23.09 17.49 32.98
N GLY F 36 23.69 16.75 33.91
CA GLY F 36 24.06 17.29 35.20
C GLY F 36 23.09 16.91 36.31
N LYS F 37 23.19 17.65 37.40
CA LYS F 37 22.36 17.39 38.57
C LYS F 37 20.92 17.82 38.30
N ILE F 38 19.99 16.87 38.36
CA ILE F 38 18.58 17.12 38.14
C ILE F 38 17.83 16.81 39.43
N VAL F 39 16.75 17.56 39.67
CA VAL F 39 15.97 17.40 40.89
C VAL F 39 15.33 16.02 40.93
N GLY F 40 14.43 15.75 39.99
CA GLY F 40 13.72 14.48 39.96
C GLY F 40 14.43 13.41 39.16
N GLY F 41 15.73 13.58 38.94
CA GLY F 41 16.52 12.61 38.22
C GLY F 41 16.30 12.70 36.72
N PRO F 42 16.72 11.67 35.99
CA PRO F 42 16.57 11.71 34.52
C PRO F 42 15.13 11.59 34.05
N ASP F 43 14.22 11.11 34.89
CA ASP F 43 12.81 11.03 34.50
C ASP F 43 12.19 12.40 34.32
N ASP F 44 12.78 13.45 34.91
CA ASP F 44 12.29 14.80 34.67
C ASP F 44 12.55 15.24 33.23
N ILE F 45 13.57 14.67 32.58
CA ILE F 45 13.83 14.98 31.18
C ILE F 45 12.70 14.45 30.30
N LEU F 46 12.29 13.21 30.53
CA LEU F 46 11.19 12.64 29.76
C LEU F 46 9.89 13.40 30.02
N ASP F 47 9.65 13.80 31.27
CA ASP F 47 8.46 14.57 31.59
C ASP F 47 8.51 15.97 30.98
N ALA F 48 9.71 16.57 30.92
CA ALA F 48 9.82 17.90 30.33
C ALA F 48 9.49 17.88 28.84
N ARG F 50 7.43 15.73 27.32
CA ARG F 50 5.99 15.54 27.22
C ARG F 50 5.24 16.81 27.60
N ASP F 51 5.82 17.65 28.46
CA ASP F 51 5.21 18.94 28.77
C ASP F 51 5.31 19.91 27.62
N VAL F 52 6.25 19.72 26.71
CA VAL F 52 6.45 20.59 25.56
C VAL F 52 5.74 20.06 24.32
N ILE F 53 5.90 18.76 24.03
CA ILE F 53 5.27 18.17 22.85
C ILE F 53 3.79 17.93 23.03
N GLY F 54 3.27 18.03 24.25
CA GLY F 54 1.88 17.80 24.50
C GLY F 54 1.50 16.33 24.42
N PRO F 55 0.21 16.03 24.57
CA PRO F 55 -0.22 14.63 24.51
C PRO F 55 -0.11 14.04 23.12
N ALA F 56 -0.26 14.85 22.06
CA ALA F 56 -0.21 14.33 20.70
C ALA F 56 1.21 13.95 20.28
N GLY F 57 2.23 14.50 20.94
CA GLY F 57 3.60 14.21 20.59
C GLY F 57 4.02 12.81 21.00
N THR F 58 5.25 12.46 20.61
CA THR F 58 5.80 11.15 20.90
C THR F 58 7.30 11.29 21.15
N VAL F 59 7.82 10.46 22.04
CA VAL F 59 9.26 10.39 22.33
C VAL F 59 9.71 8.96 22.06
N LEU F 60 10.83 8.84 21.33
CA LEU F 60 11.35 7.54 20.93
C LEU F 60 12.78 7.37 21.44
N GLY F 61 13.27 6.13 21.32
CA GLY F 61 14.62 5.80 21.73
C GLY F 61 15.06 4.44 21.22
N TYR F 62 16.24 4.39 20.60
CA TYR F 62 16.76 3.14 20.05
C TYR F 62 16.99 2.11 21.16
N ALA F 63 16.14 1.09 21.21
CA ALA F 63 16.19 0.11 22.29
C ALA F 63 17.14 -1.05 22.01
N ASP F 64 16.96 -1.72 20.88
CA ASP F 64 17.69 -2.96 20.55
C ASP F 64 17.42 -3.94 21.70
N TRP F 65 18.32 -4.89 21.94
CA TRP F 65 18.26 -5.69 23.16
C TRP F 65 19.61 -6.36 23.38
N GLN F 66 19.84 -6.73 24.64
CA GLN F 66 21.12 -7.28 25.08
C GLN F 66 21.22 -8.74 24.63
N LEU F 67 22.13 -9.00 23.69
CA LEU F 67 22.32 -10.37 23.23
C LEU F 67 23.79 -10.72 23.13
N GLU F 68 24.65 -9.71 22.89
CA GLU F 68 26.10 -9.83 22.92
C GLU F 68 26.65 -10.68 21.79
N ASP F 69 25.81 -11.09 20.82
CA ASP F 69 26.21 -12.00 19.76
C ASP F 69 26.74 -13.32 20.30
N GLU F 70 26.51 -13.59 21.58
CA GLU F 70 26.64 -14.92 22.18
C GLU F 70 25.57 -15.87 21.64
N ILE F 71 24.72 -15.37 20.73
CA ILE F 71 23.65 -16.16 20.14
C ILE F 71 24.18 -17.08 19.05
N ARG F 72 25.11 -16.58 18.24
CA ARG F 72 25.33 -17.14 16.91
C ARG F 72 26.08 -18.47 16.97
N ASP F 73 27.22 -18.50 17.64
CA ASP F 73 28.13 -19.64 17.52
C ASP F 73 28.45 -20.27 18.86
N ASP F 74 27.51 -20.25 19.80
CA ASP F 74 27.65 -20.96 21.07
C ASP F 74 26.51 -21.96 21.20
N PRO F 75 26.55 -23.07 20.47
CA PRO F 75 25.56 -24.12 20.68
C PRO F 75 25.67 -24.69 22.08
N ALA F 76 24.56 -25.29 22.54
CA ALA F 76 24.27 -25.67 23.92
C ALA F 76 23.91 -24.45 24.74
N ARG F 78 21.67 -22.24 22.87
CA ARG F 78 20.42 -21.98 22.16
C ARG F 78 19.21 -22.31 23.02
N GLU F 79 19.28 -23.42 23.76
CA GLU F 79 18.18 -23.83 24.61
C GLU F 79 17.94 -22.86 25.76
N HIS F 80 18.92 -22.01 26.08
CA HIS F 80 18.85 -21.16 27.25
C HIS F 80 18.67 -19.68 26.93
N ILE F 81 18.90 -19.27 25.68
CA ILE F 81 18.73 -17.88 25.28
C ILE F 81 17.24 -17.56 25.17
N PRO F 82 16.72 -16.60 25.93
CA PRO F 82 15.30 -16.28 25.85
C PRO F 82 14.97 -15.58 24.55
N ALA F 83 13.75 -15.83 24.06
CA ALA F 83 13.29 -15.22 22.83
C ALA F 83 13.10 -13.71 23.02
N PHE F 84 12.99 -13.00 21.90
CA PHE F 84 12.81 -11.56 21.92
C PHE F 84 11.37 -11.24 22.28
N ASP F 85 11.14 -10.67 23.46
CA ASP F 85 9.82 -10.24 23.87
C ASP F 85 9.75 -8.73 23.77
N PRO F 86 8.92 -8.17 22.89
CA PRO F 86 8.84 -6.70 22.78
C PRO F 86 8.39 -6.00 24.06
N LEU F 87 7.94 -6.75 25.06
CA LEU F 87 7.50 -6.17 26.33
C LEU F 87 8.42 -6.50 27.50
N ARG F 88 9.13 -7.63 27.44
CA ARG F 88 9.96 -8.06 28.56
C ARG F 88 11.45 -7.96 28.33
N SER F 89 11.90 -8.08 27.08
CA SER F 89 13.32 -7.97 26.79
C SER F 89 13.81 -6.56 27.09
N ARG F 90 14.89 -6.47 27.85
CA ARG F 90 15.42 -5.16 28.25
C ARG F 90 16.29 -4.59 27.15
N SER F 91 16.21 -3.27 26.96
CA SER F 91 16.96 -2.61 25.91
C SER F 91 18.46 -2.67 26.18
N ILE F 92 19.25 -2.43 25.14
CA ILE F 92 20.68 -2.57 25.24
C ILE F 92 21.27 -1.43 26.07
N ARG F 93 22.39 -1.72 26.73
CA ARG F 93 23.05 -0.76 27.61
C ARG F 93 24.20 -0.02 26.93
N ASP F 94 24.30 -0.10 25.60
CA ASP F 94 25.44 0.49 24.91
C ASP F 94 25.41 2.00 24.99
N ASN F 95 24.37 2.63 24.43
CA ASN F 95 24.32 4.08 24.30
C ASN F 95 23.61 4.77 25.47
N GLY F 96 23.54 4.11 26.62
CA GLY F 96 23.03 4.74 27.83
C GLY F 96 21.73 4.12 28.30
N PHE F 97 21.25 4.67 29.42
CA PHE F 97 20.03 4.21 30.07
C PHE F 97 18.77 4.81 29.46
N TRP F 98 18.91 5.82 28.60
CA TRP F 98 17.74 6.52 28.05
C TRP F 98 16.73 5.60 27.38
N PRO F 99 17.11 4.66 26.51
CA PRO F 99 16.08 3.76 25.93
C PRO F 99 15.38 2.91 26.98
N GLU F 100 16.09 2.46 28.01
CA GLU F 100 15.44 1.74 29.09
C GLU F 100 14.61 2.67 29.96
N LEU F 101 15.00 3.95 30.05
CA LEU F 101 14.20 4.92 30.77
C LEU F 101 12.84 5.10 30.13
N ILE F 102 12.79 5.13 28.79
CA ILE F 102 11.53 5.27 28.08
C ILE F 102 10.73 3.98 28.19
N ARG F 103 11.38 2.84 27.94
CA ARG F 103 10.66 1.57 27.89
C ARG F 103 10.04 1.21 29.23
N THR F 104 10.80 1.40 30.32
CA THR F 104 10.30 1.04 31.65
C THR F 104 9.25 2.02 32.17
N THR F 105 8.95 3.10 31.45
CA THR F 105 7.92 4.03 31.88
C THR F 105 6.55 3.47 31.52
N PRO F 106 5.60 3.45 32.46
CA PRO F 106 4.25 2.95 32.13
C PRO F 106 3.61 3.75 31.01
N GLY F 107 3.20 3.05 29.96
CA GLY F 107 2.64 3.68 28.78
C GLY F 107 3.51 3.64 27.55
N ALA F 108 4.66 2.98 27.61
CA ALA F 108 5.57 2.88 26.49
C ALA F 108 5.36 1.57 25.74
N LEU F 109 5.48 1.63 24.42
CA LEU F 109 5.39 0.45 23.58
C LEU F 109 6.70 0.28 22.82
N ARG F 110 7.03 -0.96 22.51
CA ARG F 110 8.28 -1.28 21.83
C ARG F 110 8.00 -2.18 20.63
N SER F 111 8.70 -1.91 19.54
CA SER F 111 8.45 -2.59 18.27
C SER F 111 8.94 -4.03 18.33
N ALA F 112 8.66 -4.78 17.26
CA ALA F 112 8.85 -6.22 17.24
C ALA F 112 10.13 -6.67 16.53
N SER F 113 10.83 -5.78 15.84
CA SER F 113 12.07 -6.16 15.18
C SER F 113 13.22 -6.11 16.17
N PRO F 114 13.90 -7.23 16.44
CA PRO F 114 14.94 -7.23 17.49
C PRO F 114 16.06 -6.24 17.25
N GLY F 115 16.77 -6.38 16.11
CA GLY F 115 17.95 -5.57 15.85
C GLY F 115 17.68 -4.10 15.69
N ALA F 116 16.41 -3.69 15.60
CA ALA F 116 16.06 -2.29 15.40
C ALA F 116 14.90 -1.86 16.28
N SER F 117 14.63 -2.59 17.36
CA SER F 117 13.51 -2.26 18.22
C SER F 117 13.69 -0.89 18.86
N ALA F 119 11.77 1.95 21.63
CA ALA F 119 10.74 2.32 22.59
C ALA F 119 10.08 3.62 22.16
N ALA F 120 8.81 3.78 22.54
CA ALA F 120 8.06 4.97 22.18
C ALA F 120 6.94 5.17 23.19
N ILE F 121 6.72 6.42 23.58
CA ILE F 121 5.65 6.77 24.51
C ILE F 121 5.09 8.13 24.10
N GLY F 122 3.77 8.22 24.00
CA GLY F 122 3.12 9.45 23.61
C GLY F 122 1.80 9.15 22.93
N GLY F 123 1.33 10.13 22.16
CA GLY F 123 0.04 9.98 21.49
C GLY F 123 0.06 8.90 20.43
N GLU F 124 1.03 8.97 19.53
CA GLU F 124 1.17 8.00 18.45
C GLU F 124 2.20 6.92 18.78
N ALA F 125 2.30 6.53 20.05
CA ALA F 125 3.24 5.49 20.43
C ALA F 125 2.88 4.14 19.82
N GLU F 126 1.59 3.90 19.60
CA GLU F 126 1.17 2.64 18.99
C GLU F 126 1.52 2.60 17.51
N TRP F 127 1.36 3.71 16.81
CA TRP F 127 1.62 3.74 15.37
C TRP F 127 3.10 3.58 15.07
N PHE F 128 3.96 4.28 15.81
CA PHE F 128 5.40 4.21 15.53
C PHE F 128 5.95 2.81 15.76
N THR F 129 5.39 2.06 16.70
CA THR F 129 5.89 0.73 17.04
C THR F 129 5.16 -0.40 16.32
N ALA F 130 4.13 -0.09 15.55
CA ALA F 130 3.32 -1.11 14.91
C ALA F 130 3.91 -1.54 13.57
N ASP F 131 3.79 -2.83 13.27
CA ASP F 131 4.16 -3.38 11.96
C ASP F 131 5.62 -3.12 11.62
N HIS F 132 6.50 -3.20 12.63
CA HIS F 132 7.93 -3.08 12.39
C HIS F 132 8.42 -4.35 11.71
N ALA F 133 8.86 -4.22 10.46
CA ALA F 133 9.29 -5.37 9.70
C ALA F 133 10.50 -6.05 10.36
N LEU F 134 10.45 -7.38 10.43
CA LEU F 134 11.56 -8.13 11.01
C LEU F 134 12.79 -8.06 10.11
N ASP F 135 12.63 -8.41 8.84
CA ASP F 135 13.71 -8.26 7.88
C ASP F 135 13.81 -6.81 7.44
N TYR F 136 15.05 -6.31 7.37
CA TYR F 136 15.33 -4.92 7.01
C TYR F 136 14.56 -3.96 7.92
N GLY F 137 14.77 -4.14 9.23
CA GLY F 137 14.12 -3.33 10.24
C GLY F 137 14.53 -1.88 10.30
N TYR F 138 15.41 -1.44 9.39
CA TYR F 138 15.84 -0.05 9.33
C TYR F 138 15.30 0.68 8.10
N GLY F 139 14.38 0.06 7.36
CA GLY F 139 13.79 0.69 6.20
C GLY F 139 12.62 1.57 6.57
N PRO F 140 11.75 1.86 5.59
CA PRO F 140 10.57 2.68 5.88
C PRO F 140 9.51 1.96 6.70
N ARG F 141 9.51 0.62 6.71
CA ARG F 141 8.59 -0.15 7.55
C ARG F 141 9.15 -0.28 8.97
N SER F 142 9.41 0.88 9.58
CA SER F 142 10.09 0.95 10.85
C SER F 142 9.70 2.26 11.53
N PRO F 143 9.95 2.38 12.85
CA PRO F 143 9.75 3.69 13.49
C PRO F 143 10.57 4.79 12.86
N LEU F 144 11.73 4.47 12.29
CA LEU F 144 12.53 5.48 11.60
C LEU F 144 11.81 5.98 10.35
N GLY F 145 11.31 5.06 9.53
CA GLY F 145 10.56 5.47 8.35
C GLY F 145 9.30 6.25 8.69
N LYS F 146 8.61 5.84 9.76
CA LYS F 146 7.45 6.58 10.22
C LYS F 146 7.82 7.91 10.83
N LEU F 147 9.07 8.06 11.30
CA LEU F 147 9.51 9.35 11.81
C LEU F 147 9.71 10.35 10.67
N VAL F 148 10.17 9.88 9.52
CA VAL F 148 10.36 10.76 8.37
C VAL F 148 9.01 11.15 7.78
N GLU F 149 8.06 10.22 7.74
CA GLU F 149 6.74 10.51 7.19
C GLU F 149 6.01 11.55 8.03
N ALA F 150 6.08 11.43 9.35
CA ALA F 150 5.37 12.32 10.25
C ALA F 150 6.09 13.64 10.48
N LYS F 151 7.14 13.94 9.70
CA LYS F 151 7.92 15.17 9.85
C LYS F 151 8.47 15.31 11.27
N GLY F 152 9.08 14.24 11.76
CA GLY F 152 9.61 14.21 13.10
C GLY F 152 10.95 14.92 13.22
N LYS F 153 11.50 14.85 14.43
CA LYS F 153 12.77 15.48 14.75
C LYS F 153 13.65 14.49 15.50
N VAL F 154 14.93 14.81 15.60
CA VAL F 154 15.91 13.97 16.28
C VAL F 154 16.71 14.85 17.23
N LEU F 155 16.72 14.48 18.50
CA LEU F 155 17.43 15.23 19.54
C LEU F 155 18.65 14.45 20.01
N LEU F 157 20.83 14.36 22.94
CA LEU F 157 20.94 14.82 24.32
C LEU F 157 22.33 14.47 24.84
N GLY F 158 23.32 15.25 24.42
CA GLY F 158 24.67 15.05 24.87
C GLY F 158 25.36 13.81 24.35
N ALA F 159 24.73 13.08 23.43
CA ALA F 159 25.32 11.87 22.87
C ALA F 159 26.15 12.20 21.65
N PRO F 160 27.19 11.40 21.37
CA PRO F 160 28.00 11.64 20.17
C PRO F 160 27.17 11.51 18.91
N LEU F 161 27.52 12.31 17.91
CA LEU F 161 26.72 12.40 16.69
C LEU F 161 26.80 11.13 15.85
N ASP F 162 27.84 10.31 16.00
CA ASP F 162 27.93 9.08 15.22
C ASP F 162 26.97 8.00 15.72
N THR F 163 26.16 8.28 16.73
CA THR F 163 25.18 7.34 17.25
C THR F 163 23.77 7.65 16.76
N THR F 165 20.94 6.80 15.05
CA THR F 165 20.41 5.60 14.43
C THR F 165 19.56 5.91 13.20
N LEU F 166 19.01 7.13 13.11
CA LEU F 166 18.20 7.48 11.95
C LEU F 166 19.00 7.43 10.66
N LEU F 167 20.31 7.69 10.73
CA LEU F 167 21.13 7.66 9.53
C LEU F 167 21.28 6.25 8.96
N HIS F 168 21.00 5.22 9.77
CA HIS F 168 20.94 3.87 9.22
C HIS F 168 19.72 3.70 8.32
N HIS F 169 18.64 4.43 8.61
CA HIS F 169 17.51 4.48 7.67
C HIS F 169 17.89 5.19 6.38
N ALA F 170 18.86 6.10 6.44
CA ALA F 170 19.37 6.71 5.22
C ALA F 170 20.24 5.75 4.42
N GLU F 171 20.92 4.82 5.10
CA GLU F 171 21.66 3.78 4.41
C GLU F 171 20.73 2.87 3.62
N HIS F 172 19.54 2.61 4.15
CA HIS F 172 18.60 1.73 3.48
C HIS F 172 17.98 2.39 2.25
N LEU F 173 17.80 3.71 2.29
CA LEU F 173 17.13 4.39 1.18
C LEU F 173 18.10 4.77 0.07
N ALA F 174 19.34 5.08 0.39
CA ALA F 174 20.30 5.56 -0.60
C ALA F 174 20.63 4.47 -1.61
N ASP F 175 21.04 4.91 -2.80
CA ASP F 175 21.38 4.01 -3.91
C ASP F 175 22.88 4.15 -4.16
N PHE F 176 23.67 3.39 -3.39
CA PHE F 176 25.10 3.31 -3.61
C PHE F 176 25.52 1.86 -3.75
N PRO F 177 26.49 1.56 -4.60
CA PRO F 177 26.81 0.16 -4.91
C PRO F 177 27.50 -0.54 -3.74
N ASN F 178 27.44 -1.87 -3.78
CA ASN F 178 28.14 -2.75 -2.85
C ASN F 178 27.68 -2.54 -1.41
N LYS F 179 26.36 -2.57 -1.22
CA LYS F 179 25.82 -2.66 0.13
C LYS F 179 26.05 -4.05 0.69
N ARG F 180 26.18 -4.13 2.01
CA ARG F 180 26.39 -5.40 2.69
C ARG F 180 25.07 -5.90 3.25
N ILE F 181 24.72 -7.14 2.92
CA ILE F 181 23.52 -7.79 3.42
C ILE F 181 23.91 -8.68 4.59
N LEU F 182 23.29 -8.45 5.75
CA LEU F 182 23.60 -9.17 6.97
C LEU F 182 22.49 -10.19 7.25
N ARG F 183 22.90 -11.41 7.59
CA ARG F 183 21.98 -12.49 7.91
C ARG F 183 22.34 -13.08 9.26
N TYR F 184 21.31 -13.38 10.06
CA TYR F 184 21.53 -13.90 11.41
C TYR F 184 20.25 -14.56 11.90
N GLU F 185 20.42 -15.59 12.73
CA GLU F 185 19.31 -16.29 13.34
C GLU F 185 19.15 -15.85 14.79
N ALA F 186 17.91 -15.55 15.18
CA ALA F 186 17.61 -15.08 16.53
C ALA F 186 16.21 -15.54 16.91
N PRO F 187 15.98 -15.89 18.17
CA PRO F 187 14.66 -16.38 18.58
C PRO F 187 13.69 -15.24 18.83
N ILE F 188 12.45 -15.43 18.35
CA ILE F 188 11.37 -14.48 18.59
C ILE F 188 10.20 -15.23 19.19
N LEU F 189 9.04 -14.58 19.28
CA LEU F 189 7.84 -15.16 19.86
C LEU F 189 6.78 -15.27 18.76
N VAL F 190 6.60 -16.49 18.25
CA VAL F 190 5.57 -16.78 17.26
C VAL F 190 4.47 -17.58 17.95
N ASP F 191 3.27 -17.02 17.99
CA ASP F 191 2.12 -17.63 18.66
C ASP F 191 2.41 -17.88 20.14
N GLY F 192 3.11 -16.94 20.77
CA GLY F 192 3.39 -17.03 22.20
C GLY F 192 4.43 -18.04 22.60
N GLU F 193 5.20 -18.58 21.66
CA GLU F 193 6.23 -19.56 21.97
C GLU F 193 7.51 -19.22 21.24
N LYS F 194 8.62 -19.78 21.73
CA LYS F 194 9.93 -19.50 21.16
C LYS F 194 10.11 -20.23 19.83
N VAL F 195 10.50 -19.48 18.80
CA VAL F 195 10.81 -20.05 17.49
C VAL F 195 11.98 -19.27 16.91
N TRP F 196 13.04 -19.98 16.51
CA TRP F 196 14.18 -19.33 15.89
C TRP F 196 13.83 -18.89 14.48
N ARG F 197 14.34 -17.72 14.10
CA ARG F 197 14.02 -17.13 12.80
C ARG F 197 15.29 -16.57 12.16
N TRP F 198 15.43 -16.80 10.86
CA TRP F 198 16.55 -16.25 10.10
C TRP F 198 16.20 -14.82 9.67
N PHE F 199 17.06 -13.87 10.02
CA PHE F 199 16.87 -12.48 9.69
C PHE F 199 17.76 -12.06 8.53
N GLU F 200 17.34 -10.99 7.85
CA GLU F 200 18.15 -10.40 6.79
C GLU F 200 17.92 -8.90 6.79
N GLU F 201 19.02 -8.14 6.75
CA GLU F 201 18.94 -6.69 6.79
C GLU F 201 20.27 -6.12 6.32
N PHE F 202 20.25 -4.85 5.95
CA PHE F 202 21.48 -4.15 5.59
C PHE F 202 22.37 -4.01 6.82
N ASP F 203 23.68 -4.16 6.61
CA ASP F 203 24.62 -4.18 7.71
C ASP F 203 24.66 -2.83 8.41
N THR F 204 24.26 -2.79 9.67
CA THR F 204 24.35 -1.59 10.49
C THR F 204 25.46 -1.65 11.52
N SER F 205 26.09 -2.81 11.71
CA SER F 205 27.21 -2.91 12.65
C SER F 205 28.48 -2.31 12.08
N ASP F 206 28.63 -2.31 10.77
CA ASP F 206 29.80 -1.76 10.10
C ASP F 206 29.39 -0.73 9.07
N PRO F 207 30.19 0.31 8.86
CA PRO F 207 29.89 1.30 7.82
C PRO F 207 30.08 0.69 6.44
N PRO F 208 29.56 1.34 5.40
CA PRO F 208 29.80 0.85 4.04
C PRO F 208 31.29 0.77 3.75
N ASP F 209 31.65 -0.21 2.92
CA ASP F 209 33.06 -0.47 2.60
C ASP F 209 33.71 0.75 1.98
N GLY F 210 34.60 1.40 2.73
CA GLY F 210 35.30 2.58 2.25
C GLY F 210 35.18 3.77 3.17
N LEU F 211 34.21 3.74 4.08
CA LEU F 211 33.94 4.84 5.00
C LEU F 211 34.40 4.49 6.40
N ALA F 212 34.67 5.53 7.19
CA ALA F 212 35.07 5.34 8.57
C ALA F 212 33.89 4.87 9.41
N ASP F 213 34.20 4.37 10.61
CA ASP F 213 33.16 3.91 11.50
C ASP F 213 32.29 5.06 12.00
N ASP F 214 32.90 6.23 12.23
CA ASP F 214 32.21 7.39 12.78
C ASP F 214 31.77 8.37 11.70
N TYR F 215 31.54 7.88 10.47
CA TYR F 215 31.17 8.79 9.39
C TYR F 215 29.78 9.38 9.58
N PHE F 216 28.97 8.83 10.49
CA PHE F 216 27.71 9.46 10.84
C PHE F 216 27.94 10.84 11.46
N ALA F 217 28.86 10.92 12.41
CA ALA F 217 29.17 12.20 13.05
C ALA F 217 29.61 13.24 12.03
N GLY F 218 30.27 12.81 10.96
CA GLY F 218 30.60 13.71 9.88
C GLY F 218 29.37 14.26 9.20
N ILE F 219 28.48 13.36 8.75
CA ILE F 219 27.29 13.77 8.01
C ILE F 219 26.46 14.75 8.85
N VAL F 220 26.34 14.50 10.15
CA VAL F 220 25.58 15.41 11.00
C VAL F 220 26.25 16.77 11.07
N GLU F 221 27.58 16.81 11.03
CA GLU F 221 28.29 18.09 11.08
C GLU F 221 28.24 18.82 9.76
N GLU F 222 28.15 18.10 8.63
CA GLU F 222 27.92 18.77 7.36
C GLU F 222 26.51 19.33 7.27
N PHE F 223 25.55 18.61 7.85
CA PHE F 223 24.15 19.05 7.80
C PHE F 223 23.96 20.34 8.59
N LEU F 224 24.67 20.49 9.71
CA LEU F 224 24.57 21.72 10.49
C LEU F 224 25.22 22.89 9.76
N ALA F 225 26.24 22.61 8.93
CA ALA F 225 26.87 23.66 8.15
C ALA F 225 25.92 24.29 7.15
N THR F 226 24.86 23.58 6.76
CA THR F 226 23.84 24.15 5.89
C THR F 226 22.91 25.10 6.62
N GLY F 227 23.04 25.24 7.94
CA GLY F 227 22.18 26.09 8.71
C GLY F 227 20.78 25.56 8.93
N ARG F 228 20.54 24.27 8.67
CA ARG F 228 19.20 23.71 8.78
C ARG F 228 18.93 23.07 10.13
N GLY F 229 19.96 22.80 10.93
CA GLY F 229 19.78 22.27 12.26
C GLY F 229 19.70 23.35 13.31
N LYS F 230 19.70 22.92 14.56
CA LYS F 230 19.70 23.84 15.69
C LYS F 230 20.48 23.21 16.83
N ARG F 231 21.37 23.99 17.45
CA ARG F 231 22.24 23.51 18.51
C ARG F 231 21.94 24.29 19.78
N GLY F 232 21.60 23.58 20.84
CA GLY F 232 21.30 24.19 22.12
C GLY F 232 21.97 23.49 23.28
N LYS F 233 21.65 23.89 24.50
CA LYS F 233 22.23 23.31 25.71
C LYS F 233 21.11 22.90 26.65
N ILE F 234 20.86 21.61 26.75
CA ILE F 234 19.84 21.08 27.65
C ILE F 234 20.48 20.85 29.01
N GLY F 235 20.18 21.73 29.97
CA GLY F 235 20.82 21.69 31.26
C GLY F 235 22.31 21.99 31.16
N GLU F 236 23.13 20.94 31.18
CA GLU F 236 24.57 21.08 30.99
C GLU F 236 25.08 20.17 29.88
N ALA F 237 24.19 19.69 29.01
CA ALA F 237 24.54 18.77 27.94
C ALA F 237 24.41 19.50 26.61
N SER F 238 25.53 19.61 25.88
CA SER F 238 25.53 20.20 24.56
C SER F 238 24.71 19.34 23.60
N SER F 239 23.56 19.85 23.16
CA SER F 239 22.61 19.07 22.39
C SER F 239 22.47 19.60 20.97
N VAL F 240 21.95 18.74 20.10
CA VAL F 240 21.72 19.06 18.69
C VAL F 240 20.35 18.54 18.31
N LEU F 241 19.51 19.40 17.75
CA LEU F 241 18.17 19.02 17.29
C LEU F 241 18.09 19.24 15.80
N VAL F 242 17.88 18.15 15.05
CA VAL F 242 17.78 18.22 13.59
C VAL F 242 16.43 17.69 13.16
N PRO F 243 15.87 18.17 12.05
CA PRO F 243 14.62 17.58 11.54
C PRO F 243 14.90 16.22 10.90
N ALA F 244 14.00 15.26 11.19
CA ALA F 244 14.22 13.90 10.73
C ALA F 244 14.08 13.78 9.23
N ASP F 245 13.10 14.47 8.64
CA ASP F 245 12.86 14.33 7.20
C ASP F 245 14.01 14.90 6.38
N GLU F 246 14.58 16.02 6.82
CA GLU F 246 15.60 16.69 6.02
C GLU F 246 16.93 15.94 6.08
N ILE F 247 17.36 15.56 7.28
CA ILE F 247 18.68 14.96 7.44
C ILE F 247 18.75 13.57 6.80
N VAL F 248 17.61 12.88 6.64
CA VAL F 248 17.60 11.63 5.89
C VAL F 248 17.87 11.89 4.42
N ALA F 249 17.14 12.86 3.84
CA ALA F 249 17.38 13.21 2.44
C ALA F 249 18.77 13.78 2.23
N PHE F 250 19.30 14.50 3.23
CA PHE F 250 20.67 15.00 3.14
C PHE F 250 21.67 13.86 3.13
N ALA F 251 21.51 12.91 4.04
CA ALA F 251 22.41 11.75 4.07
C ALA F 251 22.18 10.82 2.88
N VAL F 252 20.99 10.83 2.29
CA VAL F 252 20.75 10.02 1.09
C VAL F 252 21.53 10.61 -0.09
N ASP F 253 21.40 11.92 -0.31
CA ASP F 253 22.18 12.56 -1.37
C ASP F 253 23.67 12.50 -1.08
N TRP F 254 24.04 12.44 0.21
CA TRP F 254 25.44 12.29 0.57
C TRP F 254 25.99 10.94 0.13
N LEU F 255 25.21 9.88 0.33
CA LEU F 255 25.67 8.53 -0.02
C LEU F 255 25.56 8.27 -1.51
N GLU F 256 24.49 8.75 -2.15
CA GLU F 256 24.33 8.53 -3.58
C GLU F 256 25.43 9.22 -4.37
N ARG F 257 25.80 10.44 -3.97
CA ARG F 257 26.94 11.10 -4.59
C ARG F 257 28.25 10.38 -4.26
N TRP F 258 28.35 9.85 -3.03
CA TRP F 258 29.53 9.07 -2.67
C TRP F 258 29.62 7.78 -3.49
N GLY F 259 28.48 7.17 -3.80
CA GLY F 259 28.45 5.96 -4.59
C GLY F 259 28.78 6.14 -6.06
N ARG F 260 28.95 7.37 -6.52
CA ARG F 260 29.29 7.65 -7.92
C ARG F 260 30.71 8.17 -8.07
N THR F 261 31.59 7.88 -7.12
CA THR F 261 32.98 8.33 -7.18
C THR F 261 33.94 7.18 -6.86
#